data_4F2N
#
_entry.id   4F2N
#
_cell.length_a   47.030
_cell.length_b   102.740
_cell.length_c   168.240
_cell.angle_alpha   91.66
_cell.angle_beta   96.36
_cell.angle_gamma   95.01
#
_symmetry.space_group_name_H-M   'P 1'
#
loop_
_entity.id
_entity.type
_entity.pdbx_description
1 polymer 'Superoxide dismutase'
2 non-polymer 'FE (II) ION'
3 water water
#
_entity_poly.entity_id   1
_entity_poly.type   'polypeptide(L)'
_entity_poly.pdbx_seq_one_letter_code
;MFGRAPMKAATATAAVGFSCLCYHTLPHLRYPAELPTLGFNYKDGIQPVMSPRQLELHYSKHHSAYVDKLNTLGKGYEGK
TIEEIILATTGINESKVMFNQAAQHFNHSFFWKCLSPGGKPMPKTLENAIAKQFGSVDDFMVSFQQAGVNNFGSGWTWLC
VDPQTKELLIDSTSNAGCPLTSGLRPIFTADVWEHAYYKDFENRRADYLKELWQIVDWEFVCHMYERATK
;
_entity_poly.pdbx_strand_id   A,B,C,D,E,F,G,H,I,J,K,L
#
loop_
_chem_comp.id
_chem_comp.type
_chem_comp.name
_chem_comp.formula
FE2 non-polymer 'FE (II) ION' 'Fe 2'
#
# COMPACT_ATOMS: atom_id res chain seq x y z
N CYS A 22 31.86 33.76 -32.28
CA CYS A 22 32.33 33.99 -30.88
C CYS A 22 31.27 33.59 -29.84
N TYR A 23 31.67 33.61 -28.57
CA TYR A 23 30.80 33.19 -27.49
C TYR A 23 29.59 34.11 -27.38
N HIS A 24 28.39 33.52 -27.41
CA HIS A 24 27.15 34.25 -27.11
C HIS A 24 26.50 33.77 -25.84
N THR A 25 26.00 34.71 -25.02
CA THR A 25 25.30 34.40 -23.78
C THR A 25 23.92 33.86 -24.10
N LEU A 26 23.24 34.50 -25.05
CA LEU A 26 21.90 34.08 -25.48
C LEU A 26 21.87 33.79 -26.98
N PRO A 27 22.45 32.64 -27.40
CA PRO A 27 22.53 32.31 -28.83
C PRO A 27 21.18 32.18 -29.53
N HIS A 28 20.08 32.05 -28.78
CA HIS A 28 18.74 31.96 -29.39
C HIS A 28 18.00 33.26 -29.49
N LEU A 29 18.54 34.31 -28.90
CA LEU A 29 17.91 35.64 -28.94
C LEU A 29 18.34 36.36 -30.22
N ARG A 30 17.43 36.45 -31.20
CA ARG A 30 17.78 36.87 -32.55
C ARG A 30 16.93 38.02 -33.06
N TYR A 31 17.37 38.57 -34.18
CA TYR A 31 16.61 39.61 -34.89
C TYR A 31 15.90 38.95 -36.08
N PRO A 32 14.65 39.35 -36.40
CA PRO A 32 13.81 40.41 -35.83
C PRO A 32 13.50 40.14 -34.37
N ALA A 33 13.48 41.18 -33.57
CA ALA A 33 13.35 41.03 -32.12
C ALA A 33 11.91 40.65 -31.76
N GLU A 34 11.76 39.86 -30.71
CA GLU A 34 10.47 39.42 -30.23
C GLU A 34 10.55 39.41 -28.72
N LEU A 35 9.49 39.80 -28.03
CA LEU A 35 9.48 39.64 -26.58
C LEU A 35 9.66 38.16 -26.30
N PRO A 36 10.53 37.81 -25.33
CA PRO A 36 10.73 36.39 -25.03
C PRO A 36 9.54 35.76 -24.31
N THR A 37 9.34 34.46 -24.54
CA THR A 37 8.40 33.68 -23.74
C THR A 37 8.99 33.51 -22.34
N LEU A 38 8.21 33.85 -21.31
CA LEU A 38 8.69 33.71 -19.94
C LEU A 38 8.50 32.28 -19.45
N GLY A 39 9.37 31.84 -18.57
CA GLY A 39 9.28 30.49 -18.00
C GLY A 39 8.15 30.35 -16.99
N PHE A 40 7.29 31.35 -16.94
CA PHE A 40 6.21 31.47 -15.98
C PHE A 40 5.12 32.34 -16.60
N ASN A 41 3.94 32.34 -15.99
CA ASN A 41 2.81 33.15 -16.45
C ASN A 41 3.02 34.67 -16.17
N TYR A 42 3.12 35.48 -17.23
CA TYR A 42 3.45 36.90 -17.06
C TYR A 42 2.33 37.77 -16.47
N LYS A 43 1.20 37.13 -16.18
CA LYS A 43 0.05 37.80 -15.55
C LYS A 43 0.04 37.61 -14.03
N ASP A 44 0.82 36.65 -13.53
CA ASP A 44 0.90 36.34 -12.09
C ASP A 44 2.12 36.95 -11.36
N GLY A 45 2.85 37.84 -12.04
CA GLY A 45 4.05 38.47 -11.45
C GLY A 45 5.14 37.44 -11.17
N ILE A 46 6.01 37.73 -10.22
CA ILE A 46 7.04 36.77 -9.81
C ILE A 46 7.09 36.75 -8.29
N GLN A 47 6.12 36.03 -7.72
CA GLN A 47 5.98 35.90 -6.27
CA GLN A 47 5.97 35.86 -6.27
C GLN A 47 7.21 35.21 -5.68
N PRO A 48 7.63 35.62 -4.46
CA PRO A 48 6.96 36.60 -3.58
C PRO A 48 7.46 38.04 -3.71
N VAL A 49 8.24 38.32 -4.76
CA VAL A 49 8.94 39.61 -4.89
C VAL A 49 8.29 40.64 -5.86
N MET A 50 7.90 40.21 -7.05
CA MET A 50 7.32 41.15 -8.02
C MET A 50 5.82 40.93 -8.17
N SER A 51 5.04 42.01 -8.06
CA SER A 51 3.58 41.93 -8.19
C SER A 51 3.19 41.76 -9.67
N PRO A 52 1.96 41.33 -9.94
CA PRO A 52 1.53 41.24 -11.34
C PRO A 52 1.67 42.59 -12.07
N ARG A 53 1.33 43.69 -11.42
CA ARG A 53 1.39 44.96 -12.14
C ARG A 53 2.83 45.42 -12.42
N GLN A 54 3.73 45.14 -11.49
CA GLN A 54 5.14 45.44 -11.65
C GLN A 54 5.70 44.69 -12.87
N LEU A 55 5.38 43.39 -12.98
CA LEU A 55 5.83 42.60 -14.12
C LEU A 55 5.12 43.04 -15.40
N GLU A 56 3.81 43.27 -15.35
CA GLU A 56 3.13 43.75 -16.56
C GLU A 56 3.73 45.06 -17.09
N LEU A 57 4.08 46.00 -16.21
CA LEU A 57 4.66 47.26 -16.70
C LEU A 57 6.02 46.98 -17.31
N HIS A 58 6.80 46.18 -16.59
CA HIS A 58 8.21 46.03 -16.94
C HIS A 58 8.35 45.28 -18.25
N TYR A 59 7.55 44.23 -18.42
CA TYR A 59 7.60 43.38 -19.60
C TYR A 59 6.75 43.95 -20.71
N SER A 60 5.47 44.20 -20.45
CA SER A 60 4.58 44.62 -21.53
C SER A 60 4.71 46.07 -21.97
N LYS A 61 5.35 46.91 -21.15
CA LYS A 61 5.60 48.31 -21.56
C LYS A 61 7.09 48.58 -21.86
N HIS A 62 7.90 48.51 -20.82
CA HIS A 62 9.31 48.84 -20.97
C HIS A 62 9.99 47.92 -21.96
N HIS A 63 10.01 46.61 -21.69
CA HIS A 63 10.71 45.67 -22.58
C HIS A 63 10.10 45.67 -23.96
N SER A 64 8.77 45.64 -24.04
CA SER A 64 8.07 45.70 -25.32
C SER A 64 8.45 46.92 -26.20
N ALA A 65 8.67 48.09 -25.61
CA ALA A 65 9.03 49.27 -26.41
C ALA A 65 10.44 49.14 -26.98
N TYR A 66 11.37 48.53 -26.24
CA TYR A 66 12.71 48.26 -26.77
C TYR A 66 12.62 47.33 -28.00
N VAL A 67 11.84 46.27 -27.88
CA VAL A 67 11.65 45.33 -28.98
C VAL A 67 11.10 46.06 -30.22
N ASP A 68 9.98 46.76 -30.01
CA ASP A 68 9.33 47.49 -31.10
C ASP A 68 10.29 48.49 -31.74
N LYS A 69 11.00 49.26 -30.93
CA LYS A 69 11.84 50.31 -31.49
C LYS A 69 13.03 49.69 -32.24
N LEU A 70 13.59 48.60 -31.72
CA LEU A 70 14.73 47.94 -32.36
C LEU A 70 14.31 47.44 -33.76
N ASN A 71 13.09 46.94 -33.85
CA ASN A 71 12.54 46.48 -35.12
C ASN A 71 12.30 47.59 -36.15
N THR A 72 12.38 48.86 -35.74
CA THR A 72 12.34 49.95 -36.71
C THR A 72 13.74 50.30 -37.20
N LEU A 73 14.77 49.72 -36.58
CA LEU A 73 16.15 50.14 -36.81
C LEU A 73 17.07 49.05 -37.36
N GLY A 74 16.70 47.79 -37.17
CA GLY A 74 17.61 46.69 -37.41
C GLY A 74 17.66 46.05 -38.78
N LYS A 75 16.98 46.63 -39.78
CA LYS A 75 16.98 46.09 -41.16
C LYS A 75 18.41 45.70 -41.58
N GLY A 76 18.58 44.49 -42.09
CA GLY A 76 19.90 44.00 -42.49
C GLY A 76 20.50 43.02 -41.51
N TYR A 77 19.97 43.02 -40.29
CA TYR A 77 20.41 42.08 -39.25
C TYR A 77 19.54 40.85 -39.09
N GLU A 78 18.63 40.63 -40.04
CA GLU A 78 17.78 39.46 -40.00
C GLU A 78 18.60 38.18 -39.87
N GLY A 79 18.30 37.39 -38.85
CA GLY A 79 18.90 36.07 -38.70
C GLY A 79 20.06 36.08 -37.72
N LYS A 80 20.52 37.29 -37.37
CA LYS A 80 21.67 37.44 -36.50
C LYS A 80 21.23 37.48 -35.03
N THR A 81 22.19 37.24 -34.11
CA THR A 81 21.89 37.39 -32.67
C THR A 81 21.78 38.87 -32.32
N ILE A 82 20.96 39.16 -31.30
CA ILE A 82 20.94 40.49 -30.69
C ILE A 82 22.36 40.89 -30.26
N GLU A 83 23.14 39.93 -29.75
CA GLU A 83 24.48 40.24 -29.29
C GLU A 83 25.38 40.69 -30.45
N GLU A 84 25.21 40.12 -31.63
CA GLU A 84 25.94 40.64 -32.79
C GLU A 84 25.56 42.07 -33.13
N ILE A 85 24.29 42.44 -32.95
CA ILE A 85 23.88 43.83 -33.17
C ILE A 85 24.59 44.75 -32.13
N ILE A 86 24.64 44.29 -30.89
CA ILE A 86 25.25 45.03 -29.82
C ILE A 86 26.73 45.27 -30.10
N LEU A 87 27.42 44.22 -30.52
CA LEU A 87 28.83 44.35 -30.87
C LEU A 87 29.07 45.25 -32.09
N ALA A 88 28.16 45.20 -33.05
CA ALA A 88 28.30 45.99 -34.28
C ALA A 88 28.04 47.49 -34.05
N THR A 89 27.36 47.84 -32.96
CA THR A 89 26.96 49.23 -32.76
C THR A 89 27.60 49.89 -31.55
N THR A 90 28.26 49.09 -30.71
CA THR A 90 28.92 49.64 -29.55
C THR A 90 30.02 50.65 -29.93
N GLY A 91 30.06 51.74 -29.17
CA GLY A 91 31.08 52.78 -29.33
C GLY A 91 30.96 53.63 -30.60
N ILE A 92 29.89 53.42 -31.37
CA ILE A 92 29.67 54.15 -32.63
C ILE A 92 28.58 55.20 -32.44
N ASN A 93 28.98 56.48 -32.48
CA ASN A 93 28.09 57.60 -32.14
C ASN A 93 26.81 57.65 -32.96
N GLU A 94 26.97 57.42 -34.26
CA GLU A 94 25.85 57.35 -35.20
C GLU A 94 24.85 56.24 -34.90
N SER A 95 25.26 55.20 -34.17
CA SER A 95 24.37 54.08 -33.86
C SER A 95 23.95 53.95 -32.38
N LYS A 96 24.05 55.04 -31.62
CA LYS A 96 23.70 55.04 -30.19
C LYS A 96 22.27 54.57 -29.89
N VAL A 97 21.30 55.02 -30.70
CA VAL A 97 19.91 54.66 -30.45
C VAL A 97 19.70 53.16 -30.64
N MET A 98 20.25 52.59 -31.71
CA MET A 98 20.08 51.14 -31.94
C MET A 98 20.83 50.32 -30.89
N PHE A 99 22.03 50.76 -30.54
CA PHE A 99 22.76 50.11 -29.47
C PHE A 99 21.88 50.05 -28.20
N ASN A 100 21.34 51.19 -27.80
CA ASN A 100 20.49 51.23 -26.60
C ASN A 100 19.33 50.24 -26.68
N GLN A 101 18.64 50.15 -27.82
CA GLN A 101 17.47 49.23 -27.93
C GLN A 101 17.93 47.77 -27.86
N ALA A 102 18.92 47.42 -28.67
CA ALA A 102 19.43 46.05 -28.72
C ALA A 102 19.98 45.61 -27.37
N ALA A 103 20.78 46.47 -26.75
CA ALA A 103 21.37 46.18 -25.44
C ALA A 103 20.30 45.99 -24.37
N GLN A 104 19.30 46.89 -24.36
CA GLN A 104 18.21 46.77 -23.40
C GLN A 104 17.36 45.51 -23.64
N HIS A 105 17.15 45.15 -24.91
CA HIS A 105 16.44 43.93 -25.24
C HIS A 105 17.19 42.72 -24.71
N PHE A 106 18.49 42.66 -24.98
CA PHE A 106 19.33 41.57 -24.42
C PHE A 106 19.29 41.55 -22.88
N ASN A 107 19.50 42.70 -22.27
CA ASN A 107 19.60 42.81 -20.80
C ASN A 107 18.29 42.32 -20.15
N HIS A 108 17.16 42.75 -20.69
CA HIS A 108 15.88 42.32 -20.11
C HIS A 108 15.60 40.86 -20.36
N SER A 109 15.84 40.38 -21.58
CA SER A 109 15.68 38.95 -21.88
C SER A 109 16.54 38.08 -20.97
N PHE A 110 17.79 38.48 -20.75
CA PHE A 110 18.66 37.78 -19.79
C PHE A 110 18.11 37.85 -18.35
N PHE A 111 17.69 39.05 -17.91
CA PHE A 111 17.02 39.22 -16.60
C PHE A 111 15.88 38.21 -16.38
N TRP A 112 15.01 38.05 -17.37
CA TRP A 112 13.83 37.17 -17.17
C TRP A 112 14.23 35.73 -17.00
N LYS A 113 15.28 35.31 -17.70
CA LYS A 113 15.81 33.95 -17.52
C LYS A 113 16.44 33.69 -16.16
N CYS A 114 16.86 34.77 -15.51
CA CYS A 114 17.48 34.72 -14.19
C CYS A 114 16.45 34.58 -13.08
N LEU A 115 15.17 34.69 -13.41
CA LEU A 115 14.10 34.75 -12.40
C LEU A 115 13.06 33.66 -12.56
N SER A 116 12.46 33.28 -11.44
CA SER A 116 11.39 32.26 -11.42
C SER A 116 10.58 32.41 -10.12
N PRO A 117 9.24 32.22 -10.19
CA PRO A 117 8.50 32.33 -8.93
C PRO A 117 9.00 31.36 -7.85
N GLY A 118 9.30 31.86 -6.65
CA GLY A 118 9.81 31.03 -5.56
C GLY A 118 11.29 30.70 -5.74
N GLY A 119 11.87 31.13 -6.85
CA GLY A 119 13.28 30.85 -7.19
C GLY A 119 13.56 29.38 -7.48
N LYS A 120 14.84 29.04 -7.71
CA LYS A 120 15.30 27.64 -7.82
C LYS A 120 16.60 27.56 -7.02
N PRO A 121 16.78 26.48 -6.21
CA PRO A 121 17.91 26.44 -5.29
C PRO A 121 19.26 26.43 -5.98
N MET A 122 20.27 27.02 -5.33
CA MET A 122 21.63 27.10 -5.88
C MET A 122 22.29 25.73 -5.92
N PRO A 123 22.73 25.26 -7.11
CA PRO A 123 23.44 23.98 -7.17
C PRO A 123 24.85 24.10 -6.57
N LYS A 124 25.36 22.97 -6.08
CA LYS A 124 26.61 22.93 -5.33
C LYS A 124 27.78 23.51 -6.08
N THR A 125 27.86 23.20 -7.37
CA THR A 125 28.94 23.68 -8.22
C THR A 125 29.02 25.22 -8.16
N LEU A 126 27.85 25.87 -8.28
CA LEU A 126 27.82 27.35 -8.31
C LEU A 126 28.10 27.87 -6.90
N GLU A 127 27.52 27.21 -5.89
CA GLU A 127 27.75 27.57 -4.50
C GLU A 127 29.25 27.61 -4.20
N ASN A 128 29.93 26.52 -4.59
CA ASN A 128 31.37 26.39 -4.38
C ASN A 128 32.18 27.44 -5.10
N ALA A 129 31.83 27.71 -6.36
CA ALA A 129 32.51 28.73 -7.11
C ALA A 129 32.35 30.13 -6.50
N ILE A 130 31.12 30.49 -6.11
CA ILE A 130 30.85 31.79 -5.49
C ILE A 130 31.66 31.93 -4.18
N ALA A 131 31.64 30.88 -3.36
CA ALA A 131 32.29 30.92 -2.05
C ALA A 131 33.81 30.99 -2.23
N LYS A 132 34.32 30.32 -3.26
CA LYS A 132 35.76 30.40 -3.54
C LYS A 132 36.15 31.82 -3.94
N GLN A 133 35.37 32.46 -4.82
CA GLN A 133 35.73 33.79 -5.31
C GLN A 133 35.59 34.87 -4.23
N PHE A 134 34.46 34.85 -3.54
CA PHE A 134 34.04 35.94 -2.69
C PHE A 134 34.29 35.73 -1.20
N GLY A 135 34.57 34.49 -0.79
CA GLY A 135 34.79 34.21 0.62
C GLY A 135 33.71 33.32 1.17
N SER A 136 32.47 33.62 0.77
CA SER A 136 31.28 32.83 1.09
C SER A 136 30.17 33.36 0.22
N VAL A 137 29.06 32.60 0.15
CA VAL A 137 27.90 33.03 -0.61
C VAL A 137 27.27 34.30 0.02
N ASP A 138 27.22 34.36 1.36
CA ASP A 138 26.65 35.53 2.01
C ASP A 138 27.50 36.76 1.74
N ASP A 139 28.83 36.61 1.71
CA ASP A 139 29.72 37.73 1.35
C ASP A 139 29.43 38.19 -0.10
N PHE A 140 29.25 37.24 -1.01
CA PHE A 140 28.90 37.59 -2.39
C PHE A 140 27.58 38.38 -2.40
N MET A 141 26.58 37.89 -1.70
CA MET A 141 25.27 38.53 -1.77
C MET A 141 25.30 39.98 -1.26
N VAL A 142 25.95 40.22 -0.12
CA VAL A 142 26.08 41.58 0.43
C VAL A 142 26.85 42.50 -0.54
N SER A 143 27.95 42.00 -1.09
CA SER A 143 28.73 42.78 -2.05
C SER A 143 27.95 43.14 -3.31
N PHE A 144 27.16 42.17 -3.77
CA PHE A 144 26.30 42.39 -4.93
C PHE A 144 25.21 43.42 -4.60
N GLN A 145 24.55 43.24 -3.45
CA GLN A 145 23.53 44.25 -3.03
C GLN A 145 24.11 45.67 -2.95
N GLN A 146 25.29 45.80 -2.33
CA GLN A 146 25.94 47.11 -2.20
C GLN A 146 26.26 47.73 -3.55
N ALA A 147 26.74 46.91 -4.48
CA ALA A 147 27.07 47.43 -5.83
C ALA A 147 25.82 47.92 -6.55
N GLY A 148 24.73 47.18 -6.43
CA GLY A 148 23.43 47.60 -6.98
C GLY A 148 22.93 48.90 -6.35
N VAL A 149 23.00 48.99 -5.03
CA VAL A 149 22.58 50.21 -4.33
C VAL A 149 23.38 51.43 -4.79
N ASN A 150 24.68 51.24 -4.98
CA ASN A 150 25.65 52.30 -5.32
C ASN A 150 25.80 52.60 -6.83
N ASN A 151 25.10 51.83 -7.64
CA ASN A 151 25.06 52.05 -9.09
C ASN A 151 24.21 53.30 -9.41
N PHE A 152 24.86 54.45 -9.51
CA PHE A 152 24.13 55.73 -9.58
C PHE A 152 23.28 55.86 -10.83
N GLY A 153 22.01 56.22 -10.67
CA GLY A 153 21.14 56.37 -11.84
C GLY A 153 20.58 55.05 -12.30
N SER A 154 20.26 54.95 -13.59
CA SER A 154 19.76 53.72 -14.19
C SER A 154 20.90 52.80 -14.56
N GLY A 155 20.69 51.49 -14.40
CA GLY A 155 21.68 50.56 -14.91
C GLY A 155 21.42 49.14 -14.45
N TRP A 156 22.50 48.34 -14.42
CA TRP A 156 22.44 46.90 -14.19
C TRP A 156 23.62 46.51 -13.36
N THR A 157 23.44 45.53 -12.50
CA THR A 157 24.51 44.99 -11.68
C THR A 157 24.60 43.50 -11.97
N TRP A 158 25.81 43.03 -12.25
CA TRP A 158 26.01 41.74 -12.89
C TRP A 158 26.97 40.89 -12.09
N LEU A 159 26.74 39.59 -12.15
CA LEU A 159 27.78 38.61 -11.80
C LEU A 159 28.29 38.05 -13.11
N CYS A 160 29.59 38.16 -13.35
CA CYS A 160 30.19 37.73 -14.62
C CYS A 160 31.36 36.78 -14.42
N VAL A 161 31.63 36.02 -15.47
CA VAL A 161 32.87 35.26 -15.58
C VAL A 161 33.82 36.04 -16.45
N ASP A 162 35.09 36.19 -16.01
CA ASP A 162 36.15 36.73 -16.85
C ASP A 162 36.79 35.54 -17.57
N PRO A 163 36.57 35.43 -18.89
CA PRO A 163 37.05 34.21 -19.57
C PRO A 163 38.58 34.08 -19.64
N GLN A 164 39.30 35.18 -19.41
CA GLN A 164 40.75 35.12 -19.38
C GLN A 164 41.28 34.45 -18.11
N THR A 165 40.46 34.40 -17.04
CA THR A 165 40.94 33.83 -15.76
C THR A 165 40.06 32.74 -15.16
N LYS A 166 38.84 32.61 -15.71
CA LYS A 166 37.77 31.81 -15.15
C LYS A 166 37.27 32.34 -13.78
N GLU A 167 37.67 33.55 -13.38
CA GLU A 167 37.19 34.09 -12.10
C GLU A 167 35.79 34.67 -12.26
N LEU A 168 35.11 34.81 -11.11
CA LEU A 168 33.85 35.52 -11.03
C LEU A 168 34.13 36.93 -10.59
N LEU A 169 33.28 37.84 -11.01
CA LEU A 169 33.35 39.22 -10.56
C LEU A 169 31.99 39.91 -10.60
N ILE A 170 31.83 40.92 -9.75
CA ILE A 170 30.67 41.79 -9.76
C ILE A 170 31.00 43.01 -10.61
N ASP A 171 30.14 43.32 -11.57
CA ASP A 171 30.38 44.44 -12.48
C ASP A 171 29.09 45.25 -12.57
N SER A 172 29.16 46.58 -12.50
CA SER A 172 27.96 47.41 -12.69
C SER A 172 28.06 48.19 -14.00
N THR A 173 26.93 48.34 -14.68
CA THR A 173 26.89 49.12 -15.91
C THR A 173 25.82 50.19 -15.80
N SER A 174 25.99 51.23 -16.61
CA SER A 174 25.07 52.36 -16.58
C SER A 174 24.19 52.29 -17.82
N ASN A 175 22.91 52.59 -17.64
CA ASN A 175 21.96 52.72 -18.73
C ASN A 175 21.76 51.41 -19.45
N ALA A 176 22.17 51.31 -20.72
CA ALA A 176 21.97 50.05 -21.44
C ALA A 176 23.27 49.23 -21.44
N GLY A 177 24.29 49.71 -20.74
CA GLY A 177 25.62 49.06 -20.78
C GLY A 177 25.58 47.56 -20.51
N CYS A 178 26.40 46.82 -21.24
CA CYS A 178 26.27 45.36 -21.35
C CYS A 178 27.68 44.77 -21.22
N PRO A 179 27.90 43.80 -20.30
CA PRO A 179 29.24 43.26 -20.05
C PRO A 179 29.93 42.69 -21.29
N LEU A 180 29.17 42.24 -22.28
CA LEU A 180 29.82 41.62 -23.44
C LEU A 180 30.73 42.57 -24.22
N THR A 181 30.46 43.88 -24.13
CA THR A 181 31.31 44.85 -24.83
C THR A 181 32.70 44.99 -24.22
N SER A 182 32.88 44.45 -23.02
CA SER A 182 34.20 44.43 -22.40
CA SER A 182 34.17 44.43 -22.34
C SER A 182 34.73 43.00 -22.29
N GLY A 183 34.14 42.09 -23.05
CA GLY A 183 34.57 40.68 -23.10
C GLY A 183 34.23 39.84 -21.88
N LEU A 184 33.31 40.33 -21.05
CA LEU A 184 32.83 39.56 -19.90
C LEU A 184 31.60 38.72 -20.24
N ARG A 185 31.44 37.60 -19.54
CA ARG A 185 30.32 36.68 -19.76
C ARG A 185 29.40 36.70 -18.55
N PRO A 186 28.25 37.35 -18.69
CA PRO A 186 27.33 37.39 -17.55
C PRO A 186 26.70 36.05 -17.21
N ILE A 187 26.42 35.82 -15.92
CA ILE A 187 25.69 34.64 -15.49
C ILE A 187 24.46 35.02 -14.63
N PHE A 188 24.42 36.27 -14.15
CA PHE A 188 23.29 36.79 -13.39
C PHE A 188 23.24 38.30 -13.50
N THR A 189 22.07 38.92 -13.48
CA THR A 189 22.02 40.40 -13.50
C THR A 189 20.86 40.82 -12.64
N ALA A 190 20.91 42.03 -12.08
CA ALA A 190 19.72 42.65 -11.47
C ALA A 190 19.53 43.99 -12.15
N ASP A 191 18.35 44.21 -12.71
CA ASP A 191 17.96 45.53 -13.26
C ASP A 191 17.85 46.53 -12.09
N VAL A 192 18.57 47.65 -12.13
CA VAL A 192 18.39 48.69 -11.10
C VAL A 192 17.92 50.03 -11.70
N TRP A 193 17.48 50.01 -12.96
CA TRP A 193 16.56 51.09 -13.38
C TRP A 193 15.44 51.13 -12.37
N GLU A 194 15.06 52.34 -11.97
CA GLU A 194 13.97 52.55 -10.98
C GLU A 194 12.69 51.87 -11.37
N HIS A 195 12.35 51.83 -12.66
CA HIS A 195 11.13 51.10 -13.10
C HIS A 195 11.13 49.63 -12.75
N ALA A 196 12.29 49.01 -12.50
CA ALA A 196 12.36 47.58 -12.16
C ALA A 196 11.72 47.27 -10.80
N TYR A 197 11.79 48.25 -9.90
CA TYR A 197 11.31 48.04 -8.54
C TYR A 197 10.32 49.08 -7.98
N TYR A 198 10.10 50.19 -8.69
CA TYR A 198 9.34 51.30 -8.06
C TYR A 198 7.90 50.98 -7.73
N LYS A 199 7.26 50.12 -8.53
CA LYS A 199 5.86 49.75 -8.26
C LYS A 199 5.73 49.03 -6.89
N ASP A 200 6.65 48.12 -6.59
CA ASP A 200 6.52 47.28 -5.39
C ASP A 200 7.32 47.79 -4.21
N PHE A 201 8.38 48.57 -4.49
CA PHE A 201 9.34 49.05 -3.48
C PHE A 201 9.47 50.55 -3.39
N GLU A 202 8.88 51.27 -4.36
CA GLU A 202 9.02 52.73 -4.41
C GLU A 202 10.49 53.06 -4.35
N ASN A 203 10.91 53.95 -3.47
CA ASN A 203 12.33 54.32 -3.42
C ASN A 203 13.28 53.26 -2.84
N ARG A 204 12.74 52.17 -2.29
CA ARG A 204 13.57 51.23 -1.51
C ARG A 204 14.32 50.21 -2.37
N ARG A 205 15.31 50.71 -3.15
CA ARG A 205 16.16 49.87 -4.00
C ARG A 205 16.94 48.84 -3.16
N ALA A 206 17.47 49.28 -2.01
CA ALA A 206 18.16 48.34 -1.10
C ALA A 206 17.28 47.13 -0.72
N ASP A 207 16.01 47.38 -0.38
CA ASP A 207 15.09 46.29 -0.02
C ASP A 207 14.81 45.34 -1.20
N TYR A 208 14.62 45.95 -2.38
CA TYR A 208 14.45 45.21 -3.61
C TYR A 208 15.60 44.21 -3.82
N LEU A 209 16.83 44.70 -3.72
CA LEU A 209 17.98 43.86 -3.96
C LEU A 209 18.15 42.75 -2.91
N LYS A 210 17.86 43.08 -1.66
CA LYS A 210 17.84 42.09 -0.56
C LYS A 210 16.77 40.98 -0.84
N GLU A 211 15.58 41.40 -1.23
CA GLU A 211 14.47 40.47 -1.50
C GLU A 211 14.58 39.71 -2.84
N LEU A 212 15.28 40.30 -3.80
CA LEU A 212 15.41 39.68 -5.12
C LEU A 212 15.97 38.26 -5.06
N TRP A 213 16.86 37.96 -4.11
CA TRP A 213 17.41 36.59 -4.01
C TRP A 213 16.37 35.50 -3.99
N GLN A 214 15.19 35.79 -3.44
CA GLN A 214 14.13 34.80 -3.32
C GLN A 214 13.50 34.35 -4.63
N ILE A 215 13.68 35.11 -5.71
CA ILE A 215 13.11 34.67 -7.01
C ILE A 215 14.22 34.38 -8.01
N VAL A 216 15.45 34.27 -7.55
CA VAL A 216 16.55 33.96 -8.45
C VAL A 216 16.57 32.48 -8.89
N ASP A 217 16.60 32.26 -10.20
CA ASP A 217 16.70 30.91 -10.74
C ASP A 217 18.16 30.48 -10.80
N TRP A 218 18.63 29.88 -9.72
CA TRP A 218 20.06 29.60 -9.66
C TRP A 218 20.45 28.46 -10.57
N GLU A 219 19.46 27.70 -11.05
CA GLU A 219 19.71 26.64 -12.04
C GLU A 219 20.11 27.22 -13.38
N PHE A 220 19.43 28.29 -13.81
CA PHE A 220 19.88 29.02 -14.99
C PHE A 220 21.25 29.65 -14.71
N VAL A 221 21.40 30.29 -13.56
CA VAL A 221 22.69 30.96 -13.27
C VAL A 221 23.80 29.91 -13.33
N CYS A 222 23.54 28.74 -12.77
CA CYS A 222 24.58 27.69 -12.77
C CYS A 222 24.89 27.16 -14.18
N HIS A 223 23.83 26.96 -14.96
CA HIS A 223 23.98 26.62 -16.38
C HIS A 223 24.86 27.61 -17.11
N MET A 224 24.64 28.90 -16.86
CA MET A 224 25.46 29.94 -17.50
C MET A 224 26.90 29.88 -17.03
N TYR A 225 27.08 29.65 -15.74
CA TYR A 225 28.42 29.49 -15.20
C TYR A 225 29.17 28.36 -15.89
N GLU A 226 28.54 27.19 -15.95
CA GLU A 226 29.15 26.01 -16.57
C GLU A 226 29.53 26.30 -18.02
N ARG A 227 28.63 26.97 -18.72
CA ARG A 227 28.84 27.29 -20.12
C ARG A 227 29.96 28.33 -20.33
N ALA A 228 29.93 29.40 -19.54
CA ALA A 228 30.90 30.49 -19.66
C ALA A 228 32.34 30.09 -19.33
N THR A 229 32.52 29.05 -18.54
CA THR A 229 33.85 28.67 -18.08
C THR A 229 34.38 27.49 -18.87
N LYS A 230 33.63 27.06 -19.89
CA LYS A 230 34.08 25.93 -20.72
C LYS A 230 35.26 26.32 -21.61
N LEU B 21 32.32 85.93 -5.53
CA LEU B 21 31.70 87.14 -6.15
C LEU B 21 31.38 86.94 -7.64
N CYS B 22 30.50 85.99 -7.91
CA CYS B 22 29.98 85.75 -9.25
C CYS B 22 28.51 85.35 -9.14
N TYR B 23 27.85 85.29 -10.29
CA TYR B 23 26.44 84.95 -10.37
C TYR B 23 26.25 83.51 -9.88
N HIS B 24 25.22 83.26 -9.05
CA HIS B 24 24.83 81.89 -8.73
C HIS B 24 23.38 81.74 -9.08
N THR B 25 23.01 80.54 -9.51
CA THR B 25 21.61 80.28 -9.86
C THR B 25 20.72 80.30 -8.61
N LEU B 26 21.18 79.64 -7.53
CA LEU B 26 20.48 79.68 -6.22
C LEU B 26 21.45 80.14 -5.12
N PRO B 27 21.68 81.47 -5.02
CA PRO B 27 22.68 81.90 -4.04
C PRO B 27 22.33 81.60 -2.58
N HIS B 28 21.05 81.44 -2.27
CA HIS B 28 20.63 81.07 -0.90
C HIS B 28 20.86 79.60 -0.59
N LEU B 29 21.11 78.77 -1.62
CA LEU B 29 21.35 77.33 -1.38
C LEU B 29 22.79 77.03 -0.96
N ARG B 30 22.97 76.73 0.33
CA ARG B 30 24.32 76.71 0.91
C ARG B 30 24.64 75.43 1.66
N TYR B 31 25.92 75.26 1.98
CA TYR B 31 26.41 74.15 2.81
C TYR B 31 26.66 74.65 4.26
N PRO B 32 26.36 73.85 5.32
CA PRO B 32 25.82 72.48 5.31
C PRO B 32 24.45 72.44 4.63
N ALA B 33 24.21 71.38 3.87
CA ALA B 33 22.99 71.23 3.10
C ALA B 33 21.76 71.10 4.01
N GLU B 34 20.62 71.64 3.56
CA GLU B 34 19.33 71.43 4.23
C GLU B 34 18.26 71.19 3.17
N LEU B 35 17.31 70.29 3.44
CA LEU B 35 16.15 70.19 2.56
C LEU B 35 15.48 71.57 2.53
N PRO B 36 15.19 72.09 1.33
CA PRO B 36 14.56 73.43 1.25
C PRO B 36 13.11 73.44 1.71
N THR B 37 12.72 74.59 2.25
CA THR B 37 11.33 74.84 2.61
C THR B 37 10.54 74.99 1.30
N LEU B 38 9.46 74.23 1.14
CA LEU B 38 8.68 74.29 -0.09
C LEU B 38 7.73 75.49 -0.09
N GLY B 39 7.48 76.06 -1.27
CA GLY B 39 6.53 77.19 -1.39
C GLY B 39 5.10 76.90 -0.93
N PHE B 40 4.85 75.67 -0.50
CA PHE B 40 3.49 75.15 -0.34
C PHE B 40 3.55 73.98 0.64
N ASN B 41 2.39 73.43 0.99
CA ASN B 41 2.30 72.35 1.95
C ASN B 41 2.57 70.97 1.33
N TYR B 42 3.71 70.35 1.72
CA TYR B 42 4.13 69.03 1.24
C TYR B 42 2.99 68.00 1.17
N LYS B 43 2.28 67.83 2.28
CA LYS B 43 1.19 66.86 2.44
C LYS B 43 0.06 66.93 1.39
N ASP B 44 0.01 68.01 0.63
CA ASP B 44 -1.02 68.17 -0.39
C ASP B 44 -0.55 67.72 -1.80
N GLY B 45 0.71 67.29 -1.92
CA GLY B 45 1.33 67.07 -3.23
C GLY B 45 1.51 68.38 -3.99
N ILE B 46 1.42 68.31 -5.32
CA ILE B 46 1.39 69.53 -6.15
C ILE B 46 0.31 69.35 -7.18
N GLN B 47 -0.92 69.62 -6.75
CA GLN B 47 -2.11 69.45 -7.59
C GLN B 47 -2.10 70.41 -8.76
N PRO B 48 -2.63 69.97 -9.92
CA PRO B 48 -3.30 68.70 -10.23
C PRO B 48 -2.41 67.57 -10.75
N VAL B 49 -1.10 67.76 -10.70
CA VAL B 49 -0.17 66.86 -11.39
C VAL B 49 0.45 65.78 -10.50
N MET B 50 1.01 66.18 -9.36
CA MET B 50 1.69 65.26 -8.42
C MET B 50 0.87 64.95 -7.18
N SER B 51 0.63 63.65 -6.91
CA SER B 51 -0.08 63.22 -5.72
C SER B 51 0.73 63.48 -4.45
N PRO B 52 0.06 63.51 -3.28
CA PRO B 52 0.78 63.62 -2.01
C PRO B 52 1.89 62.57 -1.87
N ARG B 53 1.58 61.30 -2.17
CA ARG B 53 2.59 60.25 -2.03
C ARG B 53 3.74 60.43 -3.02
N GLN B 54 3.45 60.83 -4.27
CA GLN B 54 4.55 61.08 -5.23
C GLN B 54 5.50 62.16 -4.71
N LEU B 55 4.94 63.23 -4.15
CA LEU B 55 5.80 64.32 -3.64
C LEU B 55 6.55 63.88 -2.39
N GLU B 56 5.86 63.12 -1.54
CA GLU B 56 6.47 62.65 -0.29
C GLU B 56 7.70 61.78 -0.57
N LEU B 57 7.55 60.83 -1.49
CA LEU B 57 8.68 59.98 -1.90
C LEU B 57 9.79 60.86 -2.41
N HIS B 58 9.45 61.78 -3.30
CA HIS B 58 10.49 62.50 -4.06
C HIS B 58 11.27 63.43 -3.17
N TYR B 59 10.53 64.14 -2.34
CA TYR B 59 11.09 65.17 -1.45
C TYR B 59 11.62 64.57 -0.16
N SER B 60 10.76 63.85 0.58
CA SER B 60 11.17 63.29 1.88
C SER B 60 12.09 62.06 1.81
N LYS B 61 12.08 61.33 0.69
CA LYS B 61 12.99 60.17 0.55
C LYS B 61 14.19 60.46 -0.33
N HIS B 62 13.95 60.72 -1.62
CA HIS B 62 15.04 60.94 -2.60
C HIS B 62 15.86 62.16 -2.31
N HIS B 63 15.21 63.32 -2.26
CA HIS B 63 15.95 64.54 -2.03
C HIS B 63 16.62 64.54 -0.67
N SER B 64 15.86 64.12 0.35
CA SER B 64 16.43 64.05 1.70
C SER B 64 17.70 63.21 1.77
N ALA B 65 17.74 62.10 1.02
CA ALA B 65 18.91 61.24 1.05
C ALA B 65 20.14 61.95 0.48
N TYR B 66 19.96 62.74 -0.58
CA TYR B 66 21.09 63.51 -1.16
C TYR B 66 21.61 64.54 -0.15
N VAL B 67 20.70 65.19 0.55
CA VAL B 67 21.08 66.22 1.58
C VAL B 67 21.91 65.52 2.67
N ASP B 68 21.43 64.36 3.12
CA ASP B 68 22.08 63.64 4.23
C ASP B 68 23.45 63.15 3.81
N LYS B 69 23.55 62.60 2.61
CA LYS B 69 24.84 62.06 2.14
C LYS B 69 25.85 63.18 1.92
N LEU B 70 25.41 64.27 1.30
CA LEU B 70 26.29 65.42 1.05
C LEU B 70 26.91 65.96 2.36
N ASN B 71 26.11 66.03 3.42
CA ASN B 71 26.61 66.46 4.73
C ASN B 71 27.68 65.57 5.38
N THR B 72 27.84 64.34 4.90
CA THR B 72 28.95 63.47 5.34
C THR B 72 30.24 63.68 4.52
N LEU B 73 30.15 64.48 3.46
CA LEU B 73 31.26 64.65 2.52
C LEU B 73 31.81 66.07 2.38
N GLY B 74 31.00 67.08 2.72
CA GLY B 74 31.38 68.44 2.35
C GLY B 74 32.21 69.22 3.33
N LYS B 75 32.80 68.55 4.33
CA LYS B 75 33.63 69.26 5.31
C LYS B 75 34.55 70.25 4.60
N GLY B 76 34.57 71.49 5.07
CA GLY B 76 35.40 72.52 4.48
C GLY B 76 34.62 73.51 3.65
N TYR B 77 33.41 73.12 3.21
CA TYR B 77 32.56 74.01 2.42
C TYR B 77 31.56 74.83 3.23
N GLU B 78 31.68 74.85 4.56
CA GLU B 78 30.77 75.64 5.40
C GLU B 78 30.67 77.11 4.95
N GLY B 79 29.44 77.62 4.82
CA GLY B 79 29.20 79.01 4.41
C GLY B 79 29.16 79.21 2.90
N LYS B 80 29.58 78.22 2.13
CA LYS B 80 29.65 78.36 0.68
C LYS B 80 28.40 77.85 0.00
N THR B 81 28.15 78.29 -1.23
CA THR B 81 27.02 77.76 -2.03
C THR B 81 27.24 76.30 -2.43
N ILE B 82 26.13 75.61 -2.57
CA ILE B 82 26.15 74.27 -3.16
C ILE B 82 26.75 74.30 -4.56
N GLU B 83 26.46 75.35 -5.35
CA GLU B 83 27.05 75.48 -6.68
C GLU B 83 28.59 75.53 -6.65
N GLU B 84 29.14 76.11 -5.62
CA GLU B 84 30.58 76.12 -5.48
C GLU B 84 31.12 74.67 -5.34
N ILE B 85 30.40 73.83 -4.60
CA ILE B 85 30.81 72.42 -4.49
C ILE B 85 30.75 71.71 -5.87
N ILE B 86 29.66 71.93 -6.59
CA ILE B 86 29.46 71.40 -7.94
C ILE B 86 30.63 71.80 -8.83
N LEU B 87 30.94 73.09 -8.85
CA LEU B 87 31.98 73.59 -9.74
C LEU B 87 33.38 73.10 -9.35
N ALA B 88 33.62 72.87 -8.07
CA ALA B 88 34.92 72.39 -7.59
C ALA B 88 35.09 70.87 -7.80
N THR B 89 34.00 70.14 -7.99
CA THR B 89 34.06 68.67 -8.11
C THR B 89 33.81 68.13 -9.54
N THR B 90 33.20 68.95 -10.39
CA THR B 90 32.84 68.54 -11.76
C THR B 90 34.07 68.08 -12.54
N GLY B 91 33.92 66.97 -13.24
CA GLY B 91 35.00 66.41 -14.07
C GLY B 91 36.22 65.88 -13.32
N ILE B 92 36.14 65.77 -12.00
CA ILE B 92 37.23 65.22 -11.18
C ILE B 92 36.84 63.82 -10.66
N ASN B 93 37.59 62.80 -11.08
CA ASN B 93 37.15 61.41 -10.88
C ASN B 93 37.04 60.99 -9.43
N GLU B 94 38.02 61.42 -8.63
CA GLU B 94 38.04 61.16 -7.18
C GLU B 94 36.93 61.88 -6.41
N SER B 95 36.23 62.80 -7.06
CA SER B 95 35.20 63.58 -6.40
C SER B 95 33.79 63.27 -6.93
N LYS B 96 33.64 62.17 -7.67
CA LYS B 96 32.34 61.85 -8.31
C LYS B 96 31.20 61.68 -7.30
N VAL B 97 31.50 61.05 -6.18
CA VAL B 97 30.46 60.78 -5.19
C VAL B 97 29.91 62.10 -4.64
N MET B 98 30.82 63.00 -4.23
CA MET B 98 30.35 64.29 -3.76
C MET B 98 29.68 65.11 -4.86
N PHE B 99 30.25 65.08 -6.06
CA PHE B 99 29.64 65.82 -7.18
C PHE B 99 28.17 65.41 -7.33
N ASN B 100 27.93 64.10 -7.37
CA ASN B 100 26.60 63.59 -7.58
C ASN B 100 25.62 64.04 -6.50
N GLN B 101 26.04 64.04 -5.23
CA GLN B 101 25.09 64.43 -4.16
C GLN B 101 24.85 65.95 -4.23
N ALA B 102 25.91 66.71 -4.46
CA ALA B 102 25.80 68.20 -4.50
C ALA B 102 24.95 68.66 -5.68
N ALA B 103 25.22 68.10 -6.86
CA ALA B 103 24.43 68.41 -8.07
C ALA B 103 22.98 67.96 -7.89
N GLN B 104 22.74 66.74 -7.41
CA GLN B 104 21.33 66.33 -7.18
C GLN B 104 20.61 67.21 -6.16
N HIS B 105 21.33 67.66 -5.12
CA HIS B 105 20.72 68.58 -4.15
C HIS B 105 20.31 69.86 -4.83
N PHE B 106 21.23 70.43 -5.59
CA PHE B 106 20.93 71.64 -6.34
C PHE B 106 19.79 71.39 -7.33
N ASN B 107 19.87 70.29 -8.09
CA ASN B 107 18.89 70.05 -9.17
C ASN B 107 17.49 69.97 -8.58
N HIS B 108 17.34 69.25 -7.47
CA HIS B 108 16.00 69.11 -6.83
C HIS B 108 15.52 70.42 -6.24
N SER B 109 16.41 71.16 -5.58
CA SER B 109 16.05 72.46 -5.01
C SER B 109 15.52 73.41 -6.06
N PHE B 110 16.17 73.38 -7.22
CA PHE B 110 15.80 74.26 -8.32
C PHE B 110 14.44 73.83 -8.85
N PHE B 111 14.26 72.52 -9.02
CA PHE B 111 12.99 71.92 -9.43
C PHE B 111 11.81 72.37 -8.55
N TRP B 112 11.97 72.33 -7.22
CA TRP B 112 10.86 72.74 -6.36
C TRP B 112 10.50 74.18 -6.54
N LYS B 113 11.49 75.04 -6.78
CA LYS B 113 11.24 76.47 -7.04
C LYS B 113 10.49 76.71 -8.35
N CYS B 114 10.62 75.77 -9.29
CA CYS B 114 9.92 75.84 -10.58
C CYS B 114 8.45 75.43 -10.51
N LEU B 115 8.02 74.92 -9.37
CA LEU B 115 6.68 74.34 -9.25
C LEU B 115 5.84 74.98 -8.15
N SER B 116 4.53 74.95 -8.39
CA SER B 116 3.54 75.48 -7.45
C SER B 116 2.16 74.83 -7.71
N PRO B 117 1.39 74.53 -6.65
CA PRO B 117 0.03 74.00 -6.88
C PRO B 117 -0.76 74.89 -7.83
N GLY B 118 -1.26 74.31 -8.92
CA GLY B 118 -2.02 75.05 -9.93
C GLY B 118 -1.20 75.98 -10.81
N GLY B 119 0.12 75.95 -10.66
CA GLY B 119 1.04 76.82 -11.41
C GLY B 119 0.89 78.31 -11.11
N LYS B 120 1.72 79.13 -11.76
CA LYS B 120 1.48 80.58 -11.83
C LYS B 120 1.58 80.98 -13.32
N PRO B 121 0.70 81.90 -13.78
CA PRO B 121 0.71 82.26 -15.21
C PRO B 121 2.01 82.91 -15.63
N MET B 122 2.38 82.71 -16.89
CA MET B 122 3.63 83.22 -17.45
C MET B 122 3.53 84.72 -17.69
N PRO B 123 4.41 85.50 -17.06
CA PRO B 123 4.42 86.93 -17.33
C PRO B 123 4.78 87.22 -18.77
N LYS B 124 4.28 88.35 -19.26
CA LYS B 124 4.50 88.79 -20.63
C LYS B 124 6.00 88.85 -21.02
N THR B 125 6.87 89.29 -20.12
CA THR B 125 8.30 89.38 -20.42
C THR B 125 8.85 88.02 -20.87
N LEU B 126 8.48 87.00 -20.12
CA LEU B 126 8.95 85.63 -20.39
C LEU B 126 8.32 85.07 -21.65
N GLU B 127 7.01 85.27 -21.82
CA GLU B 127 6.31 84.85 -23.03
C GLU B 127 7.00 85.38 -24.31
N ASN B 128 7.26 86.69 -24.34
CA ASN B 128 7.96 87.32 -25.45
C ASN B 128 9.33 86.69 -25.71
N ALA B 129 10.08 86.43 -24.64
CA ALA B 129 11.45 85.89 -24.77
C ALA B 129 11.43 84.46 -25.33
N ILE B 130 10.50 83.66 -24.83
CA ILE B 130 10.33 82.27 -25.31
C ILE B 130 9.87 82.28 -26.79
N ALA B 131 8.91 83.14 -27.12
CA ALA B 131 8.46 83.21 -28.53
C ALA B 131 9.56 83.72 -29.44
N LYS B 132 10.34 84.69 -28.97
CA LYS B 132 11.42 85.25 -29.79
C LYS B 132 12.44 84.17 -30.15
N GLN B 133 12.77 83.29 -29.23
CA GLN B 133 13.65 82.15 -29.52
C GLN B 133 13.00 81.00 -30.31
N PHE B 134 11.85 80.53 -29.86
CA PHE B 134 11.31 79.26 -30.34
C PHE B 134 10.13 79.41 -31.33
N GLY B 135 9.74 80.65 -31.62
CA GLY B 135 8.58 80.91 -32.51
C GLY B 135 7.30 81.16 -31.74
N SER B 136 7.05 80.33 -30.71
CA SER B 136 5.88 80.48 -29.82
C SER B 136 6.11 79.64 -28.56
N VAL B 137 5.29 79.87 -27.54
CA VAL B 137 5.35 79.07 -26.30
C VAL B 137 4.98 77.61 -26.62
N ASP B 138 3.96 77.41 -27.46
CA ASP B 138 3.57 76.05 -27.87
C ASP B 138 4.71 75.26 -28.53
N ASP B 139 5.45 75.90 -29.44
CA ASP B 139 6.59 75.26 -30.10
C ASP B 139 7.73 74.96 -29.09
N PHE B 140 8.01 75.88 -28.16
CA PHE B 140 8.94 75.56 -27.09
C PHE B 140 8.48 74.35 -26.27
N MET B 141 7.23 74.34 -25.83
CA MET B 141 6.73 73.21 -25.03
C MET B 141 6.88 71.86 -25.75
N VAL B 142 6.49 71.81 -27.05
CA VAL B 142 6.61 70.61 -27.85
C VAL B 142 8.09 70.13 -27.90
N SER B 143 8.99 71.07 -28.19
CA SER B 143 10.44 70.77 -28.21
C SER B 143 10.97 70.29 -26.86
N PHE B 144 10.46 70.91 -25.80
CA PHE B 144 10.94 70.61 -24.44
C PHE B 144 10.47 69.21 -24.05
N GLN B 145 9.19 68.93 -24.27
CA GLN B 145 8.67 67.58 -23.99
C GLN B 145 9.41 66.49 -24.75
N GLN B 146 9.74 66.76 -26.01
CA GLN B 146 10.45 65.81 -26.85
CA GLN B 146 10.42 65.77 -26.83
C GLN B 146 11.85 65.52 -26.31
N ALA B 147 12.56 66.56 -25.92
CA ALA B 147 13.90 66.35 -25.35
C ALA B 147 13.82 65.52 -24.04
N GLY B 148 12.82 65.80 -23.21
CA GLY B 148 12.66 65.01 -21.98
C GLY B 148 12.32 63.54 -22.25
N VAL B 149 11.44 63.31 -23.22
CA VAL B 149 11.07 61.94 -23.60
C VAL B 149 12.29 61.16 -24.10
N ASN B 150 13.11 61.85 -24.90
CA ASN B 150 14.25 61.24 -25.54
C ASN B 150 15.49 61.12 -24.67
N ASN B 151 15.45 61.65 -23.46
CA ASN B 151 16.63 61.63 -22.60
C ASN B 151 16.81 60.21 -22.03
N PHE B 152 17.73 59.44 -22.59
CA PHE B 152 17.81 58.01 -22.27
C PHE B 152 18.28 57.83 -20.84
N GLY B 153 17.56 57.04 -20.06
CA GLY B 153 17.95 56.75 -18.66
C GLY B 153 17.45 57.83 -17.71
N SER B 154 18.22 58.08 -16.65
CA SER B 154 17.86 59.12 -15.68
C SER B 154 18.44 60.46 -16.09
N GLY B 155 17.76 61.54 -15.80
CA GLY B 155 18.39 62.87 -15.93
C GLY B 155 17.41 64.01 -15.81
N TRP B 156 17.76 65.11 -16.47
CA TRP B 156 17.07 66.39 -16.33
C TRP B 156 17.00 67.03 -17.69
N THR B 157 15.90 67.74 -17.92
CA THR B 157 15.76 68.56 -19.11
C THR B 157 15.60 70.03 -18.66
N TRP B 158 16.30 70.92 -19.35
CA TRP B 158 16.50 72.28 -18.86
C TRP B 158 16.14 73.28 -19.91
N LEU B 159 15.63 74.43 -19.46
CA LEU B 159 15.64 75.65 -20.27
C LEU B 159 16.68 76.58 -19.64
N CYS B 160 17.66 76.98 -20.43
CA CYS B 160 18.76 77.83 -19.96
C CYS B 160 18.92 79.09 -20.78
N VAL B 161 19.53 80.07 -20.13
CA VAL B 161 20.01 81.27 -20.80
C VAL B 161 21.52 81.06 -21.01
N ASP B 162 21.98 81.33 -22.21
CA ASP B 162 23.43 81.43 -22.46
C ASP B 162 23.80 82.90 -22.20
N PRO B 163 24.64 83.18 -21.16
CA PRO B 163 24.82 84.58 -20.79
C PRO B 163 25.62 85.38 -21.83
N GLN B 164 26.45 84.68 -22.60
CA GLN B 164 27.23 85.34 -23.66
C GLN B 164 26.34 85.78 -24.84
N THR B 165 25.49 84.90 -25.32
CA THR B 165 24.68 85.23 -26.50
C THR B 165 23.28 85.75 -26.19
N LYS B 166 22.81 85.53 -24.96
CA LYS B 166 21.43 85.82 -24.53
C LYS B 166 20.40 84.86 -25.11
N GLU B 167 20.85 83.82 -25.80
CA GLU B 167 19.94 82.81 -26.33
C GLU B 167 19.31 82.03 -25.21
N LEU B 168 18.09 81.57 -25.46
CA LEU B 168 17.45 80.56 -24.62
C LEU B 168 17.65 79.19 -25.28
N LEU B 169 17.99 78.18 -24.48
CA LEU B 169 18.35 76.89 -25.03
C LEU B 169 17.72 75.76 -24.22
N ILE B 170 17.28 74.73 -24.92
CA ILE B 170 16.91 73.46 -24.29
C ILE B 170 18.11 72.53 -24.25
N ASP B 171 18.42 72.02 -23.07
CA ASP B 171 19.55 71.14 -22.87
C ASP B 171 19.08 69.97 -22.00
N SER B 172 19.53 68.75 -22.30
CA SER B 172 19.27 67.58 -21.46
C SER B 172 20.56 67.13 -20.85
N THR B 173 20.51 66.72 -19.58
CA THR B 173 21.69 66.13 -18.96
C THR B 173 21.35 64.71 -18.46
N SER B 174 22.39 63.91 -18.27
CA SER B 174 22.25 62.54 -17.76
C SER B 174 22.53 62.54 -16.24
N ASN B 175 21.73 61.79 -15.49
CA ASN B 175 22.01 61.51 -14.07
C ASN B 175 22.04 62.80 -13.23
N ALA B 176 23.21 63.17 -12.67
CA ALA B 176 23.29 64.39 -11.86
C ALA B 176 23.75 65.60 -12.66
N GLY B 177 23.96 65.44 -13.96
CA GLY B 177 24.45 66.53 -14.79
C GLY B 177 23.66 67.81 -14.70
N CYS B 178 24.38 68.91 -14.78
CA CYS B 178 23.83 70.21 -14.47
C CYS B 178 24.45 71.21 -15.47
N PRO B 179 23.63 71.98 -16.22
CA PRO B 179 24.20 72.85 -17.27
C PRO B 179 25.11 73.98 -16.77
N LEU B 180 25.08 74.25 -15.48
CA LEU B 180 25.90 75.32 -14.99
C LEU B 180 27.38 74.91 -15.01
N THR B 181 27.68 73.61 -15.14
CA THR B 181 29.08 73.19 -15.27
C THR B 181 29.70 73.60 -16.63
N SER B 182 28.86 73.92 -17.60
CA SER B 182 29.35 74.50 -18.86
C SER B 182 29.11 76.03 -18.95
N GLY B 183 28.62 76.65 -17.88
CA GLY B 183 28.45 78.13 -17.86
C GLY B 183 27.08 78.60 -18.32
N LEU B 184 26.16 77.67 -18.53
CA LEU B 184 24.77 78.06 -18.85
C LEU B 184 24.05 78.45 -17.55
N ARG B 185 22.95 79.20 -17.67
CA ARG B 185 22.21 79.66 -16.51
C ARG B 185 20.79 79.13 -16.61
N PRO B 186 20.50 78.08 -15.83
CA PRO B 186 19.17 77.46 -15.82
C PRO B 186 18.10 78.45 -15.39
N ILE B 187 16.93 78.38 -16.03
CA ILE B 187 15.76 79.14 -15.62
C ILE B 187 14.57 78.24 -15.37
N PHE B 188 14.63 76.99 -15.86
CA PHE B 188 13.56 75.99 -15.65
C PHE B 188 14.14 74.59 -15.83
N THR B 189 13.66 73.64 -15.04
CA THR B 189 14.03 72.23 -15.21
C THR B 189 12.87 71.27 -15.01
N ALA B 190 12.95 70.10 -15.65
CA ALA B 190 12.03 68.99 -15.36
C ALA B 190 12.90 67.80 -15.03
N ASP B 191 12.64 67.20 -13.88
CA ASP B 191 13.33 65.96 -13.49
C ASP B 191 12.75 64.81 -14.33
N VAL B 192 13.59 64.09 -15.07
CA VAL B 192 13.08 62.91 -15.77
C VAL B 192 13.78 61.61 -15.31
N TRP B 193 14.38 61.63 -14.11
CA TRP B 193 14.57 60.35 -13.40
C TRP B 193 13.24 59.70 -13.28
N GLU B 194 13.19 58.38 -13.37
CA GLU B 194 11.89 57.68 -13.36
C GLU B 194 11.15 57.87 -12.06
N HIS B 195 11.89 58.03 -10.96
CA HIS B 195 11.24 58.31 -9.68
C HIS B 195 10.47 59.61 -9.65
N ALA B 196 10.75 60.55 -10.57
CA ALA B 196 10.02 61.84 -10.52
C ALA B 196 8.55 61.62 -10.85
N TYR B 197 8.26 60.61 -11.64
CA TYR B 197 6.87 60.45 -12.15
C TYR B 197 6.32 59.06 -12.02
N TYR B 198 7.10 58.08 -11.55
CA TYR B 198 6.64 56.68 -11.66
C TYR B 198 5.44 56.36 -10.77
N LYS B 199 5.36 57.02 -9.62
CA LYS B 199 4.24 56.77 -8.69
C LYS B 199 2.91 57.12 -9.34
N ASP B 200 2.84 58.25 -10.03
CA ASP B 200 1.55 58.69 -10.61
C ASP B 200 1.34 58.30 -12.08
N PHE B 201 2.45 58.24 -12.83
CA PHE B 201 2.37 58.07 -14.28
C PHE B 201 2.98 56.74 -14.76
N GLU B 202 3.50 55.95 -13.83
CA GLU B 202 4.21 54.71 -14.20
C GLU B 202 5.19 54.99 -15.36
N ASN B 203 5.12 54.19 -16.44
CA ASN B 203 6.00 54.32 -17.58
C ASN B 203 5.69 55.54 -18.46
N ARG B 204 4.60 56.25 -18.16
CA ARG B 204 4.11 57.27 -19.08
C ARG B 204 4.82 58.63 -18.94
N ARG B 205 6.14 58.63 -19.25
CA ARG B 205 6.94 59.84 -19.09
C ARG B 205 6.40 60.97 -19.99
N ALA B 206 5.93 60.64 -21.19
CA ALA B 206 5.42 61.66 -22.13
C ALA B 206 4.22 62.39 -21.55
N ASP B 207 3.30 61.65 -20.95
CA ASP B 207 2.12 62.25 -20.31
C ASP B 207 2.52 63.13 -19.12
N TYR B 208 3.47 62.67 -18.33
CA TYR B 208 4.00 63.45 -17.20
C TYR B 208 4.50 64.83 -17.67
N LEU B 209 5.37 64.83 -18.68
CA LEU B 209 5.91 66.06 -19.23
C LEU B 209 4.85 67.00 -19.83
N LYS B 210 3.85 66.42 -20.50
CA LYS B 210 2.75 67.23 -21.04
C LYS B 210 1.93 67.84 -19.87
N GLU B 211 1.71 67.08 -18.81
CA GLU B 211 0.86 67.60 -17.74
C GLU B 211 1.62 68.55 -16.82
N LEU B 212 2.95 68.40 -16.76
CA LEU B 212 3.79 69.20 -15.86
C LEU B 212 3.59 70.70 -16.00
N TRP B 213 3.26 71.16 -17.22
CA TRP B 213 3.08 72.59 -17.46
C TRP B 213 2.05 73.19 -16.55
N GLN B 214 1.04 72.40 -16.15
CA GLN B 214 -0.04 72.89 -15.29
C GLN B 214 0.44 73.29 -13.89
N ILE B 215 1.64 72.86 -13.49
CA ILE B 215 2.13 73.24 -12.17
C ILE B 215 3.45 74.04 -12.21
N VAL B 216 3.81 74.57 -13.37
CA VAL B 216 5.06 75.37 -13.44
C VAL B 216 4.83 76.77 -12.86
N ASP B 217 5.71 77.17 -11.95
CA ASP B 217 5.69 78.52 -11.41
C ASP B 217 6.40 79.43 -12.40
N TRP B 218 5.64 80.02 -13.31
CA TRP B 218 6.26 80.83 -14.37
C TRP B 218 6.79 82.16 -13.87
N GLU B 219 6.30 82.60 -12.71
CA GLU B 219 6.86 83.81 -12.08
C GLU B 219 8.31 83.60 -11.61
N PHE B 220 8.60 82.42 -11.05
CA PHE B 220 9.97 82.11 -10.67
C PHE B 220 10.82 81.99 -11.93
N VAL B 221 10.31 81.30 -12.95
CA VAL B 221 11.07 81.14 -14.21
C VAL B 221 11.38 82.55 -14.77
N CYS B 222 10.38 83.42 -14.77
CA CYS B 222 10.61 84.78 -15.30
C CYS B 222 11.63 85.58 -14.47
N HIS B 223 11.55 85.47 -13.13
CA HIS B 223 12.55 86.06 -12.23
C HIS B 223 13.94 85.57 -12.59
N MET B 224 14.08 84.25 -12.80
CA MET B 224 15.36 83.67 -13.21
C MET B 224 15.82 84.22 -14.57
N TYR B 225 14.89 84.30 -15.51
CA TYR B 225 15.22 84.82 -16.84
C TYR B 225 15.79 86.25 -16.77
N GLU B 226 15.11 87.13 -16.03
CA GLU B 226 15.56 88.53 -15.93
C GLU B 226 16.96 88.64 -15.34
N ARG B 227 17.23 87.94 -14.24
CA ARG B 227 18.54 88.02 -13.64
C ARG B 227 19.61 87.31 -14.47
N ALA B 228 19.25 86.21 -15.13
CA ALA B 228 20.26 85.43 -15.90
C ALA B 228 20.73 86.17 -17.16
N THR B 229 19.83 86.94 -17.79
CA THR B 229 20.13 87.66 -19.05
C THR B 229 20.70 89.05 -18.84
N LYS B 230 20.68 89.53 -17.60
CA LYS B 230 21.18 90.88 -17.32
C LYS B 230 22.58 91.09 -17.91
N CYS C 22 -1.51 -3.13 21.83
CA CYS C 22 -1.37 -3.24 20.35
C CYS C 22 -2.70 -3.03 19.62
N TYR C 23 -2.63 -2.90 18.29
CA TYR C 23 -3.81 -2.60 17.45
C TYR C 23 -4.95 -3.61 17.60
N HIS C 24 -6.16 -3.11 17.83
CA HIS C 24 -7.36 -3.93 17.80
C HIS C 24 -8.32 -3.51 16.73
N THR C 25 -8.86 -4.50 16.03
CA THR C 25 -9.87 -4.30 15.00
C THR C 25 -11.21 -3.88 15.61
N LEU C 26 -11.58 -4.54 16.70
CA LEU C 26 -12.87 -4.29 17.38
C LEU C 26 -12.58 -4.00 18.86
N PRO C 27 -12.10 -2.78 19.13
CA PRO C 27 -11.72 -2.43 20.51
C PRO C 27 -12.91 -2.44 21.49
N HIS C 28 -14.15 -2.38 21.00
CA HIS C 28 -15.31 -2.46 21.90
C HIS C 28 -15.81 -3.86 22.17
N LEU C 29 -15.23 -4.84 21.50
CA LEU C 29 -15.70 -6.22 21.64
C LEU C 29 -14.91 -6.89 22.76
N ARG C 30 -15.57 -7.02 23.92
CA ARG C 30 -14.90 -7.42 25.14
C ARG C 30 -15.51 -8.65 25.82
N TYR C 31 -14.81 -9.15 26.83
CA TYR C 31 -15.26 -10.26 27.66
C TYR C 31 -15.72 -9.69 29.01
N PRO C 32 -16.82 -10.23 29.61
CA PRO C 32 -17.64 -11.37 29.20
C PRO C 32 -18.28 -11.14 27.85
N ALA C 33 -18.41 -12.20 27.06
CA ALA C 33 -18.91 -12.09 25.70
C ALA C 33 -20.40 -11.82 25.70
N GLU C 34 -20.84 -11.01 24.75
CA GLU C 34 -22.25 -10.76 24.49
C GLU C 34 -22.48 -10.78 22.98
N LEU C 35 -23.64 -11.29 22.55
CA LEU C 35 -24.06 -11.13 21.16
C LEU C 35 -24.11 -9.62 20.85
N PRO C 36 -23.51 -9.20 19.72
CA PRO C 36 -23.49 -7.75 19.43
C PRO C 36 -24.83 -7.22 18.95
N THR C 37 -25.12 -5.96 19.26
CA THR C 37 -26.28 -5.26 18.70
C THR C 37 -26.05 -5.14 17.19
N LEU C 38 -27.04 -5.56 16.41
CA LEU C 38 -26.98 -5.40 14.96
C LEU C 38 -27.36 -3.97 14.59
N GLY C 39 -26.84 -3.46 13.48
CA GLY C 39 -27.16 -2.09 13.06
C GLY C 39 -28.41 -2.03 12.17
N PHE C 40 -29.26 -3.04 12.31
CA PHE C 40 -30.50 -3.17 11.52
C PHE C 40 -31.39 -4.15 12.26
N ASN C 41 -32.66 -4.20 11.92
CA ASN C 41 -33.61 -5.12 12.57
C ASN C 41 -33.34 -6.58 12.21
N TYR C 42 -33.04 -7.41 13.23
CA TYR C 42 -32.81 -8.85 13.05
C TYR C 42 -33.92 -9.52 12.23
N LYS C 43 -35.17 -9.30 12.61
CA LYS C 43 -36.32 -10.01 12.04
C LYS C 43 -36.57 -9.83 10.54
N ASP C 44 -35.95 -8.82 9.92
CA ASP C 44 -36.10 -8.61 8.48
C ASP C 44 -34.92 -9.21 7.68
N GLY C 45 -34.02 -9.92 8.36
CA GLY C 45 -32.83 -10.47 7.70
C GLY C 45 -31.94 -9.35 7.19
N ILE C 46 -31.22 -9.59 6.09
CA ILE C 46 -30.43 -8.54 5.46
C ILE C 46 -30.74 -8.53 3.96
N GLN C 47 -31.81 -7.80 3.61
CA GLN C 47 -32.31 -7.75 2.23
C GLN C 47 -31.35 -6.98 1.30
N PRO C 48 -31.28 -7.36 0.01
CA PRO C 48 -32.00 -8.44 -0.65
C PRO C 48 -31.28 -9.81 -0.62
N VAL C 49 -30.26 -9.97 0.23
CA VAL C 49 -29.45 -11.22 0.17
C VAL C 49 -29.82 -12.30 1.18
N MET C 50 -29.93 -11.93 2.46
CA MET C 50 -30.15 -12.93 3.50
C MET C 50 -31.58 -12.83 4.01
N SER C 51 -32.25 -13.98 4.08
CA SER C 51 -33.62 -14.06 4.57
C SER C 51 -33.65 -13.93 6.08
N PRO C 52 -34.81 -13.53 6.65
CA PRO C 52 -34.93 -13.56 8.11
C PRO C 52 -34.47 -14.89 8.75
N ARG C 53 -34.87 -16.02 8.17
CA ARG C 53 -34.54 -17.32 8.76
C ARG C 53 -33.03 -17.61 8.73
N GLN C 54 -32.39 -17.25 7.61
CA GLN C 54 -30.94 -17.44 7.47
C GLN C 54 -30.16 -16.65 8.53
N LEU C 55 -30.56 -15.40 8.73
CA LEU C 55 -29.91 -14.54 9.74
C LEU C 55 -30.27 -15.03 11.15
N GLU C 56 -31.54 -15.41 11.35
CA GLU C 56 -31.93 -15.90 12.66
C GLU C 56 -31.08 -17.12 13.08
N LEU C 57 -30.94 -18.09 12.18
CA LEU C 57 -30.10 -19.29 12.47
C LEU C 57 -28.64 -18.89 12.72
N HIS C 58 -28.12 -18.01 11.87
CA HIS C 58 -26.71 -17.67 11.93
C HIS C 58 -26.38 -16.90 13.18
N TYR C 59 -27.24 -15.94 13.52
CA TYR C 59 -27.02 -15.06 14.64
C TYR C 59 -27.53 -15.66 15.95
N SER C 60 -28.79 -16.06 15.98
CA SER C 60 -29.42 -16.58 17.20
C SER C 60 -29.03 -17.99 17.60
N LYS C 61 -28.47 -18.76 16.65
CA LYS C 61 -28.07 -20.14 16.96
C LYS C 61 -26.56 -20.30 16.90
N HIS C 62 -25.97 -20.08 15.73
CA HIS C 62 -24.52 -20.27 15.58
C HIS C 62 -23.73 -19.29 16.40
N HIS C 63 -23.99 -18.00 16.22
CA HIS C 63 -23.15 -17.00 16.89
C HIS C 63 -23.36 -17.06 18.38
N SER C 64 -24.61 -17.14 18.78
CA SER C 64 -24.97 -17.26 20.19
C SER C 64 -24.31 -18.43 20.92
N ALA C 65 -24.18 -19.58 20.25
CA ALA C 65 -23.51 -20.75 20.84
C ALA C 65 -22.04 -20.46 21.15
N TYR C 66 -21.36 -19.73 20.25
CA TYR C 66 -19.95 -19.35 20.48
C TYR C 66 -19.77 -18.41 21.68
N VAL C 67 -20.67 -17.43 21.77
CA VAL C 67 -20.75 -16.51 22.92
C VAL C 67 -20.97 -17.29 24.22
N ASP C 68 -21.95 -18.20 24.20
CA ASP C 68 -22.31 -18.95 25.40
C ASP C 68 -21.17 -19.84 25.84
N LYS C 69 -20.54 -20.52 24.89
CA LYS C 69 -19.47 -21.44 25.25
C LYS C 69 -18.23 -20.65 25.72
N LEU C 70 -17.93 -19.53 25.07
CA LEU C 70 -16.79 -18.70 25.49
C LEU C 70 -16.96 -18.27 26.95
N ASN C 71 -18.17 -17.90 27.33
CA ASN C 71 -18.45 -17.51 28.73
C ASN C 71 -18.28 -18.61 29.75
N THR C 72 -18.22 -19.87 29.32
CA THR C 72 -17.89 -20.96 30.23
C THR C 72 -16.38 -21.15 30.41
N LEU C 73 -15.58 -20.48 29.58
CA LEU C 73 -14.13 -20.78 29.50
C LEU C 73 -13.20 -19.59 29.84
N GLY C 74 -13.75 -18.37 29.76
CA GLY C 74 -12.95 -17.15 29.78
C GLY C 74 -12.68 -16.50 31.14
N LYS C 75 -13.01 -17.16 32.23
CA LYS C 75 -12.70 -16.61 33.58
C LYS C 75 -11.28 -16.03 33.67
N GLY C 76 -11.16 -14.79 34.13
CA GLY C 76 -9.85 -14.16 34.24
C GLY C 76 -9.64 -13.09 33.18
N TYR C 77 -10.37 -13.19 32.06
CA TYR C 77 -10.27 -12.17 31.01
C TYR C 77 -11.29 -11.03 31.07
N GLU C 78 -12.00 -10.93 32.20
CA GLU C 78 -12.98 -9.88 32.41
C GLU C 78 -12.41 -8.52 32.05
N GLY C 79 -13.12 -7.77 31.20
CA GLY C 79 -12.70 -6.42 30.84
C GLY C 79 -11.72 -6.33 29.66
N LYS C 80 -11.19 -7.47 29.22
CA LYS C 80 -10.25 -7.51 28.10
C LYS C 80 -10.98 -7.69 26.75
N THR C 81 -10.30 -7.35 25.65
CA THR C 81 -10.90 -7.51 24.32
C THR C 81 -10.89 -8.98 23.97
N ILE C 82 -11.88 -9.38 23.18
CA ILE C 82 -11.93 -10.73 22.61
C ILE C 82 -10.62 -11.02 21.85
N GLU C 83 -10.10 -10.00 21.16
CA GLU C 83 -8.81 -10.12 20.44
C GLU C 83 -7.62 -10.46 21.32
N GLU C 84 -7.58 -9.92 22.54
CA GLU C 84 -6.57 -10.35 23.50
C GLU C 84 -6.71 -11.81 23.87
N ILE C 85 -7.94 -12.29 24.07
CA ILE C 85 -8.15 -13.74 24.30
C ILE C 85 -7.61 -14.57 23.11
N ILE C 86 -7.99 -14.19 21.89
CA ILE C 86 -7.51 -14.86 20.67
C ILE C 86 -5.98 -14.91 20.67
N LEU C 87 -5.33 -13.77 20.92
CA LEU C 87 -3.87 -13.72 20.94
C LEU C 87 -3.24 -14.61 22.01
N ALA C 88 -3.87 -14.70 23.17
CA ALA C 88 -3.33 -15.49 24.27
C ALA C 88 -3.51 -17.00 24.09
N THR C 89 -4.41 -17.40 23.19
CA THR C 89 -4.73 -18.82 23.02
C THR C 89 -4.23 -19.45 21.70
N THR C 90 -3.96 -18.62 20.70
CA THR C 90 -3.51 -19.10 19.39
C THR C 90 -2.22 -19.93 19.47
N GLY C 91 -2.22 -21.06 18.76
CA GLY C 91 -1.10 -21.98 18.71
C GLY C 91 -0.78 -22.68 20.02
N ILE C 92 -1.75 -22.74 20.93
CA ILE C 92 -1.59 -23.55 22.14
C ILE C 92 -2.62 -24.69 22.14
N ASN C 93 -2.11 -25.92 21.96
CA ASN C 93 -2.94 -27.14 21.88
C ASN C 93 -4.00 -27.20 22.99
N GLU C 94 -3.55 -26.99 24.23
CA GLU C 94 -4.39 -27.05 25.43
C GLU C 94 -5.53 -26.01 25.46
N SER C 95 -5.45 -24.98 24.62
CA SER C 95 -6.42 -23.89 24.65
C SER C 95 -7.22 -23.82 23.34
N LYS C 96 -7.16 -24.91 22.56
CA LYS C 96 -7.77 -24.91 21.24
C LYS C 96 -9.27 -24.60 21.29
N VAL C 97 -9.97 -25.14 22.28
CA VAL C 97 -11.41 -24.93 22.41
C VAL C 97 -11.76 -23.44 22.64
N MET C 98 -11.09 -22.84 23.61
CA MET C 98 -11.28 -21.42 23.88
C MET C 98 -10.93 -20.55 22.67
N PHE C 99 -9.78 -20.84 22.04
CA PHE C 99 -9.39 -20.12 20.83
C PHE C 99 -10.53 -20.14 19.81
N ASN C 100 -11.08 -21.34 19.55
CA ASN C 100 -12.14 -21.44 18.55
C ASN C 100 -13.35 -20.60 18.87
N GLN C 101 -13.78 -20.57 20.13
CA GLN C 101 -14.98 -19.82 20.50
C GLN C 101 -14.70 -18.32 20.37
N ALA C 102 -13.53 -17.90 20.85
CA ALA C 102 -13.19 -16.47 20.86
C ALA C 102 -12.97 -15.96 19.42
N ALA C 103 -12.22 -16.73 18.64
CA ALA C 103 -12.02 -16.38 17.23
C ALA C 103 -13.33 -16.32 16.47
N GLN C 104 -14.19 -17.32 16.67
CA GLN C 104 -15.49 -17.32 15.99
C GLN C 104 -16.38 -16.14 16.44
N HIS C 105 -16.32 -15.78 17.72
CA HIS C 105 -17.09 -14.65 18.20
C HIS C 105 -16.63 -13.39 17.57
N PHE C 106 -15.30 -13.19 17.50
CA PHE C 106 -14.77 -12.05 16.79
C PHE C 106 -15.17 -12.07 15.30
N ASN C 107 -14.98 -13.21 14.64
CA ASN C 107 -15.21 -13.26 13.19
C ASN C 107 -16.64 -12.91 12.85
N HIS C 108 -17.60 -13.46 13.60
CA HIS C 108 -19.01 -13.15 13.36
C HIS C 108 -19.34 -11.70 13.69
N SER C 109 -18.84 -11.20 14.84
CA SER C 109 -19.13 -9.81 15.22
C SER C 109 -18.60 -8.87 14.13
N PHE C 110 -17.41 -9.17 13.59
CA PHE C 110 -16.85 -8.37 12.50
C PHE C 110 -17.75 -8.46 11.25
N PHE C 111 -18.12 -9.68 10.87
CA PHE C 111 -19.01 -9.96 9.72
C PHE C 111 -20.30 -9.13 9.75
N TRP C 112 -20.98 -9.08 10.91
CA TRP C 112 -22.21 -8.27 11.01
C TRP C 112 -21.99 -6.79 10.78
N LYS C 113 -20.84 -6.27 11.19
CA LYS C 113 -20.53 -4.85 10.96
C LYS C 113 -20.23 -4.57 9.49
N CYS C 114 -19.77 -5.59 8.76
CA CYS C 114 -19.55 -5.51 7.30
C CYS C 114 -20.81 -5.48 6.46
N LEU C 115 -21.98 -5.65 7.08
CA LEU C 115 -23.21 -5.85 6.33
C LEU C 115 -24.31 -4.88 6.71
N SER C 116 -25.12 -4.52 5.71
CA SER C 116 -26.28 -3.65 5.96
C SER C 116 -27.35 -3.89 4.90
N PRO C 117 -28.64 -3.83 5.29
CA PRO C 117 -29.69 -3.98 4.27
C PRO C 117 -29.50 -2.97 3.15
N GLY C 118 -29.49 -3.44 1.90
CA GLY C 118 -29.30 -2.57 0.75
C GLY C 118 -27.85 -2.14 0.55
N GLY C 119 -26.97 -2.52 1.48
CA GLY C 119 -25.57 -2.10 1.45
C GLY C 119 -25.40 -0.60 1.69
N LYS C 120 -24.16 -0.14 1.64
CA LYS C 120 -23.84 1.30 1.68
C LYS C 120 -22.75 1.49 0.63
N PRO C 121 -22.88 2.54 -0.23
CA PRO C 121 -21.98 2.72 -1.37
C PRO C 121 -20.53 2.86 -0.95
N MET C 122 -19.62 2.44 -1.83
CA MET C 122 -18.19 2.49 -1.59
C MET C 122 -17.70 3.94 -1.64
N PRO C 123 -17.08 4.48 -0.56
CA PRO C 123 -16.46 5.80 -0.64
C PRO C 123 -15.22 5.83 -1.57
N LYS C 124 -14.93 7.01 -2.13
CA LYS C 124 -13.91 7.15 -3.17
C LYS C 124 -12.53 6.76 -2.68
N THR C 125 -12.21 7.06 -1.43
CA THR C 125 -10.93 6.69 -0.82
C THR C 125 -10.68 5.18 -0.92
N LEU C 126 -11.70 4.41 -0.64
CA LEU C 126 -11.57 2.94 -0.66
C LEU C 126 -11.61 2.40 -2.10
N GLU C 127 -12.48 2.99 -2.93
CA GLU C 127 -12.56 2.64 -4.35
C GLU C 127 -11.19 2.77 -4.99
N ASN C 128 -10.53 3.89 -4.74
CA ASN C 128 -9.22 4.15 -5.29
C ASN C 128 -8.14 3.20 -4.78
N ALA C 129 -8.18 2.87 -3.48
CA ALA C 129 -7.18 2.00 -2.89
C ALA C 129 -7.33 0.59 -3.44
N ILE C 130 -8.58 0.16 -3.59
CA ILE C 130 -8.84 -1.19 -4.08
C ILE C 130 -8.44 -1.29 -5.56
N ALA C 131 -8.79 -0.27 -6.35
CA ALA C 131 -8.49 -0.32 -7.78
C ALA C 131 -6.98 -0.24 -8.00
N LYS C 132 -6.27 0.51 -7.16
CA LYS C 132 -4.82 0.60 -7.24
C LYS C 132 -4.13 -0.77 -6.98
N GLN C 133 -4.61 -1.49 -5.97
CA GLN C 133 -3.96 -2.74 -5.55
C GLN C 133 -4.26 -3.89 -6.51
N PHE C 134 -5.55 -4.02 -6.86
CA PHE C 134 -6.05 -5.17 -7.62
C PHE C 134 -6.27 -4.87 -9.10
N GLY C 135 -5.95 -3.66 -9.54
CA GLY C 135 -6.15 -3.29 -10.94
C GLY C 135 -7.47 -2.60 -11.21
N SER C 136 -8.52 -3.02 -10.51
CA SER C 136 -9.82 -2.34 -10.59
C SER C 136 -10.69 -2.93 -9.50
N VAL C 137 -11.80 -2.26 -9.19
CA VAL C 137 -12.76 -2.79 -8.23
C VAL C 137 -13.36 -4.13 -8.69
N ASP C 138 -13.76 -4.24 -9.97
CA ASP C 138 -14.34 -5.49 -10.46
C ASP C 138 -13.33 -6.63 -10.43
N ASP C 139 -12.05 -6.33 -10.68
CA ASP C 139 -11.00 -7.35 -10.57
C ASP C 139 -10.88 -7.84 -9.15
N PHE C 140 -10.87 -6.90 -8.20
CA PHE C 140 -10.87 -7.30 -6.79
C PHE C 140 -12.05 -8.20 -6.49
N MET C 141 -13.23 -7.79 -6.92
CA MET C 141 -14.43 -8.54 -6.58
C MET C 141 -14.39 -9.99 -7.10
N VAL C 142 -13.96 -10.17 -8.34
CA VAL C 142 -13.89 -11.52 -8.92
C VAL C 142 -12.85 -12.34 -8.16
N SER C 143 -11.71 -11.74 -7.84
CA SER C 143 -10.64 -12.40 -7.11
C SER C 143 -11.09 -12.82 -5.71
N PHE C 144 -11.85 -11.96 -5.04
CA PHE C 144 -12.39 -12.28 -3.72
C PHE C 144 -13.35 -13.47 -3.81
N GLN C 145 -14.30 -13.39 -4.75
CA GLN C 145 -15.25 -14.49 -5.00
C GLN C 145 -14.55 -15.84 -5.23
N GLN C 146 -13.52 -15.82 -6.09
CA GLN C 146 -12.76 -17.03 -6.41
CA GLN C 146 -12.73 -17.00 -6.42
C GLN C 146 -12.02 -17.59 -5.18
N ALA C 147 -11.43 -16.70 -4.37
CA ALA C 147 -10.78 -17.16 -3.12
C ALA C 147 -11.80 -17.81 -2.20
N GLY C 148 -12.97 -17.20 -2.13
CA GLY C 148 -14.05 -17.72 -1.30
C GLY C 148 -14.54 -19.08 -1.77
N VAL C 149 -14.77 -19.21 -3.08
CA VAL C 149 -15.22 -20.49 -3.64
C VAL C 149 -14.22 -21.61 -3.40
N ASN C 150 -12.93 -21.29 -3.52
CA ASN C 150 -11.84 -22.27 -3.42
C ASN C 150 -11.33 -22.51 -1.99
N ASN C 151 -11.96 -21.84 -1.01
CA ASN C 151 -11.60 -22.01 0.40
C ASN C 151 -12.25 -23.32 0.88
N PHE C 152 -11.47 -24.40 0.82
CA PHE C 152 -12.02 -25.75 1.04
C PHE C 152 -12.52 -25.97 2.46
N GLY C 153 -13.74 -26.47 2.57
CA GLY C 153 -14.39 -26.72 3.88
C GLY C 153 -14.96 -25.44 4.49
N SER C 154 -14.92 -25.35 5.83
CA SER C 154 -15.38 -24.19 6.55
C SER C 154 -14.30 -23.14 6.65
N GLY C 155 -14.67 -21.87 6.54
CA GLY C 155 -13.71 -20.81 6.83
C GLY C 155 -14.22 -19.43 6.49
N TRP C 156 -13.27 -18.53 6.28
CA TRP C 156 -13.53 -17.09 6.06
C TRP C 156 -12.65 -16.60 4.99
N THR C 157 -13.14 -15.67 4.16
CA THR C 157 -12.29 -15.02 3.17
C THR C 157 -12.30 -13.52 3.45
N TRP C 158 -11.10 -12.94 3.46
CA TRP C 158 -10.86 -11.62 4.03
C TRP C 158 -10.24 -10.67 3.06
N LEU C 159 -10.60 -9.40 3.21
CA LEU C 159 -9.77 -8.34 2.66
C LEU C 159 -9.00 -7.71 3.81
N CYS C 160 -7.67 -7.67 3.71
CA CYS C 160 -6.83 -7.21 4.84
C CYS C 160 -5.88 -6.11 4.44
N VAL C 161 -5.43 -5.33 5.43
CA VAL C 161 -4.32 -4.41 5.29
C VAL C 161 -3.09 -5.09 5.89
N ASP C 162 -2.00 -5.13 5.14
CA ASP C 162 -0.73 -5.51 5.73
C ASP C 162 -0.17 -4.24 6.39
N PRO C 163 0.01 -4.25 7.73
CA PRO C 163 0.48 -3.04 8.41
C PRO C 163 1.91 -2.65 8.04
N GLN C 164 2.71 -3.63 7.61
CA GLN C 164 4.12 -3.44 7.23
C GLN C 164 4.29 -2.56 6.01
N THR C 165 3.39 -2.72 5.04
CA THR C 165 3.49 -2.09 3.73
C THR C 165 2.32 -1.16 3.40
N LYS C 166 1.25 -1.23 4.20
CA LYS C 166 -0.01 -0.49 3.94
C LYS C 166 -0.77 -1.02 2.69
N GLU C 167 -0.31 -2.15 2.15
CA GLU C 167 -0.97 -2.79 1.01
C GLU C 167 -2.22 -3.58 1.41
N LEU C 168 -3.13 -3.73 0.47
CA LEU C 168 -4.31 -4.58 0.64
C LEU C 168 -4.04 -5.97 0.06
N LEU C 169 -4.62 -6.98 0.69
CA LEU C 169 -4.52 -8.33 0.14
C LEU C 169 -5.74 -9.14 0.52
N ILE C 170 -6.04 -10.15 -0.31
CA ILE C 170 -7.06 -11.15 -0.01
C ILE C 170 -6.40 -12.32 0.70
N ASP C 171 -6.99 -12.76 1.79
CA ASP C 171 -6.45 -13.89 2.56
C ASP C 171 -7.61 -14.78 2.97
N SER C 172 -7.42 -16.09 2.92
CA SER C 172 -8.43 -17.04 3.35
C SER C 172 -7.97 -17.76 4.59
N THR C 173 -8.89 -17.96 5.53
CA THR C 173 -8.60 -18.78 6.73
C THR C 173 -9.52 -19.99 6.78
N SER C 174 -9.08 -21.03 7.48
CA SER C 174 -9.85 -22.26 7.68
C SER C 174 -10.48 -22.25 9.07
N ASN C 175 -11.73 -22.72 9.16
CA ASN C 175 -12.41 -22.92 10.44
C ASN C 175 -12.52 -21.60 11.20
N ALA C 176 -11.94 -21.48 12.40
CA ALA C 176 -12.00 -20.23 13.16
C ALA C 176 -10.80 -19.29 12.88
N GLY C 177 -9.90 -19.70 12.01
CA GLY C 177 -8.68 -18.91 11.70
C GLY C 177 -8.94 -17.42 11.54
N CYS C 178 -8.04 -16.60 12.09
CA CYS C 178 -8.28 -15.17 12.30
C CYS C 178 -7.01 -14.43 11.86
N PRO C 179 -7.14 -13.48 10.91
CA PRO C 179 -5.95 -12.80 10.37
C PRO C 179 -5.04 -12.11 11.40
N LEU C 180 -5.56 -11.68 12.54
CA LEU C 180 -4.68 -11.02 13.52
C LEU C 180 -3.56 -11.92 14.03
N THR C 181 -3.74 -13.24 13.96
CA THR C 181 -2.67 -14.16 14.41
C THR C 181 -1.45 -14.14 13.47
N SER C 182 -1.64 -13.63 12.26
CA SER C 182 -0.53 -13.44 11.34
C SER C 182 -0.15 -11.96 11.20
N GLY C 183 -0.73 -11.11 12.05
CA GLY C 183 -0.42 -9.68 12.04
C GLY C 183 -1.19 -8.86 11.02
N LEU C 184 -2.15 -9.49 10.33
CA LEU C 184 -2.94 -8.72 9.33
C LEU C 184 -4.11 -7.99 9.96
N ARG C 185 -4.51 -6.88 9.33
CA ARG C 185 -5.62 -6.09 9.84
C ARG C 185 -6.85 -6.20 8.91
N PRO C 186 -7.87 -6.96 9.34
CA PRO C 186 -9.06 -7.15 8.47
C PRO C 186 -9.88 -5.88 8.22
N ILE C 187 -10.36 -5.67 6.99
CA ILE C 187 -11.31 -4.57 6.72
C ILE C 187 -12.67 -5.06 6.19
N PHE C 188 -12.72 -6.32 5.74
CA PHE C 188 -13.91 -6.94 5.26
C PHE C 188 -13.73 -8.44 5.34
N THR C 189 -14.84 -9.14 5.56
CA THR C 189 -14.81 -10.60 5.53
C THR C 189 -16.11 -11.16 4.99
N ALA C 190 -16.00 -12.38 4.45
CA ALA C 190 -17.16 -13.16 4.10
C ALA C 190 -17.03 -14.52 4.79
N ASP C 191 -18.05 -14.88 5.56
CA ASP C 191 -18.19 -16.20 6.17
C ASP C 191 -18.45 -17.23 5.04
N VAL C 192 -17.59 -18.26 4.90
CA VAL C 192 -17.90 -19.34 3.96
C VAL C 192 -18.10 -20.71 4.62
N TRP C 193 -18.28 -20.74 5.95
CA TRP C 193 -18.91 -21.92 6.54
C TRP C 193 -20.20 -22.12 5.79
N GLU C 194 -20.58 -23.36 5.55
CA GLU C 194 -21.81 -23.62 4.80
C GLU C 194 -23.04 -23.08 5.47
N HIS C 195 -23.04 -23.04 6.80
CA HIS C 195 -24.20 -22.47 7.48
C HIS C 195 -24.46 -21.02 7.16
N ALA C 196 -23.47 -20.32 6.61
CA ALA C 196 -23.65 -18.89 6.34
C ALA C 196 -24.62 -18.66 5.19
N TYR C 197 -24.74 -19.65 4.31
CA TYR C 197 -25.52 -19.49 3.10
C TYR C 197 -26.42 -20.66 2.73
N TYR C 198 -26.35 -21.77 3.45
CA TYR C 198 -27.03 -22.97 2.98
C TYR C 198 -28.54 -22.79 3.01
N LYS C 199 -29.03 -22.00 3.96
CA LYS C 199 -30.46 -21.79 4.05
C LYS C 199 -30.98 -21.12 2.77
N ASP C 200 -30.27 -20.09 2.30
CA ASP C 200 -30.77 -19.27 1.21
C ASP C 200 -30.28 -19.73 -0.17
N PHE C 201 -29.13 -20.41 -0.20
CA PHE C 201 -28.46 -20.75 -1.45
C PHE C 201 -28.15 -22.22 -1.61
N GLU C 202 -28.42 -23.03 -0.59
CA GLU C 202 -28.06 -24.46 -0.58
C GLU C 202 -26.57 -24.61 -0.93
N ASN C 203 -26.23 -25.46 -1.89
CA ASN C 203 -24.82 -25.67 -2.27
C ASN C 203 -24.17 -24.50 -3.01
N ARG C 204 -24.94 -23.48 -3.40
CA ARG C 204 -24.43 -22.50 -4.37
C ARG C 204 -23.61 -21.38 -3.72
N ARG C 205 -22.44 -21.76 -3.20
CA ARG C 205 -21.55 -20.80 -2.51
C ARG C 205 -21.12 -19.69 -3.47
N ALA C 206 -20.93 -20.00 -4.75
CA ALA C 206 -20.50 -18.99 -5.72
C ALA C 206 -21.56 -17.90 -5.89
N ASP C 207 -22.81 -18.31 -6.00
CA ASP C 207 -23.93 -17.35 -6.10
C ASP C 207 -24.07 -16.48 -4.84
N TYR C 208 -23.90 -17.10 -3.67
CA TYR C 208 -23.88 -16.35 -2.43
C TYR C 208 -22.83 -15.23 -2.43
N LEU C 209 -21.59 -15.56 -2.78
CA LEU C 209 -20.51 -14.58 -2.78
C LEU C 209 -20.69 -13.50 -3.85
N LYS C 210 -21.25 -13.89 -4.98
CA LYS C 210 -21.56 -12.92 -6.05
C LYS C 210 -22.62 -11.93 -5.56
N GLU C 211 -23.64 -12.45 -4.88
CA GLU C 211 -24.73 -11.60 -4.39
C GLU C 211 -24.37 -10.80 -3.14
N LEU C 212 -23.43 -11.34 -2.35
CA LEU C 212 -23.02 -10.75 -1.07
C LEU C 212 -22.74 -9.25 -1.19
N TRP C 213 -22.12 -8.84 -2.31
CA TRP C 213 -21.77 -7.42 -2.56
C TRP C 213 -22.92 -6.45 -2.37
N GLN C 214 -24.14 -6.90 -2.69
CA GLN C 214 -25.32 -6.05 -2.58
C GLN C 214 -25.63 -5.56 -1.16
N ILE C 215 -25.11 -6.27 -0.15
CA ILE C 215 -25.39 -5.91 1.26
C ILE C 215 -24.13 -5.54 2.05
N VAL C 216 -23.03 -5.32 1.35
CA VAL C 216 -21.82 -4.89 2.03
C VAL C 216 -21.96 -3.44 2.48
N ASP C 217 -21.67 -3.20 3.76
CA ASP C 217 -21.55 -1.85 4.29
C ASP C 217 -20.14 -1.32 4.01
N TRP C 218 -19.96 -0.69 2.84
CA TRP C 218 -18.66 -0.20 2.44
C TRP C 218 -18.19 0.99 3.26
N GLU C 219 -19.11 1.68 3.95
CA GLU C 219 -18.70 2.78 4.83
C GLU C 219 -17.92 2.24 6.03
N PHE C 220 -18.37 1.11 6.56
CA PHE C 220 -17.65 0.46 7.65
C PHE C 220 -16.31 -0.04 7.12
N VAL C 221 -16.33 -0.67 5.94
CA VAL C 221 -15.08 -1.18 5.35
C VAL C 221 -14.06 -0.04 5.20
N CYS C 222 -14.52 1.11 4.71
CA CYS C 222 -13.63 2.26 4.51
C CYS C 222 -13.12 2.81 5.84
N HIS C 223 -14.01 2.86 6.82
CA HIS C 223 -13.61 3.28 8.17
C HIS C 223 -12.52 2.37 8.69
N MET C 224 -12.70 1.06 8.54
CA MET C 224 -11.66 0.11 8.93
C MET C 224 -10.36 0.31 8.15
N TYR C 225 -10.50 0.60 6.85
CA TYR C 225 -9.33 0.82 6.01
C TYR C 225 -8.52 2.04 6.50
N GLU C 226 -9.23 3.14 6.73
CA GLU C 226 -8.59 4.37 7.19
C GLU C 226 -7.90 4.15 8.55
N ARG C 227 -8.54 3.33 9.39
CA ARG C 227 -8.05 3.07 10.72
C ARG C 227 -6.79 2.18 10.69
N ALA C 228 -6.82 1.10 9.91
CA ALA C 228 -5.71 0.16 9.81
C ALA C 228 -4.45 0.70 9.15
N THR C 229 -4.60 1.76 8.34
CA THR C 229 -3.49 2.31 7.57
C THR C 229 -2.92 3.57 8.26
N LYS C 230 -3.56 4.01 9.35
CA LYS C 230 -3.13 5.21 10.09
C LYS C 230 -1.86 4.86 10.84
N LEU D 21 -1.87 -54.65 -5.09
CA LEU D 21 -2.24 -55.96 -4.45
C LEU D 21 -2.27 -55.86 -2.93
N CYS D 22 -3.12 -54.97 -2.43
CA CYS D 22 -3.35 -54.85 -1.00
C CYS D 22 -4.84 -54.63 -0.76
N TYR D 23 -5.23 -54.69 0.51
CA TYR D 23 -6.61 -54.51 0.93
C TYR D 23 -7.08 -53.11 0.52
N HIS D 24 -8.25 -53.04 -0.11
CA HIS D 24 -8.92 -51.77 -0.31
C HIS D 24 -10.25 -51.80 0.36
N THR D 25 -10.68 -50.66 0.87
CA THR D 25 -11.96 -50.54 1.54
C THR D 25 -13.11 -50.67 0.53
N LEU D 26 -12.99 -49.99 -0.61
CA LEU D 26 -13.95 -50.12 -1.71
C LEU D 26 -13.25 -50.51 -3.00
N PRO D 27 -12.96 -51.83 -3.18
CA PRO D 27 -12.15 -52.24 -4.36
C PRO D 27 -12.83 -51.91 -5.71
N HIS D 28 -14.15 -51.78 -5.71
CA HIS D 28 -14.91 -51.50 -6.93
CA HIS D 28 -14.95 -51.52 -6.90
C HIS D 28 -14.88 -50.04 -7.31
N LEU D 29 -14.52 -49.18 -6.36
CA LEU D 29 -14.48 -47.71 -6.64
C LEU D 29 -13.20 -47.29 -7.34
N ARG D 30 -13.31 -47.02 -8.64
CA ARG D 30 -12.14 -46.87 -9.51
C ARG D 30 -12.12 -45.57 -10.29
N TYR D 31 -10.97 -45.24 -10.87
CA TYR D 31 -10.82 -44.10 -11.79
C TYR D 31 -10.84 -44.60 -13.25
N PRO D 32 -11.46 -43.86 -14.20
CA PRO D 32 -12.16 -42.56 -14.12
C PRO D 32 -13.34 -42.63 -13.17
N ALA D 33 -13.52 -41.57 -12.39
CA ALA D 33 -14.51 -41.53 -11.32
C ALA D 33 -15.92 -41.49 -11.89
N GLU D 34 -16.85 -42.15 -11.21
CA GLU D 34 -18.27 -42.07 -11.57
C GLU D 34 -19.06 -41.98 -10.29
N LEU D 35 -20.15 -41.20 -10.28
CA LEU D 35 -21.04 -41.22 -9.13
C LEU D 35 -21.50 -42.67 -8.97
N PRO D 36 -21.45 -43.20 -7.74
CA PRO D 36 -21.86 -44.58 -7.57
C PRO D 36 -23.39 -44.72 -7.69
N THR D 37 -23.82 -45.87 -8.20
CA THR D 37 -25.23 -46.22 -8.20
C THR D 37 -25.68 -46.47 -6.78
N LEU D 38 -26.74 -45.83 -6.35
CA LEU D 38 -27.26 -46.06 -5.02
C LEU D 38 -28.06 -47.35 -4.96
N GLY D 39 -28.00 -48.04 -3.83
CA GLY D 39 -28.79 -49.27 -3.65
C GLY D 39 -30.29 -49.00 -3.52
N PHE D 40 -30.69 -47.75 -3.67
CA PHE D 40 -32.07 -47.35 -3.43
C PHE D 40 -32.40 -46.20 -4.35
N ASN D 41 -33.67 -45.85 -4.44
CA ASN D 41 -34.11 -44.74 -5.29
C ASN D 41 -33.93 -43.39 -4.60
N TYR D 42 -32.98 -42.61 -5.10
CA TYR D 42 -32.61 -41.34 -4.44
C TYR D 42 -33.72 -40.26 -4.43
N LYS D 43 -34.63 -40.33 -5.39
CA LYS D 43 -35.74 -39.38 -5.44
C LYS D 43 -36.65 -39.47 -4.21
N ASP D 44 -36.66 -40.62 -3.53
CA ASP D 44 -37.39 -40.73 -2.26
C ASP D 44 -36.52 -40.37 -1.02
N GLY D 45 -35.32 -39.86 -1.24
CA GLY D 45 -34.42 -39.54 -0.10
C GLY D 45 -33.95 -40.81 0.62
N ILE D 46 -33.72 -40.72 1.94
CA ILE D 46 -33.44 -41.91 2.78
C ILE D 46 -34.29 -41.82 4.06
N GLN D 47 -35.53 -42.28 3.94
CA GLN D 47 -36.51 -42.27 5.02
C GLN D 47 -36.11 -43.21 6.13
N PRO D 48 -36.38 -42.84 7.40
CA PRO D 48 -37.15 -41.64 7.83
C PRO D 48 -36.32 -40.39 8.16
N VAL D 49 -35.04 -40.38 7.80
CA VAL D 49 -34.09 -39.32 8.18
C VAL D 49 -33.74 -38.24 7.16
N MET D 50 -33.36 -38.61 5.94
CA MET D 50 -33.00 -37.61 4.91
C MET D 50 -34.12 -37.38 3.90
N SER D 51 -34.52 -36.12 3.72
CA SER D 51 -35.55 -35.74 2.75
C SER D 51 -35.02 -35.94 1.33
N PRO D 52 -35.93 -35.99 0.32
CA PRO D 52 -35.47 -36.09 -1.06
C PRO D 52 -34.56 -34.92 -1.46
N ARG D 53 -34.95 -33.70 -1.07
CA ARG D 53 -34.15 -32.52 -1.41
C ARG D 53 -32.75 -32.60 -0.77
N GLN D 54 -32.69 -32.96 0.52
CA GLN D 54 -31.39 -33.12 1.20
C GLN D 54 -30.49 -34.11 0.45
N LEU D 55 -31.04 -35.27 0.08
CA LEU D 55 -30.24 -36.25 -0.64
C LEU D 55 -29.88 -35.77 -2.05
N GLU D 56 -30.82 -35.11 -2.72
CA GLU D 56 -30.56 -34.60 -4.06
C GLU D 56 -29.40 -33.61 -4.05
N LEU D 57 -29.41 -32.68 -3.10
CA LEU D 57 -28.31 -31.71 -2.97
C LEU D 57 -27.00 -32.45 -2.73
N HIS D 58 -27.04 -33.40 -1.80
CA HIS D 58 -25.79 -34.02 -1.33
C HIS D 58 -25.15 -34.87 -2.41
N TYR D 59 -25.98 -35.67 -3.09
CA TYR D 59 -25.55 -36.62 -4.09
C TYR D 59 -25.35 -35.95 -5.45
N SER D 60 -26.40 -35.29 -5.96
CA SER D 60 -26.39 -34.69 -7.30
C SER D 60 -25.60 -33.40 -7.45
N LYS D 61 -25.40 -32.68 -6.35
CA LYS D 61 -24.63 -31.43 -6.42
C LYS D 61 -23.26 -31.59 -5.78
N HIS D 62 -23.22 -31.89 -4.49
CA HIS D 62 -21.95 -32.00 -3.75
C HIS D 62 -21.06 -33.13 -4.21
N HIS D 63 -21.58 -34.35 -4.19
CA HIS D 63 -20.77 -35.51 -4.58
C HIS D 63 -20.42 -35.44 -6.06
N SER D 64 -21.41 -35.12 -6.87
CA SER D 64 -21.21 -34.98 -8.33
C SER D 64 -20.07 -34.01 -8.70
N ALA D 65 -19.94 -32.91 -7.94
CA ALA D 65 -18.86 -31.94 -8.19
C ALA D 65 -17.49 -32.55 -7.93
N TYR D 66 -17.38 -33.37 -6.89
CA TYR D 66 -16.08 -34.01 -6.59
C TYR D 66 -15.69 -34.98 -7.69
N VAL D 67 -16.65 -35.76 -8.16
CA VAL D 67 -16.43 -36.70 -9.28
C VAL D 67 -15.96 -35.93 -10.53
N ASP D 68 -16.69 -34.86 -10.88
CA ASP D 68 -16.36 -34.05 -12.06
C ASP D 68 -14.97 -33.42 -11.98
N LYS D 69 -14.65 -32.83 -10.83
CA LYS D 69 -13.36 -32.21 -10.66
C LYS D 69 -12.22 -33.24 -10.67
N LEU D 70 -12.43 -34.39 -10.01
CA LEU D 70 -11.41 -35.42 -9.98
C LEU D 70 -11.03 -35.84 -11.40
N ASN D 71 -12.05 -35.96 -12.26
CA ASN D 71 -11.84 -36.36 -13.65
C ASN D 71 -11.03 -35.39 -14.51
N THR D 72 -10.90 -34.13 -14.07
CA THR D 72 -10.02 -33.16 -14.75
C THR D 72 -8.56 -33.32 -14.31
N LEU D 73 -8.33 -34.02 -13.20
CA LEU D 73 -7.01 -34.07 -12.56
C LEU D 73 -6.31 -35.44 -12.54
N GLY D 74 -7.06 -36.53 -12.75
CA GLY D 74 -6.50 -37.85 -12.50
C GLY D 74 -5.80 -38.58 -13.66
N LYS D 75 -5.55 -37.90 -14.78
CA LYS D 75 -4.96 -38.59 -15.94
C LYS D 75 -3.76 -39.39 -15.47
N GLY D 76 -3.71 -40.66 -15.88
CA GLY D 76 -2.63 -41.54 -15.47
C GLY D 76 -3.09 -42.57 -14.45
N TYR D 77 -4.25 -42.34 -13.86
CA TYR D 77 -4.77 -43.26 -12.84
C TYR D 77 -5.84 -44.22 -13.39
N GLU D 78 -5.98 -44.30 -14.71
CA GLU D 78 -7.01 -45.18 -15.32
C GLU D 78 -6.89 -46.65 -14.88
N GLY D 79 -8.02 -47.22 -14.47
CA GLY D 79 -8.06 -48.61 -14.02
C GLY D 79 -7.74 -48.80 -12.54
N LYS D 80 -7.15 -47.78 -11.93
CA LYS D 80 -6.76 -47.84 -10.53
C LYS D 80 -7.91 -47.48 -9.58
N THR D 81 -7.79 -47.88 -8.32
CA THR D 81 -8.75 -47.49 -7.29
C THR D 81 -8.59 -46.02 -6.93
N ILE D 82 -9.70 -45.44 -6.48
CA ILE D 82 -9.68 -44.08 -5.94
C ILE D 82 -8.77 -44.06 -4.71
N GLU D 83 -8.79 -45.17 -3.96
CA GLU D 83 -7.93 -45.28 -2.79
C GLU D 83 -6.46 -45.15 -3.15
N GLU D 84 -6.03 -45.70 -4.30
CA GLU D 84 -4.64 -45.54 -4.71
C GLU D 84 -4.32 -44.06 -4.96
N ILE D 85 -5.27 -43.29 -5.49
CA ILE D 85 -5.05 -41.84 -5.68
C ILE D 85 -4.81 -41.15 -4.34
N ILE D 86 -5.69 -41.44 -3.39
CA ILE D 86 -5.64 -40.87 -2.04
C ILE D 86 -4.30 -41.14 -1.39
N LEU D 87 -3.84 -42.39 -1.44
CA LEU D 87 -2.57 -42.79 -0.87
C LEU D 87 -1.36 -42.16 -1.58
N ALA D 88 -1.47 -41.99 -2.89
CA ALA D 88 -0.40 -41.36 -3.66
C ALA D 88 -0.28 -39.84 -3.45
N THR D 89 -1.38 -39.17 -3.07
CA THR D 89 -1.42 -37.71 -2.97
C THR D 89 -1.48 -37.17 -1.55
N THR D 90 -1.68 -38.05 -0.58
CA THR D 90 -1.73 -37.60 0.80
C THR D 90 -0.41 -36.98 1.27
N GLY D 91 -0.49 -35.80 1.86
CA GLY D 91 0.72 -35.10 2.35
C GLY D 91 1.65 -34.61 1.27
N ILE D 92 1.15 -34.58 0.02
CA ILE D 92 1.88 -33.96 -1.08
C ILE D 92 1.25 -32.58 -1.38
N ASN D 93 1.94 -31.53 -0.93
CA ASN D 93 1.36 -30.18 -0.93
C ASN D 93 0.82 -29.74 -2.30
N GLU D 94 1.57 -30.02 -3.36
CA GLU D 94 1.20 -29.58 -4.71
C GLU D 94 0.04 -30.41 -5.31
N SER D 95 -0.36 -31.47 -4.61
CA SER D 95 -1.46 -32.32 -5.06
C SER D 95 -2.71 -32.21 -4.17
N LYS D 96 -2.80 -31.13 -3.39
CA LYS D 96 -3.88 -31.04 -2.40
C LYS D 96 -5.27 -31.05 -3.02
N VAL D 97 -5.48 -30.31 -4.10
CA VAL D 97 -6.79 -30.27 -4.72
C VAL D 97 -7.23 -31.65 -5.21
N MET D 98 -6.34 -32.39 -5.86
CA MET D 98 -6.66 -33.75 -6.28
C MET D 98 -6.93 -34.67 -5.08
N PHE D 99 -6.08 -34.61 -4.05
CA PHE D 99 -6.35 -35.35 -2.82
C PHE D 99 -7.77 -35.10 -2.32
N ASN D 100 -8.10 -33.81 -2.16
CA ASN D 100 -9.42 -33.45 -1.65
C ASN D 100 -10.55 -34.07 -2.47
N GLN D 101 -10.44 -33.99 -3.80
CA GLN D 101 -11.46 -34.54 -4.67
C GLN D 101 -11.50 -36.06 -4.56
N ALA D 102 -10.33 -36.74 -4.58
CA ALA D 102 -10.32 -38.22 -4.47
C ALA D 102 -10.89 -38.69 -3.11
N ALA D 103 -10.38 -38.09 -2.04
CA ALA D 103 -10.81 -38.46 -0.69
C ALA D 103 -12.29 -38.16 -0.49
N GLN D 104 -12.78 -37.02 -0.98
CA GLN D 104 -14.23 -36.75 -0.84
C GLN D 104 -15.10 -37.70 -1.65
N HIS D 105 -14.64 -38.08 -2.83
CA HIS D 105 -15.36 -39.06 -3.66
C HIS D 105 -15.45 -40.36 -2.89
N PHE D 106 -14.30 -40.82 -2.39
CA PHE D 106 -14.27 -42.04 -1.59
C PHE D 106 -15.18 -41.92 -0.36
N ASN D 107 -15.02 -40.83 0.40
CA ASN D 107 -15.80 -40.66 1.65
C ASN D 107 -17.30 -40.71 1.42
N HIS D 108 -17.78 -40.03 0.37
CA HIS D 108 -19.23 -40.03 0.08
C HIS D 108 -19.71 -41.38 -0.39
N SER D 109 -18.93 -42.02 -1.26
CA SER D 109 -19.31 -43.34 -1.79
C SER D 109 -19.42 -44.33 -0.65
N PHE D 110 -18.51 -44.22 0.30
CA PHE D 110 -18.53 -45.10 1.47
C PHE D 110 -19.76 -44.82 2.32
N PHE D 111 -20.04 -43.52 2.54
CA PHE D 111 -21.22 -43.06 3.27
C PHE D 111 -22.53 -43.63 2.68
N TRP D 112 -22.69 -43.58 1.36
CA TRP D 112 -23.91 -44.10 0.73
C TRP D 112 -24.07 -45.57 1.00
N LYS D 113 -22.98 -46.33 0.97
CA LYS D 113 -23.07 -47.77 1.29
C LYS D 113 -23.52 -48.05 2.73
N CYS D 114 -23.33 -47.07 3.64
CA CYS D 114 -23.59 -47.24 5.05
C CYS D 114 -25.02 -46.95 5.34
N LEU D 115 -25.80 -46.54 4.32
CA LEU D 115 -27.17 -46.04 4.55
C LEU D 115 -28.17 -46.79 3.71
N SER D 116 -29.38 -46.90 4.23
CA SER D 116 -30.45 -47.59 3.51
C SER D 116 -31.79 -47.12 4.08
N PRO D 117 -32.82 -46.92 3.22
CA PRO D 117 -34.13 -46.53 3.74
C PRO D 117 -34.61 -47.49 4.83
N GLY D 118 -34.94 -46.96 6.00
CA GLY D 118 -35.42 -47.79 7.12
C GLY D 118 -34.29 -48.53 7.86
N GLY D 119 -33.07 -48.41 7.34
CA GLY D 119 -31.88 -49.05 7.95
C GLY D 119 -31.93 -50.57 7.81
N LYS D 120 -30.88 -51.25 8.26
CA LYS D 120 -30.89 -52.73 8.36
C LYS D 120 -30.41 -53.14 9.75
N PRO D 121 -31.05 -54.13 10.39
CA PRO D 121 -30.70 -54.50 11.77
C PRO D 121 -29.23 -54.96 11.93
N MET D 122 -28.68 -54.68 13.10
CA MET D 122 -27.30 -55.05 13.39
C MET D 122 -27.14 -56.55 13.59
N PRO D 123 -26.31 -57.20 12.75
CA PRO D 123 -26.09 -58.62 12.99
C PRO D 123 -25.32 -58.85 14.29
N LYS D 124 -25.46 -60.06 14.82
CA LYS D 124 -24.93 -60.41 16.13
C LYS D 124 -23.40 -60.35 16.18
N THR D 125 -22.72 -60.74 15.09
CA THR D 125 -21.25 -60.69 14.99
C THR D 125 -20.75 -59.26 15.27
N LEU D 126 -21.43 -58.30 14.66
CA LEU D 126 -21.02 -56.90 14.82
C LEU D 126 -21.40 -56.37 16.18
N GLU D 127 -22.60 -56.70 16.64
CA GLU D 127 -23.04 -56.28 17.96
C GLU D 127 -22.06 -56.73 19.05
N ASN D 128 -21.64 -58.00 18.95
CA ASN D 128 -20.69 -58.58 19.92
C ASN D 128 -19.36 -57.82 19.87
N ALA D 129 -18.89 -57.54 18.66
CA ALA D 129 -17.64 -56.81 18.47
C ALA D 129 -17.67 -55.38 19.04
N ILE D 130 -18.77 -54.66 18.79
CA ILE D 130 -18.92 -53.30 19.31
C ILE D 130 -19.05 -53.32 20.83
N ALA D 131 -19.83 -54.25 21.34
CA ALA D 131 -19.98 -54.38 22.82
C ALA D 131 -18.64 -54.75 23.47
N LYS D 132 -17.89 -55.64 22.83
CA LYS D 132 -16.59 -56.04 23.36
C LYS D 132 -15.66 -54.84 23.51
N GLN D 133 -15.70 -53.92 22.54
CA GLN D 133 -14.77 -52.77 22.58
C GLN D 133 -15.24 -51.64 23.49
N PHE D 134 -16.53 -51.29 23.40
CA PHE D 134 -17.08 -50.08 23.98
C PHE D 134 -18.02 -50.35 25.18
N GLY D 135 -18.20 -51.62 25.55
CA GLY D 135 -19.02 -51.96 26.74
C GLY D 135 -20.42 -52.30 26.32
N SER D 136 -20.97 -51.48 25.40
CA SER D 136 -22.28 -51.73 24.80
C SER D 136 -22.42 -50.99 23.47
N VAL D 137 -23.37 -51.45 22.65
CA VAL D 137 -23.74 -50.71 21.45
C VAL D 137 -24.21 -49.27 21.81
N ASP D 138 -25.00 -49.15 22.88
CA ASP D 138 -25.44 -47.82 23.36
C ASP D 138 -24.27 -46.90 23.73
N ASP D 139 -23.32 -47.42 24.50
CA ASP D 139 -22.16 -46.63 24.87
C ASP D 139 -21.38 -46.23 23.63
N PHE D 140 -21.28 -47.14 22.66
CA PHE D 140 -20.64 -46.78 21.40
C PHE D 140 -21.35 -45.61 20.72
N MET D 141 -22.67 -45.70 20.55
CA MET D 141 -23.39 -44.65 19.86
C MET D 141 -23.25 -43.31 20.55
N VAL D 142 -23.29 -43.30 21.89
CA VAL D 142 -23.12 -42.06 22.64
C VAL D 142 -21.75 -41.44 22.35
N SER D 143 -20.71 -42.26 22.37
CA SER D 143 -19.35 -41.78 22.10
C SER D 143 -19.23 -41.30 20.67
N PHE D 144 -19.86 -42.02 19.76
CA PHE D 144 -19.81 -41.66 18.33
C PHE D 144 -20.49 -40.31 18.09
N GLN D 145 -21.70 -40.14 18.64
CA GLN D 145 -22.42 -38.87 18.57
C GLN D 145 -21.61 -37.73 19.15
N GLN D 146 -21.00 -37.95 20.31
CA GLN D 146 -20.14 -36.92 20.93
C GLN D 146 -18.94 -36.52 20.04
N ALA D 147 -18.26 -37.52 19.45
CA ALA D 147 -17.16 -37.24 18.52
C ALA D 147 -17.63 -36.40 17.31
N GLY D 148 -18.74 -36.80 16.69
CA GLY D 148 -19.31 -36.02 15.58
C GLY D 148 -19.70 -34.59 15.95
N VAL D 149 -20.34 -34.40 17.09
CA VAL D 149 -20.72 -33.07 17.56
C VAL D 149 -19.51 -32.18 17.80
N ASN D 150 -18.44 -32.75 18.33
CA ASN D 150 -17.25 -31.98 18.68
C ASN D 150 -16.21 -31.84 17.59
N ASN D 151 -16.51 -32.42 16.44
CA ASN D 151 -15.66 -32.30 15.26
C ASN D 151 -15.81 -30.87 14.70
N PHE D 152 -14.87 -30.00 15.05
CA PHE D 152 -15.01 -28.58 14.75
C PHE D 152 -14.86 -28.33 13.26
N GLY D 153 -15.83 -27.62 12.69
CA GLY D 153 -15.83 -27.28 11.24
C GLY D 153 -16.35 -28.47 10.42
N SER D 154 -15.86 -28.65 9.21
CA SER D 154 -16.36 -29.75 8.35
C SER D 154 -15.50 -31.00 8.57
N GLY D 155 -16.12 -32.16 8.40
CA GLY D 155 -15.35 -33.39 8.40
C GLY D 155 -16.23 -34.61 8.51
N TRP D 156 -15.66 -35.68 9.05
CA TRP D 156 -16.27 -37.00 9.06
C TRP D 156 -15.96 -37.64 10.40
N THR D 157 -16.85 -38.50 10.87
CA THR D 157 -16.60 -39.27 12.08
C THR D 157 -16.70 -40.75 11.71
N TRP D 158 -15.71 -41.53 12.14
CA TRP D 158 -15.54 -42.91 11.66
C TRP D 158 -15.54 -43.93 12.74
N LEU D 159 -16.08 -45.12 12.44
CA LEU D 159 -15.75 -46.33 13.18
C LEU D 159 -14.83 -47.15 12.28
N CYS D 160 -13.66 -47.48 12.80
CA CYS D 160 -12.65 -48.18 12.03
C CYS D 160 -12.15 -49.40 12.77
N VAL D 161 -11.53 -50.30 12.00
CA VAL D 161 -10.78 -51.42 12.51
C VAL D 161 -9.30 -51.06 12.40
N ASP D 162 -8.54 -51.28 13.45
CA ASP D 162 -7.10 -51.19 13.36
C ASP D 162 -6.59 -52.60 13.03
N PRO D 163 -6.07 -52.81 11.80
CA PRO D 163 -5.77 -54.18 11.38
C PRO D 163 -4.66 -54.82 12.19
N GLN D 164 -3.80 -54.00 12.78
CA GLN D 164 -2.69 -54.51 13.63
C GLN D 164 -3.17 -55.15 14.94
N THR D 165 -4.20 -54.58 15.56
CA THR D 165 -4.63 -55.00 16.89
C THR D 165 -6.01 -55.61 16.89
N LYS D 166 -6.74 -55.46 15.77
CA LYS D 166 -8.16 -55.84 15.66
C LYS D 166 -9.09 -55.03 16.57
N GLU D 167 -8.59 -53.93 17.13
CA GLU D 167 -9.40 -53.02 17.91
C GLU D 167 -10.34 -52.26 16.99
N LEU D 168 -11.51 -51.91 17.51
CA LEU D 168 -12.40 -50.92 16.88
C LEU D 168 -12.13 -49.56 17.52
N LEU D 169 -12.10 -48.51 16.68
CA LEU D 169 -11.77 -47.17 17.13
C LEU D 169 -12.73 -46.17 16.51
N ILE D 170 -13.15 -45.18 17.29
CA ILE D 170 -13.81 -44.00 16.76
C ILE D 170 -12.74 -42.93 16.44
N ASP D 171 -12.79 -42.40 15.22
CA ASP D 171 -11.82 -41.46 14.71
C ASP D 171 -12.60 -40.32 14.05
N SER D 172 -12.18 -39.08 14.27
CA SER D 172 -12.79 -37.94 13.56
C SER D 172 -11.72 -37.35 12.62
N THR D 173 -12.11 -37.00 11.39
CA THR D 173 -11.17 -36.32 10.49
C THR D 173 -11.74 -34.97 10.09
N SER D 174 -10.86 -34.09 9.65
CA SER D 174 -11.25 -32.74 9.26
C SER D 174 -11.30 -32.67 7.74
N ASN D 175 -12.33 -32.02 7.21
CA ASN D 175 -12.46 -31.71 5.77
C ASN D 175 -12.52 -32.97 4.92
N ALA D 176 -11.52 -33.24 4.07
CA ALA D 176 -11.54 -34.46 3.24
C ALA D 176 -10.76 -35.62 3.88
N GLY D 177 -10.17 -35.35 5.05
CA GLY D 177 -9.36 -36.35 5.79
C GLY D 177 -10.04 -37.72 5.83
N CYS D 178 -9.22 -38.76 5.73
CA CYS D 178 -9.73 -40.12 5.53
C CYS D 178 -8.80 -41.06 6.31
N PRO D 179 -9.31 -41.90 7.22
CA PRO D 179 -8.41 -42.74 8.07
C PRO D 179 -7.55 -43.76 7.31
N LEU D 180 -7.90 -44.03 6.05
CA LEU D 180 -7.07 -44.85 5.16
C LEU D 180 -5.64 -44.39 5.17
N THR D 181 -5.46 -43.08 5.28
CA THR D 181 -4.12 -42.55 5.18
C THR D 181 -3.28 -42.86 6.43
N SER D 182 -3.90 -43.29 7.53
CA SER D 182 -3.08 -43.74 8.66
C SER D 182 -3.11 -45.25 8.88
N GLY D 183 -3.56 -45.97 7.85
CA GLY D 183 -3.52 -47.44 7.89
C GLY D 183 -4.75 -48.06 8.53
N LEU D 184 -5.74 -47.24 8.90
CA LEU D 184 -6.98 -47.74 9.51
C LEU D 184 -7.99 -48.21 8.44
N ARG D 185 -8.88 -49.13 8.81
CA ARG D 185 -9.89 -49.65 7.87
C ARG D 185 -11.30 -49.27 8.32
N PRO D 186 -11.89 -48.26 7.66
CA PRO D 186 -13.25 -47.83 8.00
C PRO D 186 -14.29 -48.94 7.84
N ILE D 187 -15.26 -48.97 8.75
CA ILE D 187 -16.43 -49.84 8.61
C ILE D 187 -17.73 -49.03 8.66
N PHE D 188 -17.69 -47.79 9.14
CA PHE D 188 -18.88 -46.93 9.16
C PHE D 188 -18.41 -45.48 9.20
N THR D 189 -19.14 -44.60 8.52
CA THR D 189 -18.86 -43.16 8.64
C THR D 189 -20.14 -42.34 8.74
N ALA D 190 -20.02 -41.14 9.33
CA ALA D 190 -21.08 -40.13 9.27
C ALA D 190 -20.43 -38.86 8.74
N ASP D 191 -21.03 -38.29 7.71
CA ASP D 191 -20.57 -37.00 7.16
C ASP D 191 -21.01 -35.91 8.14
N VAL D 192 -20.07 -35.09 8.64
CA VAL D 192 -20.47 -33.96 9.46
C VAL D 192 -20.11 -32.60 8.88
N TRP D 193 -19.77 -32.55 7.59
CA TRP D 193 -19.94 -31.29 6.86
C TRP D 193 -21.35 -30.80 7.05
N GLU D 194 -21.50 -29.49 7.20
CA GLU D 194 -22.83 -28.91 7.47
C GLU D 194 -23.82 -29.19 6.36
N HIS D 195 -23.34 -29.30 5.12
CA HIS D 195 -24.21 -29.66 3.99
C HIS D 195 -24.87 -31.01 4.12
N ALA D 196 -24.33 -31.90 4.97
CA ALA D 196 -24.92 -33.25 5.13
C ALA D 196 -26.30 -33.20 5.78
N TYR D 197 -26.52 -32.20 6.64
CA TYR D 197 -27.71 -32.16 7.48
C TYR D 197 -28.47 -30.82 7.48
N TYR D 198 -27.92 -29.77 6.85
CA TYR D 198 -28.48 -28.42 7.04
C TYR D 198 -29.88 -28.24 6.47
N LYS D 199 -30.17 -28.91 5.36
CA LYS D 199 -31.48 -28.86 4.74
C LYS D 199 -32.57 -29.38 5.69
N ASP D 200 -32.28 -30.51 6.34
CA ASP D 200 -33.28 -31.19 7.19
C ASP D 200 -33.22 -30.82 8.67
N PHE D 201 -32.05 -30.38 9.14
CA PHE D 201 -31.80 -30.17 10.57
C PHE D 201 -31.29 -28.78 10.91
N GLU D 202 -30.97 -27.98 9.89
CA GLU D 202 -30.37 -26.66 10.09
C GLU D 202 -29.13 -26.79 11.00
N ASN D 203 -29.04 -26.02 12.07
CA ASN D 203 -27.86 -26.05 12.94
C ASN D 203 -27.80 -27.31 13.82
N ARG D 204 -28.87 -28.08 13.82
CA ARG D 204 -29.03 -29.18 14.80
C ARG D 204 -28.20 -30.46 14.52
N ARG D 205 -26.88 -30.29 14.47
CA ARG D 205 -26.03 -31.43 14.17
C ARG D 205 -26.23 -32.59 15.13
N ALA D 206 -26.32 -32.31 16.43
CA ALA D 206 -26.53 -33.38 17.41
C ALA D 206 -27.81 -34.21 17.16
N ASP D 207 -28.90 -33.54 16.78
CA ASP D 207 -30.13 -34.28 16.41
C ASP D 207 -29.96 -35.17 15.19
N TYR D 208 -29.28 -34.64 14.17
CA TYR D 208 -28.94 -35.39 12.97
C TYR D 208 -28.20 -36.68 13.34
N LEU D 209 -27.16 -36.55 14.16
CA LEU D 209 -26.33 -37.72 14.51
C LEU D 209 -27.12 -38.76 15.27
N LYS D 210 -28.00 -38.29 16.17
CA LYS D 210 -28.83 -39.20 16.97
C LYS D 210 -29.86 -39.91 16.08
N GLU D 211 -30.42 -39.19 15.12
CA GLU D 211 -31.45 -39.76 14.21
C GLU D 211 -30.83 -40.63 13.13
N LEU D 212 -29.56 -40.38 12.82
CA LEU D 212 -28.86 -41.09 11.76
C LEU D 212 -28.91 -42.62 11.93
N TRP D 213 -28.90 -43.10 13.17
CA TRP D 213 -28.91 -44.55 13.44
C TRP D 213 -30.05 -45.30 12.78
N GLN D 214 -31.15 -44.61 12.54
CA GLN D 214 -32.35 -45.21 11.95
C GLN D 214 -32.15 -45.63 10.48
N ILE D 215 -31.14 -45.09 9.82
CA ILE D 215 -30.93 -45.45 8.41
C ILE D 215 -29.60 -46.13 8.16
N VAL D 216 -28.95 -46.56 9.24
CA VAL D 216 -27.67 -47.21 9.07
C VAL D 216 -27.89 -48.63 8.56
N ASP D 217 -27.25 -48.97 7.44
CA ASP D 217 -27.25 -50.32 6.93
C ASP D 217 -26.18 -51.12 7.68
N TRP D 218 -26.57 -51.74 8.77
CA TRP D 218 -25.60 -52.46 9.59
C TRP D 218 -25.11 -53.74 8.96
N GLU D 219 -25.83 -54.24 7.97
CA GLU D 219 -25.36 -55.43 7.25
C GLU D 219 -24.11 -55.09 6.45
N PHE D 220 -24.11 -53.91 5.82
CA PHE D 220 -22.91 -53.42 5.15
C PHE D 220 -21.76 -53.24 6.15
N VAL D 221 -22.06 -52.59 7.29
CA VAL D 221 -21.00 -52.32 8.32
C VAL D 221 -20.38 -53.66 8.78
N CYS D 222 -21.24 -54.66 9.00
CA CYS D 222 -20.76 -55.99 9.43
C CYS D 222 -19.91 -56.67 8.35
N HIS D 223 -20.36 -56.61 7.10
CA HIS D 223 -19.57 -57.06 5.94
C HIS D 223 -18.20 -56.46 5.98
N MET D 224 -18.13 -55.13 6.12
CA MET D 224 -16.86 -54.45 6.22
C MET D 224 -16.03 -54.91 7.41
N TYR D 225 -16.67 -55.07 8.57
CA TYR D 225 -15.97 -55.53 9.75
C TYR D 225 -15.29 -56.89 9.53
N GLU D 226 -16.03 -57.83 8.93
CA GLU D 226 -15.56 -59.18 8.75
C GLU D 226 -14.32 -59.19 7.86
N ARG D 227 -14.34 -58.43 6.75
CA ARG D 227 -13.18 -58.43 5.86
C ARG D 227 -12.00 -57.61 6.40
N ALA D 228 -12.31 -56.54 7.10
CA ALA D 228 -11.28 -55.68 7.71
C ALA D 228 -10.47 -56.37 8.79
N THR D 229 -11.09 -57.29 9.52
CA THR D 229 -10.45 -57.92 10.69
C THR D 229 -9.85 -59.25 10.34
N LYS D 230 -10.01 -59.66 9.08
CA LYS D 230 -9.47 -60.93 8.63
C LYS D 230 -7.96 -61.00 8.83
N CYS E 22 2.63 -12.82 -71.28
CA CYS E 22 2.73 -13.72 -70.09
C CYS E 22 1.37 -14.39 -69.77
N TYR E 23 1.42 -15.44 -68.94
CA TYR E 23 0.22 -16.26 -68.65
C TYR E 23 -0.87 -15.53 -67.86
N HIS E 24 -2.09 -15.54 -68.38
CA HIS E 24 -3.24 -15.02 -67.67
C HIS E 24 -4.28 -16.09 -67.54
N THR E 25 -4.79 -16.26 -66.33
CA THR E 25 -5.92 -17.17 -66.05
C THR E 25 -7.18 -16.76 -66.82
N LEU E 26 -7.45 -15.45 -66.83
CA LEU E 26 -8.62 -14.89 -67.51
C LEU E 26 -8.18 -13.75 -68.43
N PRO E 27 -7.58 -14.10 -69.58
CA PRO E 27 -6.98 -13.09 -70.46
C PRO E 27 -7.98 -12.06 -71.01
N HIS E 28 -9.27 -12.40 -71.05
CA HIS E 28 -10.27 -11.47 -71.56
C HIS E 28 -10.92 -10.65 -70.47
N LEU E 29 -10.59 -10.91 -69.21
CA LEU E 29 -11.08 -10.05 -68.13
C LEU E 29 -10.22 -8.78 -68.02
N ARG E 30 -10.76 -7.66 -68.47
CA ARG E 30 -9.97 -6.44 -68.58
C ARG E 30 -10.57 -5.18 -67.92
N TYR E 31 -9.79 -4.10 -67.93
CA TYR E 31 -10.18 -2.81 -67.39
C TYR E 31 -10.48 -1.86 -68.56
N PRO E 32 -11.53 -1.00 -68.46
CA PRO E 32 -12.50 -0.78 -67.37
C PRO E 32 -13.31 -2.03 -67.08
N ALA E 33 -13.52 -2.27 -65.79
CA ALA E 33 -14.11 -3.51 -65.32
C ALA E 33 -15.61 -3.53 -65.58
N GLU E 34 -16.12 -4.74 -65.78
CA GLU E 34 -17.54 -4.96 -66.04
C GLU E 34 -17.91 -6.25 -65.38
N LEU E 35 -19.11 -6.31 -64.81
CA LEU E 35 -19.61 -7.60 -64.29
C LEU E 35 -19.66 -8.59 -65.46
N PRO E 36 -19.17 -9.81 -65.26
CA PRO E 36 -19.13 -10.77 -66.39
C PRO E 36 -20.50 -11.35 -66.69
N THR E 37 -20.67 -11.77 -67.93
CA THR E 37 -21.83 -12.51 -68.36
C THR E 37 -21.69 -13.92 -67.78
N LEU E 38 -22.72 -14.37 -67.08
CA LEU E 38 -22.68 -15.69 -66.48
C LEU E 38 -23.01 -16.73 -67.53
N GLY E 39 -22.58 -17.97 -67.33
CA GLY E 39 -23.12 -19.04 -68.21
C GLY E 39 -24.65 -19.23 -68.25
N PHE E 40 -25.38 -18.52 -67.38
CA PHE E 40 -26.76 -18.88 -67.05
C PHE E 40 -27.54 -17.64 -66.58
N ASN E 41 -28.86 -17.76 -66.49
CA ASN E 41 -29.69 -16.65 -66.02
C ASN E 41 -29.38 -16.22 -64.56
N TYR E 42 -28.92 -14.97 -64.41
CA TYR E 42 -28.51 -14.44 -63.10
C TYR E 42 -29.65 -14.22 -62.10
N LYS E 43 -30.90 -14.40 -62.55
CA LYS E 43 -32.07 -14.29 -61.69
C LYS E 43 -32.55 -15.69 -61.24
N ASP E 44 -32.00 -16.76 -61.82
CA ASP E 44 -32.48 -18.12 -61.51
C ASP E 44 -31.58 -18.91 -60.53
N GLY E 45 -30.66 -18.25 -59.85
CA GLY E 45 -29.75 -18.97 -58.94
C GLY E 45 -28.82 -19.96 -59.66
N ILE E 46 -28.19 -20.85 -58.88
CA ILE E 46 -27.42 -21.98 -59.41
C ILE E 46 -27.89 -23.25 -58.69
N GLN E 47 -28.96 -23.83 -59.23
CA GLN E 47 -29.58 -25.00 -58.60
C GLN E 47 -28.71 -26.26 -58.77
N PRO E 48 -28.79 -27.19 -57.81
CA PRO E 48 -29.67 -27.29 -56.61
C PRO E 48 -29.05 -26.64 -55.37
N VAL E 49 -27.96 -25.91 -55.57
CA VAL E 49 -27.19 -25.36 -54.43
C VAL E 49 -27.42 -23.90 -54.01
N MET E 50 -27.45 -22.96 -54.97
CA MET E 50 -27.59 -21.53 -54.64
C MET E 50 -28.96 -21.03 -55.07
N SER E 51 -29.67 -20.42 -54.13
CA SER E 51 -30.99 -19.86 -54.41
C SER E 51 -30.85 -18.63 -55.32
N PRO E 52 -31.93 -18.24 -56.00
CA PRO E 52 -31.92 -16.98 -56.76
C PRO E 52 -31.47 -15.78 -55.92
N ARG E 53 -31.96 -15.64 -54.68
CA ARG E 53 -31.56 -14.48 -53.84
C ARG E 53 -30.07 -14.55 -53.46
N GLN E 54 -29.59 -15.73 -53.10
CA GLN E 54 -28.12 -15.92 -52.80
C GLN E 54 -27.25 -15.46 -53.94
N LEU E 55 -27.61 -15.85 -55.16
CA LEU E 55 -26.80 -15.48 -56.30
C LEU E 55 -26.97 -14.00 -56.57
N GLU E 56 -28.22 -13.50 -56.46
CA GLU E 56 -28.47 -12.10 -56.75
C GLU E 56 -27.64 -11.20 -55.83
N LEU E 57 -27.58 -11.54 -54.54
CA LEU E 57 -26.85 -10.76 -53.57
C LEU E 57 -25.39 -10.79 -53.94
N HIS E 58 -24.95 -11.98 -54.26
CA HIS E 58 -23.49 -12.19 -54.43
C HIS E 58 -22.97 -11.51 -55.68
N TYR E 59 -23.74 -11.63 -56.76
CA TYR E 59 -23.38 -11.12 -58.08
C TYR E 59 -23.77 -9.67 -58.22
N SER E 60 -25.04 -9.33 -57.95
CA SER E 60 -25.54 -8.00 -58.26
C SER E 60 -25.22 -6.99 -57.18
N LYS E 61 -24.91 -7.46 -55.98
CA LYS E 61 -24.55 -6.54 -54.90
C LYS E 61 -23.06 -6.60 -54.60
N HIS E 62 -22.57 -7.76 -54.15
CA HIS E 62 -21.15 -7.86 -53.75
C HIS E 62 -20.18 -7.69 -54.91
N HIS E 63 -20.31 -8.54 -55.92
CA HIS E 63 -19.42 -8.44 -57.08
C HIS E 63 -19.57 -7.09 -57.77
N SER E 64 -20.81 -6.66 -58.01
CA SER E 64 -21.03 -5.36 -58.65
C SER E 64 -20.31 -4.20 -57.94
N ALA E 65 -20.33 -4.19 -56.61
CA ALA E 65 -19.65 -3.13 -55.84
C ALA E 65 -18.13 -3.10 -56.06
N TYR E 66 -17.50 -4.27 -56.15
CA TYR E 66 -16.07 -4.33 -56.46
C TYR E 66 -15.76 -3.74 -57.84
N VAL E 67 -16.55 -4.13 -58.85
CA VAL E 67 -16.43 -3.57 -60.20
C VAL E 67 -16.51 -2.03 -60.16
N ASP E 68 -17.59 -1.52 -59.55
CA ASP E 68 -17.84 -0.06 -59.50
C ASP E 68 -16.70 0.66 -58.78
N LYS E 69 -16.24 0.12 -57.66
CA LYS E 69 -15.17 0.75 -56.89
C LYS E 69 -13.85 0.76 -57.66
N LEU E 70 -13.47 -0.38 -58.24
CA LEU E 70 -12.29 -0.47 -59.08
C LEU E 70 -12.26 0.62 -60.16
N ASN E 71 -13.39 0.80 -60.84
CA ASN E 71 -13.50 1.78 -61.91
C ASN E 71 -13.32 3.23 -61.44
N THR E 72 -13.43 3.46 -60.14
CA THR E 72 -13.13 4.81 -59.63
C THR E 72 -11.63 5.00 -59.45
N LEU E 73 -10.87 3.91 -59.45
CA LEU E 73 -9.46 3.93 -59.04
C LEU E 73 -8.45 3.56 -60.13
N GLY E 74 -8.89 2.92 -61.21
CA GLY E 74 -7.95 2.33 -62.16
C GLY E 74 -7.50 3.17 -63.35
N LYS E 75 -7.58 4.50 -63.25
CA LYS E 75 -7.14 5.39 -64.35
C LYS E 75 -5.72 5.03 -64.78
N GLY E 76 -5.47 4.91 -66.09
CA GLY E 76 -4.16 4.53 -66.58
C GLY E 76 -4.05 3.06 -66.93
N TYR E 77 -4.99 2.25 -66.48
CA TYR E 77 -4.99 0.80 -66.77
C TYR E 77 -5.94 0.40 -67.91
N GLU E 78 -6.50 1.37 -68.63
CA GLU E 78 -7.43 1.11 -69.75
C GLU E 78 -6.80 0.14 -70.76
N GLY E 79 -7.54 -0.90 -71.10
CA GLY E 79 -7.09 -1.94 -72.02
C GLY E 79 -6.36 -3.11 -71.36
N LYS E 80 -5.85 -2.90 -70.15
CA LYS E 80 -5.08 -3.92 -69.43
C LYS E 80 -5.97 -4.96 -68.78
N THR E 81 -5.42 -6.15 -68.54
CA THR E 81 -6.16 -7.23 -67.87
C THR E 81 -6.28 -6.90 -66.39
N ILE E 82 -7.28 -7.45 -65.75
CA ILE E 82 -7.41 -7.30 -64.30
C ILE E 82 -6.19 -7.90 -63.60
N GLU E 83 -5.67 -9.00 -64.13
CA GLU E 83 -4.50 -9.64 -63.53
C GLU E 83 -3.25 -8.76 -63.55
N GLU E 84 -3.15 -7.91 -64.57
CA GLU E 84 -2.07 -6.92 -64.61
C GLU E 84 -2.19 -5.94 -63.46
N ILE E 85 -3.42 -5.50 -63.17
CA ILE E 85 -3.64 -4.58 -62.05
C ILE E 85 -3.26 -5.26 -60.71
N ILE E 86 -3.64 -6.54 -60.57
CA ILE E 86 -3.36 -7.29 -59.35
C ILE E 86 -1.84 -7.41 -59.16
N LEU E 87 -1.14 -7.78 -60.22
CA LEU E 87 0.32 -7.93 -60.10
C LEU E 87 0.99 -6.60 -59.84
N ALA E 88 0.44 -5.53 -60.38
CA ALA E 88 1.07 -4.22 -60.24
C ALA E 88 0.87 -3.63 -58.84
N THR E 89 -0.24 -3.96 -58.20
CA THR E 89 -0.60 -3.36 -56.92
C THR E 89 -0.33 -4.26 -55.70
N THR E 90 -0.01 -5.53 -55.93
CA THR E 90 0.20 -6.48 -54.83
C THR E 90 1.38 -6.02 -53.97
N GLY E 91 1.21 -6.10 -52.65
CA GLY E 91 2.25 -5.67 -51.70
C GLY E 91 2.57 -4.18 -51.71
N ILE E 92 1.66 -3.36 -52.24
CA ILE E 92 1.87 -1.91 -52.28
C ILE E 92 0.89 -1.17 -51.37
N ASN E 93 1.41 -0.68 -50.24
CA ASN E 93 0.63 0.00 -49.19
C ASN E 93 -0.37 1.02 -49.72
N GLU E 94 0.10 1.92 -50.58
CA GLU E 94 -0.72 3.00 -51.12
C GLU E 94 -1.82 2.48 -52.06
N SER E 95 -1.69 1.24 -52.50
CA SER E 95 -2.63 0.67 -53.45
C SER E 95 -3.41 -0.51 -52.89
N LYS E 96 -3.47 -0.61 -51.56
CA LYS E 96 -4.19 -1.70 -50.90
C LYS E 96 -5.67 -1.69 -51.31
N VAL E 97 -6.28 -0.52 -51.43
CA VAL E 97 -7.72 -0.51 -51.77
C VAL E 97 -7.95 -0.99 -53.19
N MET E 98 -7.16 -0.50 -54.13
CA MET E 98 -7.30 -0.94 -55.52
C MET E 98 -6.95 -2.43 -55.67
N PHE E 99 -5.91 -2.90 -54.97
CA PHE E 99 -5.59 -4.33 -55.03
C PHE E 99 -6.81 -5.16 -54.57
N ASN E 100 -7.41 -4.77 -53.45
CA ASN E 100 -8.61 -5.50 -52.95
C ASN E 100 -9.74 -5.58 -53.97
N GLN E 101 -10.10 -4.44 -54.56
CA GLN E 101 -11.14 -4.42 -55.58
C GLN E 101 -10.78 -5.24 -56.80
N ALA E 102 -9.58 -5.07 -57.32
CA ALA E 102 -9.16 -5.81 -58.52
C ALA E 102 -9.10 -7.33 -58.28
N ALA E 103 -8.47 -7.71 -57.15
CA ALA E 103 -8.34 -9.11 -56.76
C ALA E 103 -9.71 -9.74 -56.56
N GLN E 104 -10.59 -9.08 -55.79
CA GLN E 104 -11.96 -9.57 -55.67
C GLN E 104 -12.74 -9.63 -56.99
N HIS E 105 -12.61 -8.65 -57.87
CA HIS E 105 -13.24 -8.78 -59.18
C HIS E 105 -12.76 -10.02 -59.93
N PHE E 106 -11.45 -10.23 -59.99
CA PHE E 106 -10.93 -11.45 -60.58
C PHE E 106 -11.45 -12.73 -59.90
N ASN E 107 -11.38 -12.75 -58.54
CA ASN E 107 -11.68 -13.99 -57.82
C ASN E 107 -13.13 -14.37 -58.08
N HIS E 108 -14.02 -13.38 -58.06
CA HIS E 108 -15.44 -13.65 -58.29
C HIS E 108 -15.71 -14.06 -59.74
N SER E 109 -15.11 -13.34 -60.69
CA SER E 109 -15.30 -13.67 -62.12
C SER E 109 -14.86 -15.13 -62.37
N PHE E 110 -13.72 -15.51 -61.77
CA PHE E 110 -13.23 -16.89 -61.84
C PHE E 110 -14.21 -17.88 -61.21
N PHE E 111 -14.64 -17.60 -59.98
CA PHE E 111 -15.65 -18.39 -59.28
C PHE E 111 -16.88 -18.66 -60.17
N TRP E 112 -17.45 -17.63 -60.82
CA TRP E 112 -18.63 -17.86 -61.70
C TRP E 112 -18.38 -18.82 -62.83
N LYS E 113 -17.16 -18.81 -63.39
CA LYS E 113 -16.87 -19.74 -64.49
C LYS E 113 -16.80 -21.20 -63.95
N CYS E 114 -16.48 -21.32 -62.65
CA CYS E 114 -16.34 -22.63 -61.99
C CYS E 114 -17.68 -23.31 -61.71
N LEU E 115 -18.79 -22.58 -61.90
CA LEU E 115 -20.11 -23.08 -61.53
C LEU E 115 -21.13 -23.10 -62.68
N SER E 116 -22.03 -24.08 -62.65
CA SER E 116 -23.10 -24.13 -63.63
C SER E 116 -24.30 -24.81 -63.01
N PRO E 117 -25.54 -24.37 -63.36
CA PRO E 117 -26.72 -25.06 -62.81
C PRO E 117 -26.66 -26.56 -63.11
N GLY E 118 -26.78 -27.40 -62.07
CA GLY E 118 -26.70 -28.86 -62.24
C GLY E 118 -25.27 -29.38 -62.42
N GLY E 119 -24.29 -28.48 -62.49
CA GLY E 119 -22.88 -28.87 -62.64
C GLY E 119 -22.57 -29.45 -64.01
N LYS E 120 -21.31 -29.77 -64.26
CA LYS E 120 -20.88 -30.56 -65.45
C LYS E 120 -19.88 -31.64 -64.99
N PRO E 121 -20.05 -32.90 -65.45
CA PRO E 121 -19.23 -34.03 -64.94
C PRO E 121 -17.73 -33.86 -65.21
N MET E 122 -16.90 -34.43 -64.33
CA MET E 122 -15.45 -34.32 -64.39
C MET E 122 -14.92 -35.14 -65.54
N PRO E 123 -14.20 -34.50 -66.46
CA PRO E 123 -13.61 -35.28 -67.54
C PRO E 123 -12.51 -36.19 -67.00
N LYS E 124 -12.22 -37.26 -67.75
CA LYS E 124 -11.29 -38.31 -67.34
C LYS E 124 -9.90 -37.78 -67.06
N THR E 125 -9.42 -36.91 -67.93
CA THR E 125 -8.11 -36.28 -67.80
C THR E 125 -7.95 -35.64 -66.41
N LEU E 126 -8.95 -34.90 -65.99
CA LEU E 126 -8.89 -34.19 -64.70
C LEU E 126 -9.03 -35.16 -63.54
N GLU E 127 -9.96 -36.11 -63.67
CA GLU E 127 -10.16 -37.13 -62.63
C GLU E 127 -8.82 -37.85 -62.39
N ASN E 128 -8.17 -38.24 -63.47
CA ASN E 128 -6.88 -38.92 -63.37
C ASN E 128 -5.82 -38.10 -62.66
N ALA E 129 -5.71 -36.81 -63.02
CA ALA E 129 -4.73 -35.91 -62.44
C ALA E 129 -4.97 -35.67 -60.96
N ILE E 130 -6.23 -35.48 -60.59
CA ILE E 130 -6.59 -35.30 -59.18
C ILE E 130 -6.32 -36.59 -58.39
N ALA E 131 -6.68 -37.74 -58.94
CA ALA E 131 -6.49 -38.99 -58.21
C ALA E 131 -5.00 -39.28 -58.01
N LYS E 132 -4.18 -38.89 -58.98
CA LYS E 132 -2.75 -39.13 -58.91
C LYS E 132 -2.10 -38.25 -57.86
N GLN E 133 -2.56 -37.01 -57.75
CA GLN E 133 -1.97 -36.07 -56.82
C GLN E 133 -2.45 -36.25 -55.38
N PHE E 134 -3.75 -36.46 -55.19
CA PHE E 134 -4.32 -36.49 -53.85
C PHE E 134 -4.65 -37.92 -53.35
N GLY E 135 -4.37 -38.94 -54.16
CA GLY E 135 -4.64 -40.34 -53.79
C GLY E 135 -5.93 -40.86 -54.38
N SER E 136 -6.96 -40.02 -54.35
CA SER E 136 -8.25 -40.30 -54.97
C SER E 136 -8.97 -38.98 -55.13
N VAL E 137 -10.03 -38.96 -55.93
CA VAL E 137 -10.92 -37.81 -56.04
C VAL E 137 -11.63 -37.52 -54.70
N ASP E 138 -12.04 -38.57 -54.00
CA ASP E 138 -12.71 -38.37 -52.70
C ASP E 138 -11.78 -37.75 -51.65
N ASP E 139 -10.52 -38.16 -51.66
CA ASP E 139 -9.50 -37.60 -50.77
C ASP E 139 -9.26 -36.12 -51.06
N PHE E 140 -9.17 -35.78 -52.35
CA PHE E 140 -9.11 -34.38 -52.73
C PHE E 140 -10.31 -33.61 -52.18
N MET E 141 -11.52 -34.15 -52.38
CA MET E 141 -12.72 -33.38 -52.03
C MET E 141 -12.79 -33.13 -50.54
N VAL E 142 -12.51 -34.16 -49.75
CA VAL E 142 -12.54 -34.00 -48.30
C VAL E 142 -11.45 -33.01 -47.84
N SER E 143 -10.25 -33.10 -48.42
CA SER E 143 -9.18 -32.20 -48.04
C SER E 143 -9.50 -30.73 -48.40
N PHE E 144 -10.13 -30.55 -49.55
CA PHE E 144 -10.52 -29.22 -50.01
C PHE E 144 -11.59 -28.67 -49.04
N GLN E 145 -12.57 -29.50 -48.70
CA GLN E 145 -13.64 -29.10 -47.79
C GLN E 145 -13.04 -28.69 -46.47
N GLN E 146 -12.11 -29.49 -45.95
CA GLN E 146 -11.54 -29.18 -44.65
C GLN E 146 -10.72 -27.86 -44.69
N ALA E 147 -9.98 -27.67 -45.80
CA ALA E 147 -9.22 -26.43 -45.97
C ALA E 147 -10.15 -25.22 -45.98
N GLY E 148 -11.31 -25.33 -46.65
CA GLY E 148 -12.27 -24.25 -46.70
C GLY E 148 -12.92 -23.97 -45.33
N VAL E 149 -13.22 -25.03 -44.60
CA VAL E 149 -13.84 -24.89 -43.26
C VAL E 149 -12.86 -24.21 -42.30
N ASN E 150 -11.58 -24.56 -42.43
CA ASN E 150 -10.51 -24.04 -41.56
C ASN E 150 -9.85 -22.72 -42.01
N ASN E 151 -10.34 -22.16 -43.11
CA ASN E 151 -9.84 -20.87 -43.60
C ASN E 151 -10.49 -19.77 -42.69
N PHE E 152 -9.77 -19.34 -41.65
CA PHE E 152 -10.34 -18.48 -40.60
C PHE E 152 -10.74 -17.10 -41.15
N GLY E 153 -11.97 -16.65 -40.93
CA GLY E 153 -12.40 -15.34 -41.43
C GLY E 153 -12.85 -15.46 -42.87
N SER E 154 -12.71 -14.38 -43.63
CA SER E 154 -13.12 -14.35 -45.03
C SER E 154 -11.97 -14.82 -45.88
N GLY E 155 -12.28 -15.49 -46.99
CA GLY E 155 -11.23 -15.79 -47.94
C GLY E 155 -11.69 -16.76 -49.02
N TRP E 156 -10.72 -17.42 -49.65
CA TRP E 156 -10.96 -18.31 -50.78
C TRP E 156 -10.17 -19.57 -50.60
N THR E 157 -10.71 -20.68 -51.07
CA THR E 157 -9.92 -21.92 -51.08
C THR E 157 -9.79 -22.42 -52.52
N TRP E 158 -8.59 -22.82 -52.91
CA TRP E 158 -8.28 -23.00 -54.33
C TRP E 158 -7.67 -24.33 -54.63
N LEU E 159 -7.97 -24.82 -55.83
CA LEU E 159 -7.15 -25.88 -56.41
C LEU E 159 -6.33 -25.18 -57.48
N CYS E 160 -5.01 -25.37 -57.39
CA CYS E 160 -4.11 -24.65 -58.24
C CYS E 160 -3.16 -25.64 -58.88
N VAL E 161 -2.65 -25.24 -60.03
CA VAL E 161 -1.47 -25.86 -60.63
C VAL E 161 -0.25 -25.00 -60.26
N ASP E 162 0.81 -25.67 -59.82
CA ASP E 162 2.07 -24.96 -59.64
C ASP E 162 2.75 -25.15 -60.99
N PRO E 163 3.07 -24.04 -61.70
CA PRO E 163 3.60 -24.22 -63.06
C PRO E 163 5.06 -24.65 -63.11
N GLN E 164 5.81 -24.44 -62.03
CA GLN E 164 7.18 -24.97 -61.93
C GLN E 164 7.24 -26.51 -61.93
N THR E 165 6.36 -27.17 -61.17
CA THR E 165 6.37 -28.65 -61.02
C THR E 165 5.28 -29.38 -61.81
N LYS E 166 4.25 -28.64 -62.23
CA LYS E 166 3.04 -29.21 -62.84
C LYS E 166 2.14 -29.96 -61.83
N GLU E 167 2.45 -29.81 -60.55
CA GLU E 167 1.68 -30.46 -59.51
C GLU E 167 0.42 -29.63 -59.17
N LEU E 168 -0.63 -30.34 -58.74
CA LEU E 168 -1.85 -29.75 -58.18
C LEU E 168 -1.71 -29.56 -56.69
N LEU E 169 -2.31 -28.51 -56.16
CA LEU E 169 -2.29 -28.31 -54.72
C LEU E 169 -3.51 -27.53 -54.29
N ILE E 170 -3.85 -27.71 -53.02
CA ILE E 170 -4.93 -26.95 -52.39
C ILE E 170 -4.25 -25.81 -51.67
N ASP E 171 -4.73 -24.60 -51.87
CA ASP E 171 -4.15 -23.40 -51.26
C ASP E 171 -5.31 -22.51 -50.75
N SER E 172 -5.18 -21.92 -49.57
CA SER E 172 -6.21 -21.01 -49.05
C SER E 172 -5.62 -19.62 -48.94
N THR E 173 -6.40 -18.62 -49.33
CA THR E 173 -5.98 -17.23 -49.16
C THR E 173 -6.98 -16.51 -48.23
N SER E 174 -6.54 -15.43 -47.61
CA SER E 174 -7.39 -14.64 -46.75
C SER E 174 -7.87 -13.40 -47.50
N ASN E 175 -9.11 -13.01 -47.26
CA ASN E 175 -9.69 -11.76 -47.81
C ASN E 175 -9.70 -11.72 -49.34
N ALA E 176 -9.00 -10.77 -49.94
CA ALA E 176 -8.90 -10.68 -51.42
C ALA E 176 -7.71 -11.48 -52.01
N GLY E 177 -6.92 -12.09 -51.13
CA GLY E 177 -5.77 -12.94 -51.50
C GLY E 177 -5.95 -13.79 -52.75
N CYS E 178 -4.96 -13.75 -53.63
CA CYS E 178 -5.11 -14.24 -54.99
C CYS E 178 -3.84 -15.03 -55.36
N PRO E 179 -3.99 -16.31 -55.77
CA PRO E 179 -2.82 -17.18 -55.94
C PRO E 179 -1.84 -16.74 -56.99
N LEU E 180 -2.27 -15.92 -57.96
CA LEU E 180 -1.32 -15.46 -58.97
C LEU E 180 -0.19 -14.62 -58.35
N THR E 181 -0.44 -14.03 -57.17
CA THR E 181 0.61 -13.24 -56.52
C THR E 181 1.74 -14.10 -55.97
N SER E 182 1.55 -15.42 -55.89
CA SER E 182 2.74 -16.27 -55.70
C SER E 182 3.06 -17.19 -56.88
N GLY E 183 2.65 -16.81 -58.08
CA GLY E 183 3.02 -17.57 -59.27
C GLY E 183 2.31 -18.91 -59.41
N LEU E 184 1.14 -19.05 -58.76
CA LEU E 184 0.32 -20.24 -58.87
C LEU E 184 -0.77 -20.00 -59.91
N ARG E 185 -1.27 -21.07 -60.53
CA ARG E 185 -2.32 -20.96 -61.55
C ARG E 185 -3.62 -21.61 -61.10
N PRO E 186 -4.62 -20.79 -60.79
CA PRO E 186 -5.83 -21.48 -60.29
C PRO E 186 -6.61 -22.23 -61.36
N ILE E 187 -7.22 -23.37 -60.97
CA ILE E 187 -8.12 -24.07 -61.87
C ILE E 187 -9.53 -24.18 -61.28
N PHE E 188 -9.63 -24.03 -59.96
CA PHE E 188 -10.95 -24.05 -59.27
C PHE E 188 -10.89 -23.23 -58.00
N THR E 189 -12.01 -22.64 -57.57
CA THR E 189 -12.00 -21.92 -56.30
C THR E 189 -13.37 -22.03 -55.64
N ALA E 190 -13.39 -21.99 -54.30
CA ALA E 190 -14.63 -21.83 -53.53
C ALA E 190 -14.47 -20.55 -52.73
N ASP E 191 -15.44 -19.66 -52.84
CA ASP E 191 -15.48 -18.45 -52.04
C ASP E 191 -15.94 -18.91 -50.65
N VAL E 192 -15.18 -18.55 -49.61
CA VAL E 192 -15.65 -18.78 -48.23
C VAL E 192 -15.82 -17.54 -47.38
N TRP E 193 -15.97 -16.39 -48.02
CA TRP E 193 -16.48 -15.23 -47.35
C TRP E 193 -17.86 -15.67 -46.95
N GLU E 194 -18.30 -15.23 -45.78
CA GLU E 194 -19.57 -15.71 -45.24
C GLU E 194 -20.73 -15.35 -46.15
N HIS E 195 -20.65 -14.20 -46.81
CA HIS E 195 -21.70 -13.82 -47.79
C HIS E 195 -21.91 -14.79 -48.93
N ALA E 196 -20.91 -15.66 -49.21
CA ALA E 196 -21.05 -16.62 -50.32
C ALA E 196 -22.14 -17.66 -50.04
N TYR E 197 -22.45 -17.88 -48.75
CA TYR E 197 -23.28 -19.01 -48.38
C TYR E 197 -24.30 -18.67 -47.31
N TYR E 198 -24.23 -17.48 -46.70
CA TYR E 198 -25.04 -17.22 -45.47
C TYR E 198 -26.53 -17.16 -45.77
N LYS E 199 -26.90 -16.69 -46.97
CA LYS E 199 -28.34 -16.69 -47.32
C LYS E 199 -28.91 -18.11 -47.31
N ASP E 200 -28.18 -19.06 -47.87
CA ASP E 200 -28.70 -20.41 -48.05
C ASP E 200 -28.33 -21.39 -46.94
N PHE E 201 -27.17 -21.18 -46.31
CA PHE E 201 -26.59 -22.13 -45.36
C PHE E 201 -26.44 -21.58 -43.95
N GLU E 202 -26.68 -20.27 -43.79
CA GLU E 202 -26.45 -19.58 -42.53
C GLU E 202 -25.04 -19.93 -42.08
N ASN E 203 -24.85 -20.41 -40.85
CA ASN E 203 -23.50 -20.67 -40.34
C ASN E 203 -22.82 -21.92 -40.91
N ARG E 204 -23.54 -22.72 -41.72
CA ARG E 204 -23.11 -24.10 -42.04
C ARG E 204 -22.18 -24.15 -43.24
N ARG E 205 -21.01 -23.53 -43.10
CA ARG E 205 -20.00 -23.48 -44.15
C ARG E 205 -19.58 -24.89 -44.59
N ALA E 206 -19.49 -25.82 -43.63
CA ALA E 206 -19.22 -27.22 -43.93
C ALA E 206 -20.22 -27.83 -44.94
N ASP E 207 -21.51 -27.58 -44.74
CA ASP E 207 -22.52 -28.13 -45.66
C ASP E 207 -22.51 -27.45 -47.01
N TYR E 208 -22.24 -26.15 -47.02
CA TYR E 208 -22.04 -25.41 -48.26
C TYR E 208 -20.94 -26.06 -49.10
N LEU E 209 -19.79 -26.27 -48.49
CA LEU E 209 -18.64 -26.85 -49.22
C LEU E 209 -18.87 -28.30 -49.68
N LYS E 210 -19.52 -29.09 -48.83
CA LYS E 210 -19.91 -30.44 -49.26
C LYS E 210 -20.91 -30.41 -50.43
N GLU E 211 -21.89 -29.51 -50.39
CA GLU E 211 -22.90 -29.42 -51.44
C GLU E 211 -22.42 -28.77 -52.73
N LEU E 212 -21.43 -27.88 -52.61
CA LEU E 212 -20.90 -27.12 -53.73
C LEU E 212 -20.51 -27.97 -54.93
N TRP E 213 -19.96 -29.17 -54.68
CA TRP E 213 -19.58 -30.07 -55.78
C TRP E 213 -20.68 -30.27 -56.79
N GLN E 214 -21.96 -30.18 -56.37
CA GLN E 214 -23.07 -30.46 -57.31
C GLN E 214 -23.22 -29.41 -58.42
N ILE E 215 -22.64 -28.22 -58.23
CA ILE E 215 -22.73 -27.17 -59.24
C ILE E 215 -21.38 -26.78 -59.87
N VAL E 216 -20.36 -27.58 -59.61
CA VAL E 216 -19.05 -27.32 -60.18
C VAL E 216 -19.07 -27.66 -61.66
N ASP E 217 -18.64 -26.72 -62.48
CA ASP E 217 -18.45 -26.96 -63.92
C ASP E 217 -17.04 -27.54 -64.09
N TRP E 218 -16.94 -28.86 -64.04
CA TRP E 218 -15.62 -29.51 -64.12
C TRP E 218 -15.05 -29.48 -65.50
N GLU E 219 -15.88 -29.16 -66.49
CA GLU E 219 -15.40 -28.98 -67.83
C GLU E 219 -14.55 -27.71 -67.94
N PHE E 220 -15.00 -26.64 -67.28
CA PHE E 220 -14.18 -25.43 -67.18
C PHE E 220 -12.91 -25.71 -66.36
N VAL E 221 -13.05 -26.39 -65.22
CA VAL E 221 -11.89 -26.71 -64.39
C VAL E 221 -10.86 -27.49 -65.24
N CYS E 222 -11.33 -28.46 -66.02
CA CYS E 222 -10.44 -29.25 -66.87
C CYS E 222 -9.76 -28.42 -67.95
N HIS E 223 -10.50 -27.48 -68.54
CA HIS E 223 -9.91 -26.59 -69.53
C HIS E 223 -8.79 -25.78 -68.89
N MET E 224 -9.02 -25.32 -67.65
CA MET E 224 -8.01 -24.53 -66.92
C MET E 224 -6.76 -25.37 -66.60
N TYR E 225 -6.97 -26.63 -66.23
CA TYR E 225 -5.90 -27.58 -65.96
C TYR E 225 -5.03 -27.76 -67.21
N GLU E 226 -5.68 -27.93 -68.36
CA GLU E 226 -4.99 -28.16 -69.63
C GLU E 226 -4.16 -26.92 -70.00
N ARG E 227 -4.77 -25.75 -69.86
CA ARG E 227 -4.10 -24.47 -70.13
C ARG E 227 -2.94 -24.21 -69.18
N ALA E 228 -3.14 -24.51 -67.90
CA ALA E 228 -2.14 -24.15 -66.89
C ALA E 228 -0.91 -25.08 -66.91
N THR E 229 -1.12 -26.34 -67.31
CA THR E 229 -0.03 -27.30 -67.38
C THR E 229 0.61 -27.34 -68.75
N LYS E 230 -0.04 -26.71 -69.74
CA LYS E 230 0.41 -26.76 -71.14
C LYS E 230 1.92 -26.59 -71.24
N LEU F 21 -2.81 -9.54 -10.63
CA LEU F 21 -3.35 -8.30 -10.01
C LEU F 21 -3.20 -7.08 -10.93
N CYS F 22 -3.73 -7.21 -12.14
CA CYS F 22 -3.82 -6.08 -13.04
C CYS F 22 -5.26 -5.95 -13.55
N TYR F 23 -5.53 -4.83 -14.21
CA TYR F 23 -6.83 -4.54 -14.79
C TYR F 23 -7.16 -5.57 -15.87
N HIS F 24 -8.39 -6.07 -15.88
CA HIS F 24 -8.90 -6.83 -17.01
C HIS F 24 -10.16 -6.19 -17.48
N THR F 25 -10.42 -6.31 -18.77
CA THR F 25 -11.62 -5.73 -19.36
C THR F 25 -12.85 -6.47 -18.91
N LEU F 26 -12.76 -7.80 -18.87
CA LEU F 26 -13.84 -8.66 -18.35
C LEU F 26 -13.30 -9.67 -17.32
N PRO F 27 -13.04 -9.21 -16.09
CA PRO F 27 -12.46 -10.08 -15.05
C PRO F 27 -13.28 -11.35 -14.78
N HIS F 28 -14.58 -11.27 -15.02
CA HIS F 28 -15.50 -12.39 -14.78
CA HIS F 28 -15.54 -12.37 -14.81
C HIS F 28 -15.42 -13.47 -15.85
N LEU F 29 -14.88 -13.13 -17.02
CA LEU F 29 -14.81 -14.08 -18.13
C LEU F 29 -13.56 -14.96 -18.03
N ARG F 30 -13.76 -16.22 -17.64
CA ARG F 30 -12.63 -17.08 -17.28
C ARG F 30 -12.62 -18.43 -17.97
N TYR F 31 -11.54 -19.19 -17.71
CA TYR F 31 -11.35 -20.52 -18.24
C TYR F 31 -11.49 -21.56 -17.12
N PRO F 32 -12.19 -22.70 -17.38
CA PRO F 32 -12.81 -23.15 -18.64
C PRO F 32 -13.92 -22.22 -19.15
N ALA F 33 -13.96 -22.04 -20.46
CA ALA F 33 -14.89 -21.11 -21.10
C ALA F 33 -16.34 -21.60 -21.02
N GLU F 34 -17.26 -20.65 -20.89
CA GLU F 34 -18.69 -20.92 -21.01
C GLU F 34 -19.36 -19.80 -21.78
N LEU F 35 -20.42 -20.12 -22.50
CA LEU F 35 -21.25 -19.08 -23.10
C LEU F 35 -21.84 -18.20 -22.00
N PRO F 36 -21.64 -16.87 -22.08
CA PRO F 36 -22.14 -16.00 -21.02
C PRO F 36 -23.67 -15.93 -21.03
N THR F 37 -24.25 -15.59 -19.88
CA THR F 37 -25.68 -15.35 -19.77
C THR F 37 -25.97 -13.98 -20.33
N LEU F 38 -26.95 -13.88 -21.24
CA LEU F 38 -27.28 -12.59 -21.80
C LEU F 38 -28.18 -11.84 -20.82
N GLY F 39 -28.01 -10.52 -20.73
CA GLY F 39 -28.83 -9.74 -19.78
C GLY F 39 -30.26 -9.51 -20.23
N PHE F 40 -30.77 -10.42 -21.06
CA PHE F 40 -32.09 -10.26 -21.71
C PHE F 40 -32.58 -11.58 -22.29
N ASN F 41 -33.81 -11.58 -22.79
CA ASN F 41 -34.45 -12.77 -23.32
C ASN F 41 -33.90 -13.16 -24.70
N TYR F 42 -33.10 -14.24 -24.72
CA TYR F 42 -32.49 -14.79 -25.94
C TYR F 42 -33.48 -14.99 -27.10
N LYS F 43 -34.62 -15.60 -26.82
CA LYS F 43 -35.63 -15.95 -27.85
C LYS F 43 -36.29 -14.74 -28.55
N ASP F 44 -36.09 -13.53 -28.02
CA ASP F 44 -36.68 -12.32 -28.58
C ASP F 44 -35.72 -11.50 -29.44
N GLY F 45 -34.51 -12.02 -29.64
CA GLY F 45 -33.47 -11.28 -30.34
C GLY F 45 -33.01 -10.09 -29.52
N ILE F 46 -32.74 -8.98 -30.20
CA ILE F 46 -32.42 -7.71 -29.53
C ILE F 46 -33.11 -6.63 -30.34
N GLN F 47 -34.41 -6.45 -30.04
CA GLN F 47 -35.22 -5.52 -30.79
CA GLN F 47 -35.26 -5.51 -30.75
C GLN F 47 -34.79 -4.06 -30.55
N PRO F 48 -34.95 -3.20 -31.56
CA PRO F 48 -35.53 -3.37 -32.90
C PRO F 48 -34.53 -3.86 -33.96
N VAL F 49 -33.28 -4.11 -33.58
CA VAL F 49 -32.20 -4.30 -34.55
C VAL F 49 -31.95 -5.76 -34.96
N MET F 50 -31.88 -6.67 -33.98
CA MET F 50 -31.54 -8.08 -34.24
C MET F 50 -32.73 -8.99 -34.07
N SER F 51 -33.03 -9.78 -35.10
CA SER F 51 -34.11 -10.74 -35.03
C SER F 51 -33.69 -11.92 -34.14
N PRO F 52 -34.67 -12.65 -33.60
CA PRO F 52 -34.41 -13.87 -32.85
C PRO F 52 -33.52 -14.82 -33.61
N ARG F 53 -33.77 -15.02 -34.91
CA ARG F 53 -32.96 -15.96 -35.70
C ARG F 53 -31.51 -15.47 -35.82
N GLN F 54 -31.32 -14.17 -36.07
CA GLN F 54 -29.96 -13.59 -36.14
C GLN F 54 -29.17 -13.80 -34.85
N LEU F 55 -29.80 -13.53 -33.71
CA LEU F 55 -29.14 -13.70 -32.44
C LEU F 55 -28.90 -15.18 -32.14
N GLU F 56 -29.90 -16.03 -32.40
CA GLU F 56 -29.78 -17.46 -32.18
C GLU F 56 -28.59 -18.03 -32.96
N LEU F 57 -28.49 -17.68 -34.24
CA LEU F 57 -27.28 -18.07 -35.01
C LEU F 57 -25.99 -17.60 -34.36
N HIS F 58 -25.93 -16.30 -34.06
CA HIS F 58 -24.67 -15.67 -33.69
C HIS F 58 -24.19 -16.20 -32.35
N TYR F 59 -25.13 -16.32 -31.41
CA TYR F 59 -24.81 -16.77 -30.07
C TYR F 59 -24.73 -18.30 -29.92
N SER F 60 -25.77 -19.01 -30.35
CA SER F 60 -25.84 -20.47 -30.20
C SER F 60 -24.96 -21.28 -31.13
N LYS F 61 -24.65 -20.73 -32.31
CA LYS F 61 -23.74 -21.42 -33.25
C LYS F 61 -22.35 -20.81 -33.27
N HIS F 62 -22.23 -19.56 -33.70
CA HIS F 62 -20.93 -18.95 -33.86
C HIS F 62 -20.21 -18.82 -32.52
N HIS F 63 -20.83 -18.16 -31.55
CA HIS F 63 -20.11 -17.96 -30.26
C HIS F 63 -19.91 -19.31 -29.58
N SER F 64 -20.94 -20.14 -29.61
CA SER F 64 -20.83 -21.45 -28.98
C SER F 64 -19.66 -22.29 -29.52
N ALA F 65 -19.41 -22.25 -30.83
CA ALA F 65 -18.28 -22.99 -31.44
C ALA F 65 -16.92 -22.57 -30.90
N TYR F 66 -16.70 -21.27 -30.74
CA TYR F 66 -15.46 -20.78 -30.16
C TYR F 66 -15.25 -21.28 -28.73
N VAL F 67 -16.30 -21.24 -27.92
CA VAL F 67 -16.24 -21.70 -26.53
C VAL F 67 -15.86 -23.20 -26.52
N ASP F 68 -16.56 -23.99 -27.31
CA ASP F 68 -16.28 -25.44 -27.37
C ASP F 68 -14.85 -25.71 -27.83
N LYS F 69 -14.40 -25.05 -28.90
CA LYS F 69 -13.07 -25.28 -29.44
C LYS F 69 -11.97 -24.86 -28.47
N LEU F 70 -12.14 -23.69 -27.86
CA LEU F 70 -11.23 -23.22 -26.80
C LEU F 70 -11.09 -24.24 -25.67
N ASN F 71 -12.19 -24.89 -25.28
CA ASN F 71 -12.12 -25.88 -24.21
C ASN F 71 -11.36 -27.17 -24.55
N THR F 72 -11.04 -27.37 -25.83
CA THR F 72 -10.20 -28.52 -26.26
C THR F 72 -8.73 -28.13 -26.25
N LEU F 73 -8.44 -26.84 -26.07
CA LEU F 73 -7.09 -26.32 -26.28
C LEU F 73 -6.39 -25.71 -25.07
N GLY F 74 -7.15 -25.34 -24.05
CA GLY F 74 -6.62 -24.45 -23.02
C GLY F 74 -6.15 -25.09 -21.73
N LYS F 75 -5.89 -26.39 -21.75
CA LYS F 75 -5.41 -27.11 -20.57
C LYS F 75 -4.22 -26.37 -19.95
N GLY F 76 -4.30 -26.04 -18.66
CA GLY F 76 -3.26 -25.30 -17.96
C GLY F 76 -3.69 -23.89 -17.58
N TYR F 77 -4.73 -23.39 -18.24
CA TYR F 77 -5.31 -22.06 -17.97
C TYR F 77 -6.51 -22.07 -17.01
N GLU F 78 -6.79 -23.24 -16.42
CA GLU F 78 -7.87 -23.34 -15.46
C GLU F 78 -7.74 -22.27 -14.38
N GLY F 79 -8.82 -21.53 -14.15
CA GLY F 79 -8.88 -20.49 -13.12
C GLY F 79 -8.47 -19.09 -13.54
N LYS F 80 -7.87 -18.97 -14.73
CA LYS F 80 -7.37 -17.69 -15.23
C LYS F 80 -8.37 -17.03 -16.17
N THR F 81 -8.18 -15.74 -16.45
CA THR F 81 -9.06 -15.01 -17.33
C THR F 81 -8.79 -15.44 -18.79
N ILE F 82 -9.83 -15.29 -19.62
CA ILE F 82 -9.72 -15.50 -21.08
C ILE F 82 -8.69 -14.51 -21.61
N GLU F 83 -8.66 -13.30 -21.03
CA GLU F 83 -7.66 -12.32 -21.42
C GLU F 83 -6.22 -12.78 -21.22
N GLU F 84 -5.95 -13.51 -20.15
CA GLU F 84 -4.60 -14.02 -19.94
CA GLU F 84 -4.59 -14.04 -19.93
C GLU F 84 -4.20 -14.96 -21.08
N ILE F 85 -5.13 -15.78 -21.55
CA ILE F 85 -4.87 -16.66 -22.71
C ILE F 85 -4.59 -15.83 -23.97
N ILE F 86 -5.41 -14.81 -24.21
CA ILE F 86 -5.18 -13.92 -25.35
C ILE F 86 -3.78 -13.31 -25.31
N LEU F 87 -3.41 -12.75 -24.16
CA LEU F 87 -2.08 -12.13 -23.98
C LEU F 87 -0.93 -13.13 -24.01
N ALA F 88 -1.17 -14.37 -23.59
CA ALA F 88 -0.13 -15.41 -23.64
C ALA F 88 0.08 -16.04 -25.03
N THR F 89 -0.90 -15.88 -25.92
CA THR F 89 -0.85 -16.53 -27.23
C THR F 89 -0.67 -15.55 -28.40
N THR F 90 -0.94 -14.26 -28.18
CA THR F 90 -0.83 -13.27 -29.27
C THR F 90 0.58 -13.28 -29.87
N GLY F 91 0.68 -13.25 -31.20
CA GLY F 91 2.00 -13.20 -31.88
C GLY F 91 2.82 -14.47 -31.94
N ILE F 92 2.33 -15.56 -31.33
CA ILE F 92 3.01 -16.87 -31.39
C ILE F 92 2.29 -17.76 -32.40
N ASN F 93 2.96 -18.11 -33.48
CA ASN F 93 2.30 -18.86 -34.55
C ASN F 93 1.86 -20.26 -34.16
N GLU F 94 2.68 -20.95 -33.37
CA GLU F 94 2.30 -22.22 -32.75
C GLU F 94 0.94 -22.18 -32.01
N SER F 95 0.52 -21.00 -31.55
CA SER F 95 -0.70 -20.86 -30.72
C SER F 95 -1.83 -20.06 -31.39
N LYS F 96 -1.77 -19.94 -32.72
CA LYS F 96 -2.73 -19.13 -33.48
C LYS F 96 -4.19 -19.62 -33.38
N VAL F 97 -4.38 -20.93 -33.39
CA VAL F 97 -5.74 -21.48 -33.36
C VAL F 97 -6.37 -21.18 -32.00
N MET F 98 -5.61 -21.43 -30.93
CA MET F 98 -6.06 -21.06 -29.58
C MET F 98 -6.27 -19.55 -29.42
N PHE F 99 -5.35 -18.73 -29.94
CA PHE F 99 -5.55 -17.28 -29.91
C PHE F 99 -6.90 -16.90 -30.53
N ASN F 100 -7.14 -17.39 -31.74
CA ASN F 100 -8.40 -17.09 -32.42
C ASN F 100 -9.63 -17.45 -31.62
N GLN F 101 -9.65 -18.65 -31.01
CA GLN F 101 -10.81 -19.07 -30.19
C GLN F 101 -10.92 -18.19 -28.94
N ALA F 102 -9.81 -17.98 -28.24
CA ALA F 102 -9.85 -17.19 -27.00
C ALA F 102 -10.25 -15.72 -27.30
N ALA F 103 -9.64 -15.15 -28.33
CA ALA F 103 -9.96 -13.75 -28.73
C ALA F 103 -11.42 -13.62 -29.18
N GLN F 104 -11.91 -14.57 -29.99
CA GLN F 104 -13.29 -14.51 -30.45
C GLN F 104 -14.27 -14.67 -29.29
N HIS F 105 -13.99 -15.57 -28.34
CA HIS F 105 -14.82 -15.73 -27.15
C HIS F 105 -14.93 -14.43 -26.36
N PHE F 106 -13.79 -13.82 -26.10
CA PHE F 106 -13.76 -12.52 -25.44
C PHE F 106 -14.54 -11.47 -26.22
N ASN F 107 -14.27 -11.37 -27.53
CA ASN F 107 -14.86 -10.30 -28.35
C ASN F 107 -16.38 -10.42 -28.35
N HIS F 108 -16.91 -11.64 -28.56
CA HIS F 108 -18.36 -11.85 -28.51
C HIS F 108 -18.95 -11.58 -27.14
N SER F 109 -18.30 -12.07 -26.09
CA SER F 109 -18.76 -11.83 -24.71
C SER F 109 -18.84 -10.31 -24.42
N PHE F 110 -17.82 -9.60 -24.87
CA PHE F 110 -17.79 -8.13 -24.70
C PHE F 110 -18.91 -7.49 -25.51
N PHE F 111 -19.09 -7.95 -26.76
CA PHE F 111 -20.17 -7.47 -27.64
C PHE F 111 -21.54 -7.59 -26.99
N TRP F 112 -21.85 -8.75 -26.39
CA TRP F 112 -23.19 -8.90 -25.79
C TRP F 112 -23.44 -7.99 -24.62
N LYS F 113 -22.40 -7.66 -23.86
CA LYS F 113 -22.56 -6.70 -22.73
C LYS F 113 -22.83 -5.29 -23.27
N CYS F 114 -22.41 -5.04 -24.50
CA CYS F 114 -22.57 -3.73 -25.11
C CYS F 114 -23.99 -3.51 -25.64
N LEU F 115 -24.80 -4.57 -25.60
CA LEU F 115 -26.09 -4.54 -26.28
C LEU F 115 -27.25 -4.77 -25.31
N SER F 116 -28.40 -4.18 -25.61
CA SER F 116 -29.60 -4.43 -24.81
C SER F 116 -30.83 -4.08 -25.65
N PRO F 117 -31.94 -4.86 -25.52
CA PRO F 117 -33.16 -4.48 -26.25
C PRO F 117 -33.61 -3.05 -25.98
N GLY F 118 -33.84 -2.28 -27.04
CA GLY F 118 -34.27 -0.89 -26.91
C GLY F 118 -33.13 0.04 -26.52
N GLY F 119 -31.96 -0.54 -26.23
CA GLY F 119 -30.80 0.21 -25.73
C GLY F 119 -30.93 0.70 -24.29
N LYS F 120 -29.92 1.44 -23.84
CA LYS F 120 -30.01 2.30 -22.64
C LYS F 120 -29.39 3.64 -22.98
N PRO F 121 -30.07 4.77 -22.65
CA PRO F 121 -29.55 6.10 -22.99
C PRO F 121 -28.13 6.36 -22.48
N MET F 122 -27.38 7.14 -23.25
CA MET F 122 -26.02 7.53 -22.89
C MET F 122 -26.01 8.42 -21.63
N PRO F 123 -25.25 8.04 -20.58
CA PRO F 123 -25.03 8.96 -19.45
C PRO F 123 -24.22 10.19 -19.85
N LYS F 124 -24.41 11.28 -19.11
CA LYS F 124 -23.83 12.56 -19.48
C LYS F 124 -22.30 12.57 -19.39
N THR F 125 -21.77 11.84 -18.41
CA THR F 125 -20.31 11.62 -18.27
C THR F 125 -19.72 11.07 -19.56
N LEU F 126 -20.35 10.03 -20.10
CA LEU F 126 -19.86 9.42 -21.33
C LEU F 126 -20.10 10.32 -22.56
N GLU F 127 -21.28 10.95 -22.61
CA GLU F 127 -21.58 11.90 -23.69
C GLU F 127 -20.51 12.98 -23.80
N ASN F 128 -20.14 13.57 -22.66
CA ASN F 128 -19.13 14.63 -22.61
C ASN F 128 -17.72 14.16 -22.97
N ALA F 129 -17.39 12.93 -22.58
CA ALA F 129 -16.08 12.36 -22.90
C ALA F 129 -15.95 12.10 -24.40
N ILE F 130 -17.00 11.56 -25.01
CA ILE F 130 -17.03 11.29 -26.47
C ILE F 130 -17.01 12.61 -27.26
N ALA F 131 -17.86 13.56 -26.87
CA ALA F 131 -17.88 14.88 -27.53
C ALA F 131 -16.57 15.67 -27.39
N LYS F 132 -15.90 15.54 -26.25
CA LYS F 132 -14.60 16.17 -26.05
C LYS F 132 -13.53 15.62 -27.01
N GLN F 133 -13.52 14.30 -27.18
CA GLN F 133 -12.61 13.68 -28.11
C GLN F 133 -12.95 13.91 -29.59
N PHE F 134 -14.21 13.76 -29.96
CA PHE F 134 -14.59 13.70 -31.36
C PHE F 134 -15.34 14.94 -31.86
N GLY F 135 -15.49 15.95 -31.01
CA GLY F 135 -16.25 17.15 -31.37
C GLY F 135 -17.70 17.03 -30.96
N SER F 136 -18.32 15.89 -31.24
CA SER F 136 -19.73 15.64 -30.89
C SER F 136 -20.00 14.14 -30.92
N VAL F 137 -21.13 13.72 -30.35
CA VAL F 137 -21.52 12.31 -30.39
C VAL F 137 -21.80 11.92 -31.85
N ASP F 138 -22.46 12.80 -32.58
CA ASP F 138 -22.70 12.64 -34.03
C ASP F 138 -21.44 12.35 -34.81
N ASP F 139 -20.41 13.17 -34.61
CA ASP F 139 -19.16 12.98 -35.34
C ASP F 139 -18.48 11.66 -34.92
N PHE F 140 -18.57 11.32 -33.63
CA PHE F 140 -18.07 10.02 -33.21
C PHE F 140 -18.77 8.89 -33.98
N MET F 141 -20.10 8.93 -34.02
CA MET F 141 -20.89 7.89 -34.67
C MET F 141 -20.56 7.76 -36.16
N VAL F 142 -20.37 8.90 -36.84
CA VAL F 142 -19.99 8.88 -38.27
C VAL F 142 -18.62 8.24 -38.47
N SER F 143 -17.65 8.61 -37.64
CA SER F 143 -16.30 8.02 -37.71
C SER F 143 -16.33 6.53 -37.38
N PHE F 144 -17.17 6.13 -36.42
CA PHE F 144 -17.29 4.72 -36.06
C PHE F 144 -17.92 3.91 -37.19
N GLN F 145 -19.00 4.43 -37.75
CA GLN F 145 -19.63 3.78 -38.90
C GLN F 145 -18.68 3.64 -40.08
N GLN F 146 -17.95 4.71 -40.37
CA GLN F 146 -17.02 4.70 -41.49
C GLN F 146 -15.92 3.66 -41.28
N ALA F 147 -15.37 3.59 -40.06
CA ALA F 147 -14.37 2.57 -39.73
C ALA F 147 -14.92 1.14 -39.92
N GLY F 148 -16.12 0.89 -39.41
CA GLY F 148 -16.77 -0.44 -39.57
C GLY F 148 -16.97 -0.78 -41.04
N VAL F 149 -17.49 0.17 -41.82
CA VAL F 149 -17.79 -0.06 -43.24
C VAL F 149 -16.50 -0.37 -44.00
N ASN F 150 -15.43 0.36 -43.67
CA ASN F 150 -14.18 0.20 -44.40
C ASN F 150 -13.28 -0.94 -43.89
N ASN F 151 -13.71 -1.63 -42.85
CA ASN F 151 -12.96 -2.76 -42.30
C ASN F 151 -13.05 -3.95 -43.25
N PHE F 152 -12.00 -4.16 -44.07
CA PHE F 152 -12.09 -5.08 -45.20
C PHE F 152 -12.11 -6.53 -44.70
N GLY F 153 -13.10 -7.31 -45.15
CA GLY F 153 -13.25 -8.70 -44.66
C GLY F 153 -13.96 -8.79 -43.32
N SER F 154 -13.58 -9.79 -42.53
CA SER F 154 -14.07 -10.02 -41.19
C SER F 154 -13.33 -9.19 -40.14
N GLY F 155 -14.04 -8.75 -39.12
CA GLY F 155 -13.35 -8.03 -38.03
C GLY F 155 -14.26 -7.35 -37.04
N TRP F 156 -13.67 -6.39 -36.33
CA TRP F 156 -14.30 -5.69 -35.23
C TRP F 156 -13.90 -4.25 -35.28
N THR F 157 -14.83 -3.38 -34.91
CA THR F 157 -14.55 -1.95 -34.74
C THR F 157 -14.79 -1.60 -33.27
N TRP F 158 -13.87 -0.83 -32.70
CA TRP F 158 -13.77 -0.62 -31.26
C TRP F 158 -13.71 0.83 -30.92
N LEU F 159 -14.30 1.17 -29.78
CA LEU F 159 -14.01 2.42 -29.10
C LEU F 159 -13.25 2.04 -27.85
N CYS F 160 -12.04 2.58 -27.71
CA CYS F 160 -11.14 2.19 -26.61
C CYS F 160 -10.64 3.42 -25.88
N VAL F 161 -10.27 3.21 -24.62
CA VAL F 161 -9.49 4.16 -23.85
C VAL F 161 -8.03 3.76 -23.99
N ASP F 162 -7.16 4.73 -24.27
CA ASP F 162 -5.74 4.52 -24.11
C ASP F 162 -5.40 4.95 -22.69
N PRO F 163 -5.01 4.00 -21.82
CA PRO F 163 -4.85 4.34 -20.40
C PRO F 163 -3.69 5.29 -20.10
N GLN F 164 -2.73 5.40 -21.01
CA GLN F 164 -1.56 6.26 -20.80
C GLN F 164 -1.90 7.72 -21.08
N THR F 165 -2.76 7.97 -22.06
CA THR F 165 -3.10 9.35 -22.45
C THR F 165 -4.51 9.76 -22.03
N LYS F 166 -5.33 8.77 -21.67
CA LYS F 166 -6.75 8.97 -21.31
C LYS F 166 -7.62 9.35 -22.51
N GLU F 167 -7.05 9.26 -23.70
CA GLU F 167 -7.82 9.58 -24.89
C GLU F 167 -8.69 8.41 -25.32
N LEU F 168 -9.79 8.74 -25.99
CA LEU F 168 -10.65 7.78 -26.66
C LEU F 168 -10.25 7.64 -28.11
N LEU F 169 -10.16 6.40 -28.59
CA LEU F 169 -9.70 6.07 -29.94
C LEU F 169 -10.67 5.11 -30.60
N ILE F 170 -10.93 5.31 -31.89
CA ILE F 170 -11.58 4.25 -32.70
C ILE F 170 -10.49 3.37 -33.33
N ASP F 171 -10.60 2.06 -33.17
CA ASP F 171 -9.61 1.11 -33.67
C ASP F 171 -10.38 0.00 -34.37
N SER F 172 -9.90 -0.43 -35.53
CA SER F 172 -10.51 -1.56 -36.23
C SER F 172 -9.53 -2.72 -36.21
N THR F 173 -10.05 -3.93 -36.03
CA THR F 173 -9.18 -5.11 -36.07
C THR F 173 -9.70 -6.12 -37.11
N SER F 174 -8.80 -6.98 -37.58
CA SER F 174 -9.13 -7.98 -38.58
C SER F 174 -9.36 -9.29 -37.87
N ASN F 175 -10.39 -10.02 -38.30
CA ASN F 175 -10.64 -11.40 -37.85
C ASN F 175 -10.85 -11.50 -36.34
N ALA F 176 -9.96 -12.15 -35.61
CA ALA F 176 -10.11 -12.25 -34.15
C ALA F 176 -9.33 -11.16 -33.42
N GLY F 177 -8.63 -10.30 -34.17
CA GLY F 177 -7.88 -9.18 -33.56
C GLY F 177 -8.58 -8.44 -32.41
N CYS F 178 -7.79 -8.08 -31.41
CA CYS F 178 -8.32 -7.56 -30.16
C CYS F 178 -7.37 -6.45 -29.66
N PRO F 179 -7.87 -5.22 -29.42
CA PRO F 179 -7.00 -4.08 -29.03
C PRO F 179 -6.31 -4.27 -27.67
N LEU F 180 -6.82 -5.20 -26.87
CA LEU F 180 -6.12 -5.69 -25.67
C LEU F 180 -4.66 -5.95 -25.93
N THR F 181 -4.34 -6.50 -27.10
CA THR F 181 -2.98 -6.96 -27.36
C THR F 181 -1.99 -5.81 -27.55
N SER F 182 -2.50 -4.60 -27.70
CA SER F 182 -1.62 -3.44 -27.74
C SER F 182 -1.79 -2.59 -26.47
N GLY F 183 -2.41 -3.17 -25.45
CA GLY F 183 -2.60 -2.47 -24.18
C GLY F 183 -3.73 -1.43 -24.13
N LEU F 184 -4.50 -1.32 -25.20
CA LEU F 184 -5.70 -0.48 -25.17
C LEU F 184 -6.79 -1.12 -24.32
N ARG F 185 -7.72 -0.30 -23.84
CA ARG F 185 -8.81 -0.78 -22.97
C ARG F 185 -10.16 -0.56 -23.65
N PRO F 186 -10.75 -1.64 -24.20
CA PRO F 186 -12.03 -1.51 -24.90
C PRO F 186 -13.16 -1.00 -24.01
N ILE F 187 -13.99 -0.12 -24.55
CA ILE F 187 -15.23 0.25 -23.87
C ILE F 187 -16.49 -0.02 -24.70
N PHE F 188 -16.34 -0.25 -26.01
CA PHE F 188 -17.47 -0.58 -26.88
C PHE F 188 -16.94 -1.30 -28.13
N THR F 189 -17.72 -2.24 -28.68
CA THR F 189 -17.33 -2.88 -29.94
C THR F 189 -18.56 -3.14 -30.80
N ALA F 190 -18.37 -3.16 -32.10
CA ALA F 190 -19.36 -3.72 -33.04
C ALA F 190 -18.68 -4.85 -33.85
N ASP F 191 -19.32 -6.01 -33.90
CA ASP F 191 -18.88 -7.12 -34.73
C ASP F 191 -19.17 -6.79 -36.18
N VAL F 192 -18.14 -6.82 -37.04
CA VAL F 192 -18.37 -6.66 -38.49
C VAL F 192 -17.94 -7.85 -39.33
N TRP F 193 -17.82 -9.02 -38.71
CA TRP F 193 -17.93 -10.26 -39.48
C TRP F 193 -19.31 -10.23 -40.12
N GLU F 194 -19.42 -10.73 -41.36
CA GLU F 194 -20.66 -10.69 -42.09
C GLU F 194 -21.76 -11.47 -41.40
N HIS F 195 -21.41 -12.54 -40.67
CA HIS F 195 -22.43 -13.27 -39.87
C HIS F 195 -23.16 -12.46 -38.82
N ALA F 196 -22.60 -11.35 -38.36
CA ALA F 196 -23.23 -10.51 -37.34
C ALA F 196 -24.49 -9.85 -37.90
N TYR F 197 -24.51 -9.62 -39.22
CA TYR F 197 -25.63 -8.83 -39.79
C TYR F 197 -26.31 -9.46 -41.01
N TYR F 198 -25.70 -10.50 -41.59
CA TYR F 198 -26.17 -10.99 -42.89
C TYR F 198 -27.62 -11.47 -42.85
N LYS F 199 -28.03 -12.04 -41.72
CA LYS F 199 -29.40 -12.57 -41.63
C LYS F 199 -30.46 -11.47 -41.75
N ASP F 200 -30.26 -10.36 -41.03
CA ASP F 200 -31.23 -9.27 -40.98
C ASP F 200 -31.00 -8.22 -42.05
N PHE F 201 -29.75 -8.08 -42.47
CA PHE F 201 -29.32 -6.96 -43.33
C PHE F 201 -28.70 -7.39 -44.66
N GLU F 202 -28.44 -8.69 -44.81
CA GLU F 202 -27.78 -9.20 -46.02
C GLU F 202 -26.46 -8.41 -46.21
N ASN F 203 -26.20 -7.89 -47.42
CA ASN F 203 -24.97 -7.16 -47.73
C ASN F 203 -24.86 -5.77 -47.08
N ARG F 204 -25.94 -5.26 -46.49
CA ARG F 204 -25.97 -3.85 -46.08
C ARG F 204 -25.34 -3.54 -44.72
N ARG F 205 -24.02 -3.70 -44.65
CA ARG F 205 -23.25 -3.45 -43.44
C ARG F 205 -23.42 -2.00 -42.92
N ALA F 206 -23.45 -1.05 -43.85
CA ALA F 206 -23.61 0.37 -43.51
C ALA F 206 -24.91 0.60 -42.76
N ASP F 207 -26.00 -0.03 -43.21
CA ASP F 207 -27.30 0.09 -42.53
C ASP F 207 -27.30 -0.54 -41.16
N TYR F 208 -26.72 -1.72 -41.06
CA TYR F 208 -26.49 -2.39 -39.77
C TYR F 208 -25.79 -1.49 -38.77
N LEU F 209 -24.66 -0.90 -39.16
CA LEU F 209 -23.94 -0.02 -38.24
C LEU F 209 -24.74 1.24 -37.85
N LYS F 210 -25.49 1.79 -38.80
CA LYS F 210 -26.38 2.94 -38.52
C LYS F 210 -27.49 2.57 -37.53
N GLU F 211 -28.07 1.39 -37.68
CA GLU F 211 -29.13 0.93 -36.80
C GLU F 211 -28.61 0.44 -35.45
N LEU F 212 -27.42 -0.14 -35.43
CA LEU F 212 -26.87 -0.70 -34.19
C LEU F 212 -26.97 0.24 -32.97
N TRP F 213 -26.79 1.56 -33.18
CA TRP F 213 -26.80 2.53 -32.08
C TRP F 213 -28.05 2.42 -31.25
N GLN F 214 -29.13 1.95 -31.87
CA GLN F 214 -30.42 1.80 -31.17
C GLN F 214 -30.46 0.73 -30.09
N ILE F 215 -29.57 -0.25 -30.15
CA ILE F 215 -29.53 -1.29 -29.13
C ILE F 215 -28.27 -1.23 -28.25
N VAL F 216 -27.51 -0.17 -28.35
CA VAL F 216 -26.31 -0.06 -27.52
C VAL F 216 -26.69 0.24 -26.07
N ASP F 217 -26.11 -0.52 -25.15
CA ASP F 217 -26.29 -0.31 -23.73
C ASP F 217 -25.20 0.65 -23.31
N TRP F 218 -25.51 1.95 -23.36
CA TRP F 218 -24.52 2.99 -23.01
C TRP F 218 -24.19 3.02 -21.53
N GLU F 219 -25.01 2.40 -20.69
CA GLU F 219 -24.69 2.33 -19.26
C GLU F 219 -23.50 1.41 -19.03
N PHE F 220 -23.46 0.29 -19.76
CA PHE F 220 -22.30 -0.58 -19.71
C PHE F 220 -21.09 0.13 -20.29
N VAL F 221 -21.24 0.77 -21.45
CA VAL F 221 -20.14 1.52 -22.06
C VAL F 221 -19.55 2.55 -21.08
N CYS F 222 -20.41 3.28 -20.40
CA CYS F 222 -20.01 4.28 -19.39
C CYS F 222 -19.31 3.64 -18.18
N HIS F 223 -19.85 2.52 -17.70
CA HIS F 223 -19.22 1.74 -16.61
C HIS F 223 -17.81 1.37 -17.02
N MET F 224 -17.65 0.88 -18.25
CA MET F 224 -16.34 0.53 -18.77
C MET F 224 -15.44 1.74 -18.87
N TYR F 225 -15.99 2.83 -19.38
CA TYR F 225 -15.24 4.08 -19.51
C TYR F 225 -14.68 4.56 -18.16
N GLU F 226 -15.52 4.60 -17.15
CA GLU F 226 -15.09 5.07 -15.84
C GLU F 226 -13.95 4.23 -15.26
N ARG F 227 -14.09 2.91 -15.29
CA ARG F 227 -13.05 2.07 -14.74
C ARG F 227 -11.79 2.04 -15.63
N ALA F 228 -11.97 2.17 -16.96
CA ALA F 228 -10.82 2.15 -17.88
C ALA F 228 -9.95 3.42 -17.72
N THR F 229 -10.59 4.55 -17.46
CA THR F 229 -9.84 5.82 -17.38
C THR F 229 -9.28 6.11 -16.00
N LYS F 230 -9.69 5.33 -15.01
CA LYS F 230 -9.30 5.56 -13.62
C LYS F 230 -7.78 5.64 -13.50
N CYS G 22 57.53 46.20 57.17
CA CYS G 22 57.27 46.90 55.87
C CYS G 22 55.77 47.22 55.66
N TYR G 23 55.50 48.20 54.80
CA TYR G 23 54.15 48.79 54.67
C TYR G 23 53.04 47.87 54.13
N HIS G 24 51.95 47.83 54.88
CA HIS G 24 50.75 47.13 54.45
C HIS G 24 49.61 48.05 54.66
N THR G 25 48.70 48.05 53.70
CA THR G 25 47.51 48.89 53.78
C THR G 25 46.55 48.35 54.84
N LEU G 26 46.43 47.02 54.91
CA LEU G 26 45.51 46.36 55.81
C LEU G 26 46.31 45.31 56.59
N PRO G 27 47.12 45.74 57.60
CA PRO G 27 48.05 44.81 58.27
C PRO G 27 47.36 43.68 59.03
N HIS G 28 46.09 43.89 59.40
CA HIS G 28 45.31 42.85 60.09
C HIS G 28 44.50 41.94 59.19
N LEU G 29 44.50 42.20 57.88
CA LEU G 29 43.84 41.29 56.92
C LEU G 29 44.77 40.13 56.60
N ARG G 30 44.47 38.95 57.17
CA ARG G 30 45.41 37.82 57.14
C ARG G 30 44.78 36.53 56.60
N TYR G 31 45.64 35.52 56.39
CA TYR G 31 45.26 34.18 55.95
C TYR G 31 45.40 33.20 57.14
N PRO G 32 44.45 32.25 57.32
CA PRO G 32 43.32 31.94 56.45
C PRO G 32 42.29 33.08 56.37
N ALA G 33 41.75 33.27 55.17
CA ALA G 33 40.87 34.38 54.89
C ALA G 33 39.52 34.25 55.58
N GLU G 34 38.96 35.38 55.96
CA GLU G 34 37.60 35.46 56.53
C GLU G 34 36.89 36.70 55.98
N LEU G 35 35.59 36.60 55.71
CA LEU G 35 34.82 37.81 55.40
C LEU G 35 34.99 38.80 56.54
N PRO G 36 35.30 40.07 56.24
CA PRO G 36 35.57 41.04 57.29
C PRO G 36 34.28 41.48 57.96
N THR G 37 34.35 41.84 59.24
CA THR G 37 33.23 42.50 59.92
C THR G 37 33.09 43.92 59.39
N LEU G 38 31.89 44.29 58.99
CA LEU G 38 31.61 45.60 58.44
C LEU G 38 31.40 46.58 59.57
N GLY G 39 31.57 47.87 59.33
CA GLY G 39 31.20 48.80 60.42
C GLY G 39 29.69 48.85 60.78
N PHE G 40 28.86 48.02 60.15
CA PHE G 40 27.42 48.28 60.05
C PHE G 40 26.68 46.97 59.69
N ASN G 41 25.36 46.93 59.89
CA ASN G 41 24.58 45.72 59.69
C ASN G 41 24.64 45.21 58.23
N TYR G 42 25.22 44.03 57.99
CA TYR G 42 25.39 43.54 56.60
C TYR G 42 24.09 43.19 55.87
N LYS G 43 22.98 43.21 56.62
CA LYS G 43 21.67 42.95 56.05
C LYS G 43 20.90 44.26 55.78
N ASP G 44 21.49 45.41 56.14
CA ASP G 44 20.73 46.67 56.03
C ASP G 44 21.16 47.65 54.92
N GLY G 45 22.05 47.20 54.02
CA GLY G 45 22.50 48.05 52.92
C GLY G 45 23.51 49.09 53.35
N ILE G 46 23.77 50.05 52.47
CA ILE G 46 24.57 51.21 52.85
C ILE G 46 23.81 52.44 52.33
N GLN G 47 22.80 52.85 53.11
CA GLN G 47 21.94 53.96 52.72
C GLN G 47 22.75 55.26 52.66
N PRO G 48 22.39 56.17 51.73
CA PRO G 48 21.23 56.07 50.84
C PRO G 48 21.54 55.48 49.46
N VAL G 49 22.73 54.92 49.30
CA VAL G 49 23.24 54.53 47.98
C VAL G 49 23.04 53.04 47.61
N MET G 50 23.33 52.12 48.52
CA MET G 50 23.22 50.69 48.25
C MET G 50 22.05 50.09 49.02
N SER G 51 21.15 49.44 48.28
CA SER G 51 20.03 48.76 48.91
C SER G 51 20.53 47.53 49.70
N PRO G 52 19.69 47.01 50.61
CA PRO G 52 20.02 45.76 51.31
C PRO G 52 20.39 44.61 50.35
N ARG G 53 19.61 44.43 49.28
CA ARG G 53 19.91 43.32 48.36
C ARG G 53 21.23 43.51 47.64
N GLN G 54 21.49 44.73 47.18
CA GLN G 54 22.76 45.01 46.51
C GLN G 54 23.93 44.68 47.40
N LEU G 55 23.85 45.04 48.69
CA LEU G 55 24.98 44.77 49.58
C LEU G 55 25.03 43.28 49.90
N GLU G 56 23.87 42.68 50.16
CA GLU G 56 23.83 41.25 50.46
C GLU G 56 24.48 40.43 49.35
N LEU G 57 24.07 40.69 48.09
CA LEU G 57 24.70 40.08 46.93
C LEU G 57 26.22 40.29 46.94
N HIS G 58 26.64 41.54 47.08
CA HIS G 58 28.05 41.87 46.90
C HIS G 58 28.91 41.27 47.99
N TYR G 59 28.43 41.35 49.23
CA TYR G 59 29.20 40.90 50.40
C TYR G 59 29.03 39.40 50.63
N SER G 60 27.78 38.94 50.74
CA SER G 60 27.49 37.55 51.14
C SER G 60 27.67 36.56 50.00
N LYS G 61 27.62 37.04 48.76
CA LYS G 61 27.82 36.16 47.60
C LYS G 61 29.18 36.36 46.96
N HIS G 62 29.41 37.55 46.39
CA HIS G 62 30.67 37.80 45.64
C HIS G 62 31.91 37.74 46.51
N HIS G 63 31.93 38.58 47.56
CA HIS G 63 33.13 38.62 48.43
C HIS G 63 33.35 37.28 49.10
N SER G 64 32.26 36.73 49.65
CA SER G 64 32.31 35.41 50.31
C SER G 64 32.93 34.30 49.46
N ALA G 65 32.65 34.30 48.15
CA ALA G 65 33.18 33.30 47.22
C ALA G 65 34.68 33.46 47.03
N TYR G 66 35.17 34.70 47.01
CA TYR G 66 36.62 34.94 46.93
C TYR G 66 37.34 34.38 48.16
N VAL G 67 36.74 34.62 49.33
CA VAL G 67 37.30 34.16 50.62
C VAL G 67 37.35 32.62 50.60
N ASP G 68 36.24 32.00 50.25
CA ASP G 68 36.18 30.52 50.24
C ASP G 68 37.17 29.91 49.25
N LYS G 69 37.23 30.45 48.04
CA LYS G 69 38.14 29.92 47.03
C LYS G 69 39.60 30.09 47.46
N LEU G 70 39.93 31.26 47.98
CA LEU G 70 41.29 31.54 48.45
C LEU G 70 41.70 30.50 49.49
N ASN G 71 40.79 30.15 50.39
CA ASN G 71 41.06 29.15 51.42
C ASN G 71 41.32 27.72 50.91
N THR G 72 40.89 27.42 49.68
CA THR G 72 41.22 26.12 49.07
C THR G 72 42.63 26.18 48.44
N LEU G 73 43.26 27.35 48.42
CA LEU G 73 44.47 27.53 47.61
C LEU G 73 45.72 27.93 48.39
N GLY G 74 45.56 28.48 49.57
CA GLY G 74 46.63 29.23 50.21
C GLY G 74 47.47 28.47 51.22
N LYS G 75 47.50 27.14 51.10
CA LYS G 75 48.25 26.30 52.04
C LYS G 75 49.69 26.79 52.10
N GLY G 76 50.20 27.05 53.30
CA GLY G 76 51.56 27.58 53.46
C GLY G 76 51.62 29.05 53.86
N TYR G 77 50.52 29.78 53.64
CA TYR G 77 50.46 31.19 53.99
C TYR G 77 49.76 31.49 55.32
N GLU G 78 49.48 30.44 56.09
CA GLU G 78 48.86 30.60 57.41
C GLU G 78 49.60 31.66 58.24
N GLY G 79 48.84 32.61 58.80
CA GLY G 79 49.43 33.72 59.56
C GLY G 79 49.93 34.92 58.76
N LYS G 80 50.07 34.76 57.44
CA LYS G 80 50.59 35.84 56.61
C LYS G 80 49.48 36.81 56.22
N THR G 81 49.85 38.05 55.90
CA THR G 81 48.86 39.02 55.45
C THR G 81 48.40 38.66 54.03
N ILE G 82 47.18 39.04 53.72
CA ILE G 82 46.67 38.88 52.36
C ILE G 82 47.57 39.62 51.37
N GLU G 83 48.08 40.79 51.76
CA GLU G 83 49.01 41.56 50.91
C GLU G 83 50.29 40.82 50.59
N GLU G 84 50.82 40.09 51.56
CA GLU G 84 51.94 39.20 51.28
C GLU G 84 51.63 38.17 50.19
N ILE G 85 50.42 37.61 50.20
CA ILE G 85 50.06 36.63 49.16
C ILE G 85 50.00 37.32 47.79
N ILE G 86 49.38 38.50 47.75
CA ILE G 86 49.26 39.29 46.52
C ILE G 86 50.66 39.54 45.94
N LEU G 87 51.57 40.02 46.79
CA LEU G 87 52.90 40.37 46.34
C LEU G 87 53.73 39.18 45.88
N ALA G 88 53.55 38.03 46.53
CA ALA G 88 54.29 36.84 46.16
C ALA G 88 53.72 36.16 44.91
N THR G 89 52.46 36.42 44.57
CA THR G 89 51.86 35.75 43.41
C THR G 89 51.71 36.64 42.18
N THR G 90 51.92 37.93 42.32
CA THR G 90 51.65 38.83 41.20
C THR G 90 52.64 38.55 40.08
N GLY G 91 52.15 38.55 38.84
CA GLY G 91 52.99 38.35 37.65
C GLY G 91 53.52 36.95 37.46
N ILE G 92 53.05 36.01 38.27
CA ILE G 92 53.48 34.61 38.18
C ILE G 92 52.35 33.78 37.58
N ASN G 93 52.56 33.31 36.35
CA ASN G 93 51.47 32.75 35.56
C ASN G 93 50.76 31.57 36.21
N GLU G 94 51.55 30.65 36.76
CA GLU G 94 51.05 29.47 37.47
C GLU G 94 50.18 29.82 38.68
N SER G 95 50.28 31.07 39.17
CA SER G 95 49.59 31.48 40.39
C SER G 95 48.46 32.47 40.15
N LYS G 96 48.07 32.63 38.88
CA LYS G 96 47.09 33.63 38.47
C LYS G 96 45.75 33.46 39.22
N VAL G 97 45.30 32.21 39.39
CA VAL G 97 44.03 31.96 40.09
C VAL G 97 44.09 32.44 41.55
N MET G 98 45.15 32.05 42.25
CA MET G 98 45.30 32.48 43.65
C MET G 98 45.47 33.99 43.78
N PHE G 99 46.26 34.59 42.89
CA PHE G 99 46.39 36.06 42.88
C PHE G 99 45.01 36.73 42.79
N ASN G 100 44.22 36.27 41.83
CA ASN G 100 42.89 36.86 41.62
C ASN G 100 42.02 36.79 42.87
N GLN G 101 42.06 35.66 43.58
CA GLN G 101 41.22 35.53 44.80
C GLN G 101 41.78 36.43 45.92
N ALA G 102 43.09 36.40 46.11
CA ALA G 102 43.73 37.21 47.15
C ALA G 102 43.53 38.71 46.92
N ALA G 103 43.86 39.15 45.71
CA ALA G 103 43.68 40.54 45.31
C ALA G 103 42.19 40.96 45.46
N GLN G 104 41.26 40.11 45.03
CA GLN G 104 39.86 40.47 45.15
C GLN G 104 39.40 40.52 46.61
N HIS G 105 39.94 39.64 47.46
CA HIS G 105 39.63 39.67 48.88
C HIS G 105 40.13 40.96 49.52
N PHE G 106 41.37 41.33 49.24
CA PHE G 106 41.90 42.62 49.71
C PHE G 106 41.05 43.80 49.20
N ASN G 107 40.71 43.80 47.91
CA ASN G 107 40.11 44.96 47.26
C ASN G 107 38.75 45.20 47.87
N HIS G 108 37.99 44.10 48.06
CA HIS G 108 36.64 44.22 48.69
C HIS G 108 36.74 44.61 50.15
N SER G 109 37.66 44.00 50.88
CA SER G 109 37.86 44.32 52.29
C SER G 109 38.19 45.81 52.43
N PHE G 110 39.05 46.31 51.57
CA PHE G 110 39.43 47.74 51.56
C PHE G 110 38.22 48.62 51.20
N PHE G 111 37.50 48.26 50.13
CA PHE G 111 36.27 48.95 49.72
C PHE G 111 35.27 49.12 50.89
N TRP G 112 34.97 48.04 51.62
CA TRP G 112 34.05 48.12 52.79
C TRP G 112 34.48 49.11 53.85
N LYS G 113 35.76 49.24 54.08
CA LYS G 113 36.22 50.21 55.07
C LYS G 113 36.08 51.67 54.57
N CYS G 114 36.04 51.83 53.26
CA CYS G 114 35.87 53.14 52.62
C CYS G 114 34.44 53.65 52.67
N LEU G 115 33.52 52.81 53.13
CA LEU G 115 32.08 53.11 53.10
C LEU G 115 31.41 53.09 54.46
N SER G 116 30.35 53.89 54.63
CA SER G 116 29.54 53.85 55.84
C SER G 116 28.15 54.38 55.53
N PRO G 117 27.10 53.77 56.11
CA PRO G 117 25.79 54.40 55.91
C PRO G 117 25.80 55.90 56.23
N GLY G 118 25.34 56.73 55.30
CA GLY G 118 25.33 58.19 55.48
C GLY G 118 26.68 58.87 55.30
N GLY G 119 27.73 58.08 55.05
CA GLY G 119 29.12 58.58 54.88
C GLY G 119 29.68 59.19 56.15
N LYS G 120 30.90 59.72 56.07
CA LYS G 120 31.45 60.55 57.16
C LYS G 120 32.16 61.72 56.51
N PRO G 121 32.01 62.93 57.07
CA PRO G 121 32.54 64.14 56.41
C PRO G 121 34.06 64.14 56.24
N MET G 122 34.53 64.79 55.18
CA MET G 122 35.96 64.86 54.88
C MET G 122 36.70 65.76 55.87
N PRO G 123 37.64 65.20 56.65
CA PRO G 123 38.47 66.04 57.52
C PRO G 123 39.29 67.08 56.74
N LYS G 124 39.59 68.20 57.39
CA LYS G 124 40.25 69.32 56.74
C LYS G 124 41.59 68.92 56.15
N THR G 125 42.36 68.11 56.89
CA THR G 125 43.68 67.62 56.44
C THR G 125 43.58 67.02 55.02
N LEU G 126 42.61 66.13 54.84
CA LEU G 126 42.43 65.43 53.56
C LEU G 126 41.89 66.37 52.46
N GLU G 127 40.95 67.23 52.83
CA GLU G 127 40.38 68.21 51.92
C GLU G 127 41.50 69.09 51.34
N ASN G 128 42.41 69.55 52.20
CA ASN G 128 43.52 70.41 51.78
C ASN G 128 44.46 69.68 50.84
N ALA G 129 44.76 68.42 51.15
CA ALA G 129 45.67 67.60 50.34
C ALA G 129 45.08 67.32 48.94
N ILE G 130 43.79 67.06 48.90
CA ILE G 130 43.12 66.79 47.63
C ILE G 130 43.03 68.08 46.79
N ALA G 131 42.62 69.17 47.42
CA ALA G 131 42.52 70.48 46.74
C ALA G 131 43.88 70.90 46.19
N LYS G 132 44.93 70.68 46.98
CA LYS G 132 46.29 71.02 46.55
C LYS G 132 46.72 70.21 45.30
N GLN G 133 46.50 68.89 45.31
CA GLN G 133 47.01 68.06 44.24
C GLN G 133 46.17 68.18 42.95
N PHE G 134 44.86 68.19 43.10
CA PHE G 134 43.95 68.15 41.95
C PHE G 134 43.39 69.51 41.54
N GLY G 135 43.70 70.55 42.31
CA GLY G 135 43.21 71.91 42.02
C GLY G 135 42.02 72.28 42.90
N SER G 136 41.10 71.33 43.11
CA SER G 136 39.98 71.50 44.04
C SER G 136 39.39 70.14 44.33
N VAL G 137 38.58 70.06 45.38
CA VAL G 137 37.91 68.80 45.71
C VAL G 137 36.95 68.40 44.59
N ASP G 138 36.20 69.37 44.07
CA ASP G 138 35.30 69.11 42.92
C ASP G 138 36.04 68.63 41.69
N ASP G 139 37.19 69.20 41.38
CA ASP G 139 37.99 68.71 40.27
C ASP G 139 38.39 67.24 40.47
N PHE G 140 38.86 66.91 41.67
CA PHE G 140 39.19 65.51 42.00
C PHE G 140 37.97 64.60 41.77
N MET G 141 36.81 65.00 42.28
CA MET G 141 35.65 64.12 42.20
C MET G 141 35.26 63.84 40.77
N VAL G 142 35.31 64.87 39.95
CA VAL G 142 34.91 64.69 38.55
C VAL G 142 35.92 63.84 37.83
N SER G 143 37.21 64.06 38.09
CA SER G 143 38.25 63.24 37.46
C SER G 143 38.16 61.78 37.88
N PHE G 144 37.87 61.54 39.16
CA PHE G 144 37.71 60.18 39.67
C PHE G 144 36.48 59.49 39.02
N GLN G 145 35.33 60.18 38.99
CA GLN G 145 34.15 59.69 38.29
C GLN G 145 34.45 59.30 36.84
N GLN G 146 35.14 60.20 36.13
CA GLN G 146 35.50 59.99 34.73
CA GLN G 146 35.40 59.94 34.72
C GLN G 146 36.34 58.72 34.54
N ALA G 147 37.33 58.58 35.42
CA ALA G 147 38.25 57.46 35.36
C ALA G 147 37.49 56.16 35.57
N GLY G 148 36.51 56.19 36.49
CA GLY G 148 35.69 55.03 36.78
C GLY G 148 34.79 54.64 35.61
N VAL G 149 34.08 55.62 35.05
CA VAL G 149 33.23 55.43 33.88
C VAL G 149 34.03 54.87 32.72
N ASN G 150 35.25 55.33 32.55
CA ASN G 150 36.08 54.91 31.41
C ASN G 150 36.96 53.69 31.63
N ASN G 151 36.82 53.07 32.81
CA ASN G 151 37.57 51.87 33.15
C ASN G 151 36.87 50.70 32.44
N PHE G 152 37.41 50.28 31.28
CA PHE G 152 36.65 49.39 30.36
C PHE G 152 36.54 47.99 30.95
N GLY G 153 35.31 47.47 31.05
CA GLY G 153 35.07 46.13 31.64
C GLY G 153 35.03 46.21 33.15
N SER G 154 35.48 45.15 33.82
CA SER G 154 35.51 45.06 35.27
C SER G 154 36.82 45.66 35.84
N GLY G 155 36.75 46.27 37.03
CA GLY G 155 37.95 46.70 37.73
C GLY G 155 37.64 47.65 38.86
N TRP G 156 38.64 48.47 39.18
CA TRP G 156 38.67 49.35 40.37
C TRP G 156 39.29 50.66 39.99
N THR G 157 38.80 51.72 40.60
CA THR G 157 39.37 53.03 40.40
C THR G 157 39.80 53.50 41.79
N TRP G 158 41.01 54.03 41.87
CA TRP G 158 41.68 54.24 43.15
C TRP G 158 42.15 55.67 43.32
N LEU G 159 42.15 56.15 44.56
CA LEU G 159 42.94 57.33 44.93
C LEU G 159 44.10 56.74 45.73
N CYS G 160 45.33 56.98 45.27
CA CYS G 160 46.52 56.43 45.91
C CYS G 160 47.48 57.53 46.32
N VAL G 161 48.40 57.18 47.22
CA VAL G 161 49.59 57.98 47.52
C VAL G 161 50.78 57.30 46.82
N ASP G 162 51.60 58.08 46.13
CA ASP G 162 52.89 57.57 45.68
C ASP G 162 53.89 57.80 46.82
N PRO G 163 54.48 56.72 47.37
CA PRO G 163 55.35 56.89 48.56
C PRO G 163 56.69 57.58 48.30
N GLN G 164 57.16 57.59 47.05
CA GLN G 164 58.41 58.27 46.72
C GLN G 164 58.25 59.79 46.62
N THR G 165 57.06 60.24 46.24
CA THR G 165 56.77 61.67 46.04
C THR G 165 55.84 62.25 47.09
N LYS G 166 55.08 61.38 47.76
CA LYS G 166 54.03 61.78 48.73
C LYS G 166 52.84 62.48 48.04
N GLU G 167 52.83 62.47 46.70
CA GLU G 167 51.71 62.99 45.92
C GLU G 167 50.53 62.03 45.87
N LEU G 168 49.36 62.59 45.56
CA LEU G 168 48.13 61.83 45.36
C LEU G 168 47.93 61.61 43.87
N LEU G 169 47.36 60.48 43.48
CA LEU G 169 47.04 60.24 42.08
C LEU G 169 45.82 59.34 41.97
N ILE G 170 45.04 59.52 40.91
CA ILE G 170 43.98 58.59 40.56
C ILE G 170 44.57 57.51 39.69
N ASP G 171 44.22 56.26 39.96
CA ASP G 171 44.76 55.13 39.22
C ASP G 171 43.60 54.15 39.02
N SER G 172 43.53 53.52 37.83
CA SER G 172 42.49 52.53 37.55
C SER G 172 43.11 51.17 37.27
N THR G 173 42.50 50.11 37.76
CA THR G 173 43.04 48.80 37.48
C THR G 173 41.96 47.95 36.86
N SER G 174 42.40 46.94 36.12
CA SER G 174 41.49 46.01 35.47
C SER G 174 41.33 44.75 36.30
N ASN G 175 40.11 44.25 36.34
CA ASN G 175 39.78 42.98 37.03
C ASN G 175 40.19 42.96 38.52
N ALA G 176 41.18 42.14 38.91
CA ALA G 176 41.64 42.07 40.33
C ALA G 176 42.85 42.95 40.59
N GLY G 177 43.29 43.68 39.57
CA GLY G 177 44.43 44.60 39.66
C GLY G 177 44.44 45.43 40.95
N CYS G 178 45.63 45.52 41.55
CA CYS G 178 45.81 46.02 42.90
C CYS G 178 47.06 46.94 42.91
N PRO G 179 46.88 48.23 43.25
CA PRO G 179 47.95 49.25 43.18
C PRO G 179 49.18 48.88 43.97
N LEU G 180 49.03 48.06 44.99
CA LEU G 180 50.20 47.68 45.76
C LEU G 180 51.25 46.95 44.87
N THR G 181 50.81 46.27 43.81
CA THR G 181 51.75 45.54 42.95
C THR G 181 52.72 46.46 42.20
N SER G 182 52.43 47.76 42.17
CA SER G 182 53.36 48.71 41.59
C SER G 182 53.86 49.73 42.61
N GLY G 183 53.87 49.35 43.88
CA GLY G 183 54.38 50.23 44.92
C GLY G 183 53.46 51.33 45.40
N LEU G 184 52.22 51.40 44.86
CA LEU G 184 51.31 52.46 45.28
C LEU G 184 50.53 52.12 46.56
N ARG G 185 50.15 53.15 47.30
CA ARG G 185 49.46 52.99 48.58
C ARG G 185 48.04 53.53 48.49
N PRO G 186 47.04 52.61 48.43
CA PRO G 186 45.66 53.09 48.29
C PRO G 186 45.11 53.80 49.53
N ILE G 187 44.27 54.81 49.31
CA ILE G 187 43.59 55.47 50.41
C ILE G 187 42.07 55.46 50.19
N PHE G 188 41.64 55.21 48.95
CA PHE G 188 40.20 55.08 48.67
C PHE G 188 40.00 54.26 47.40
N THR G 189 38.90 53.52 47.28
CA THR G 189 38.65 52.81 46.02
C THR G 189 37.15 52.78 45.72
N ALA G 190 36.80 52.69 44.44
CA ALA G 190 35.43 52.39 44.03
C ALA G 190 35.49 51.12 43.17
N ASP G 191 34.72 50.11 43.55
CA ASP G 191 34.53 48.91 42.74
C ASP G 191 33.69 49.31 41.50
N VAL G 192 34.23 49.09 40.30
CA VAL G 192 33.46 49.24 39.05
C VAL G 192 33.21 47.95 38.27
N TRP G 193 33.41 46.80 38.91
CA TRP G 193 32.79 45.60 38.37
C TRP G 193 31.32 45.86 38.34
N GLU G 194 30.62 45.38 37.31
CA GLU G 194 29.18 45.66 37.14
C GLU G 194 28.33 45.19 38.30
N HIS G 195 28.72 44.07 38.92
CA HIS G 195 27.96 43.60 40.11
C HIS G 195 27.99 44.57 41.27
N ALA G 196 28.93 45.52 41.29
CA ALA G 196 28.95 46.50 42.42
C ALA G 196 27.72 47.41 42.43
N TYR G 197 27.14 47.64 41.24
CA TYR G 197 26.06 48.62 41.10
C TYR G 197 24.85 48.17 40.31
N TYR G 198 24.95 47.03 39.61
CA TYR G 198 23.86 46.61 38.67
C TYR G 198 22.50 46.40 39.33
N LYS G 199 22.50 45.95 40.60
CA LYS G 199 21.19 45.80 41.26
C LYS G 199 20.48 47.13 41.44
N ASP G 200 21.21 48.14 41.88
CA ASP G 200 20.59 49.45 42.20
C ASP G 200 20.59 50.42 41.02
N PHE G 201 21.57 50.29 40.13
CA PHE G 201 21.72 51.28 39.08
C PHE G 201 21.60 50.74 37.67
N GLU G 202 21.53 49.41 37.53
CA GLU G 202 21.49 48.76 36.21
C GLU G 202 22.71 49.23 35.44
N ASN G 203 22.54 49.71 34.19
CA ASN G 203 23.69 50.11 33.37
C ASN G 203 24.33 51.45 33.83
N ARG G 204 23.70 52.15 34.77
CA ARG G 204 24.07 53.58 35.04
C ARG G 204 25.30 53.73 35.95
N ARG G 205 26.46 53.33 35.43
CA ARG G 205 27.69 53.34 36.20
C ARG G 205 28.05 54.78 36.57
N ALA G 206 27.77 55.72 35.64
CA ALA G 206 28.02 57.14 35.91
C ALA G 206 27.25 57.62 37.13
N ASP G 207 25.97 57.26 37.20
CA ASP G 207 25.12 57.68 38.31
C ASP G 207 25.55 57.04 39.64
N TYR G 208 25.94 55.79 39.59
CA TYR G 208 26.53 55.13 40.77
C TYR G 208 27.74 55.89 41.32
N LEU G 209 28.69 56.22 40.44
CA LEU G 209 29.91 56.90 40.86
C LEU G 209 29.66 58.30 41.38
N LYS G 210 28.71 58.99 40.75
CA LYS G 210 28.28 60.31 41.22
C LYS G 210 27.70 60.21 42.63
N GLU G 211 26.84 59.22 42.86
CA GLU G 211 26.12 59.05 44.12
C GLU G 211 26.97 58.42 45.23
N LEU G 212 28.02 57.70 44.85
CA LEU G 212 28.82 56.92 45.83
C LEU G 212 29.38 57.81 46.92
N TRP G 213 29.67 59.07 46.58
CA TRP G 213 30.29 60.01 47.51
C TRP G 213 29.48 60.17 48.78
N GLN G 214 28.16 60.00 48.70
CA GLN G 214 27.29 60.18 49.88
C GLN G 214 27.48 59.11 50.97
N ILE G 215 28.15 57.99 50.63
CA ILE G 215 28.45 56.92 51.61
C ILE G 215 29.96 56.70 51.82
N VAL G 216 30.78 57.59 51.31
CA VAL G 216 32.22 57.50 51.58
C VAL G 216 32.57 57.87 53.05
N ASP G 217 33.26 56.94 53.72
CA ASP G 217 33.83 57.19 55.05
C ASP G 217 35.15 57.91 54.86
N TRP G 218 35.07 59.24 54.79
CA TRP G 218 36.27 60.06 54.62
C TRP G 218 37.20 60.08 55.81
N GLU G 219 36.70 59.73 57.00
CA GLU G 219 37.60 59.59 58.15
C GLU G 219 38.57 58.42 57.96
N PHE G 220 38.06 57.29 57.45
CA PHE G 220 38.96 56.20 57.12
C PHE G 220 39.95 56.59 56.01
N VAL G 221 39.44 57.27 54.97
CA VAL G 221 40.28 57.68 53.86
C VAL G 221 41.38 58.60 54.41
N CYS G 222 41.02 59.50 55.31
CA CYS G 222 42.02 60.44 55.88
C CYS G 222 43.03 59.67 56.74
N HIS G 223 42.53 58.72 57.53
CA HIS G 223 43.37 57.79 58.31
CA HIS G 223 43.42 57.84 58.31
C HIS G 223 44.41 57.17 57.40
N MET G 224 43.96 56.69 56.24
CA MET G 224 44.86 56.04 55.27
C MET G 224 45.88 56.99 54.67
N TYR G 225 45.44 58.21 54.38
CA TYR G 225 46.33 59.28 53.90
C TYR G 225 47.47 59.52 54.87
N GLU G 226 47.14 59.64 56.14
CA GLU G 226 48.13 59.89 57.20
C GLU G 226 49.12 58.74 57.35
N ARG G 227 48.61 57.52 57.32
CA ARG G 227 49.44 56.32 57.41
C ARG G 227 50.35 56.22 56.19
N ALA G 228 49.79 56.44 55.00
CA ALA G 228 50.54 56.27 53.74
C ALA G 228 51.66 57.32 53.52
N THR G 229 51.48 58.50 54.10
CA THR G 229 52.46 59.57 53.95
C THR G 229 53.38 59.68 55.15
N LYS G 230 53.21 58.83 56.16
CA LYS G 230 54.05 58.91 57.37
C LYS G 230 55.51 58.63 57.00
N LEU H 21 37.62 40.84 -0.56
CA LEU H 21 37.00 39.56 -1.04
C LEU H 21 37.46 38.40 -0.18
N CYS H 22 37.05 38.43 1.08
CA CYS H 22 37.33 37.31 1.94
C CYS H 22 36.11 37.02 2.80
N TYR H 23 36.13 35.86 3.46
CA TYR H 23 35.08 35.46 4.38
C TYR H 23 34.91 36.48 5.52
N HIS H 24 33.66 36.80 5.85
CA HIS H 24 33.36 37.55 7.07
C HIS H 24 32.36 36.76 7.85
N THR H 25 32.46 36.82 9.18
CA THR H 25 31.44 36.18 10.03
C THR H 25 30.04 36.79 9.84
N LEU H 26 29.98 38.12 9.73
CA LEU H 26 28.69 38.80 9.56
C LEU H 26 28.86 39.84 8.45
N PRO H 27 28.85 39.41 7.17
CA PRO H 27 29.10 40.36 6.07
C PRO H 27 28.06 41.49 6.01
N HIS H 28 26.87 41.25 6.56
CA HIS H 28 25.81 42.26 6.56
CA HIS H 28 25.77 42.24 6.58
C HIS H 28 26.04 43.36 7.58
N LEU H 29 26.92 43.14 8.56
CA LEU H 29 27.19 44.14 9.64
C LEU H 29 28.24 45.16 9.24
N ARG H 30 27.78 46.37 8.92
CA ARG H 30 28.61 47.34 8.23
C ARG H 30 28.67 48.68 8.94
N TYR H 31 29.55 49.55 8.46
CA TYR H 31 29.70 50.90 8.99
C TYR H 31 29.17 51.89 7.95
N PRO H 32 28.49 52.99 8.37
CA PRO H 32 28.17 53.43 9.75
C PRO H 32 27.38 52.35 10.53
N ALA H 33 27.73 52.19 11.80
CA ALA H 33 27.11 51.18 12.65
C ALA H 33 25.62 51.46 12.90
N GLU H 34 24.80 50.41 13.00
CA GLU H 34 23.39 50.50 13.42
C GLU H 34 23.05 49.34 14.33
N LEU H 35 22.15 49.56 15.31
CA LEU H 35 21.65 48.43 16.10
C LEU H 35 20.96 47.46 15.16
N PRO H 36 21.33 46.16 15.21
CA PRO H 36 20.67 45.21 14.29
C PRO H 36 19.19 44.96 14.62
N THR H 37 18.39 44.63 13.60
CA THR H 37 17.03 44.18 13.79
C THR H 37 17.05 42.79 14.41
N LEU H 38 16.30 42.60 15.49
CA LEU H 38 16.27 41.31 16.18
C LEU H 38 15.28 40.39 15.50
N GLY H 39 15.53 39.09 15.49
CA GLY H 39 14.63 38.14 14.82
C GLY H 39 13.41 37.75 15.63
N PHE H 40 12.94 38.66 16.49
CA PHE H 40 11.87 38.40 17.49
C PHE H 40 11.42 39.73 18.12
N ASN H 41 10.35 39.69 18.89
CA ASN H 41 9.80 40.90 19.50
C ASN H 41 10.55 41.31 20.78
N TYR H 42 11.42 42.32 20.65
CA TYR H 42 12.15 42.92 21.79
C TYR H 42 11.32 43.02 23.07
N LYS H 43 10.11 43.56 22.96
CA LYS H 43 9.21 43.76 24.12
C LYS H 43 9.12 42.54 25.04
N ASP H 44 9.10 41.34 24.45
CA ASP H 44 8.93 40.05 25.14
C ASP H 44 10.19 39.41 25.75
N GLY H 45 11.33 40.07 25.64
CA GLY H 45 12.59 39.47 26.09
C GLY H 45 12.97 38.31 25.18
N ILE H 46 13.60 37.28 25.76
CA ILE H 46 13.87 36.02 25.04
C ILE H 46 13.49 34.85 25.96
N GLN H 47 12.21 34.47 25.93
CA GLN H 47 11.69 33.44 26.83
C GLN H 47 12.26 32.07 26.51
N PRO H 48 12.47 31.22 27.55
CA PRO H 48 12.15 31.43 28.96
C PRO H 48 13.36 31.81 29.81
N VAL H 49 14.40 32.35 29.16
CA VAL H 49 15.67 32.66 29.82
C VAL H 49 15.85 34.15 30.15
N MET H 50 15.56 35.04 29.20
CA MET H 50 15.80 36.48 29.39
C MET H 50 14.51 37.27 29.54
N SER H 51 14.40 38.06 30.60
CA SER H 51 13.22 38.91 30.81
C SER H 51 13.21 40.11 29.84
N PRO H 52 12.02 40.75 29.66
CA PRO H 52 11.88 42.00 28.91
C PRO H 52 12.89 43.04 29.38
N ARG H 53 12.98 43.27 30.68
CA ARG H 53 13.92 44.26 31.21
C ARG H 53 15.42 43.90 31.00
N GLN H 54 15.78 42.63 31.16
CA GLN H 54 17.15 42.19 30.90
C GLN H 54 17.55 42.47 29.45
N LEU H 55 16.67 42.11 28.51
CA LEU H 55 16.92 42.39 27.10
C LEU H 55 16.91 43.91 26.80
N GLU H 56 15.95 44.65 27.33
CA GLU H 56 15.90 46.10 27.09
C GLU H 56 17.21 46.78 27.54
N LEU H 57 17.69 46.45 28.73
CA LEU H 57 18.97 47.02 29.17
C LEU H 57 20.10 46.64 28.22
N HIS H 58 20.16 45.35 27.87
CA HIS H 58 21.35 44.83 27.18
C HIS H 58 21.43 45.38 25.79
N TYR H 59 20.27 45.44 25.15
CA TYR H 59 20.17 45.89 23.76
C TYR H 59 20.03 47.41 23.62
N SER H 60 19.04 48.02 24.30
CA SER H 60 18.77 49.48 24.16
C SER H 60 19.75 50.36 24.90
N LYS H 61 20.44 49.80 25.90
CA LYS H 61 21.43 50.60 26.64
C LYS H 61 22.85 50.18 26.30
N HIS H 62 23.23 48.96 26.67
CA HIS H 62 24.61 48.52 26.46
C HIS H 62 25.01 48.48 25.00
N HIS H 63 24.28 47.71 24.21
CA HIS H 63 24.61 47.60 22.78
C HIS H 63 24.48 48.94 22.08
N SER H 64 23.37 49.63 22.29
CA SER H 64 23.17 50.94 21.64
C SER H 64 24.33 51.92 21.88
N ALA H 65 24.96 51.88 23.06
CA ALA H 65 26.04 52.80 23.39
C ALA H 65 27.28 52.52 22.58
N TYR H 66 27.59 51.24 22.34
CA TYR H 66 28.74 50.87 21.52
C TYR H 66 28.55 51.38 20.08
N VAL H 67 27.33 51.28 19.57
CA VAL H 67 27.00 51.69 18.20
C VAL H 67 27.19 53.22 18.08
N ASP H 68 26.62 53.96 19.02
CA ASP H 68 26.72 55.42 19.00
C ASP H 68 28.18 55.88 19.11
N LYS H 69 28.95 55.26 20.01
CA LYS H 69 30.31 55.70 20.24
C LYS H 69 31.16 55.35 19.02
N LEU H 70 30.99 54.14 18.49
CA LEU H 70 31.68 53.72 17.28
C LEU H 70 31.44 54.71 16.12
N ASN H 71 30.23 55.22 16.01
CA ASN H 71 29.92 56.22 14.95
C ASN H 71 30.60 57.59 15.13
N THR H 72 31.15 57.85 16.30
CA THR H 72 31.93 59.07 16.52
C THR H 72 33.38 58.85 16.10
N LEU H 73 33.76 57.60 15.81
CA LEU H 73 35.17 57.22 15.67
C LEU H 73 35.60 56.68 14.31
N GLY H 74 34.66 56.16 13.53
CA GLY H 74 35.04 55.33 12.39
C GLY H 74 35.04 55.97 11.02
N LYS H 75 35.21 57.29 10.95
CA LYS H 75 35.23 58.00 9.66
C LYS H 75 36.29 57.38 8.74
N GLY H 76 35.92 57.11 7.49
CA GLY H 76 36.85 56.46 6.56
C GLY H 76 36.57 54.97 6.36
N TYR H 77 35.77 54.39 7.25
CA TYR H 77 35.29 53.00 7.14
C TYR H 77 33.86 52.88 6.56
N GLU H 78 33.32 53.98 6.05
CA GLU H 78 32.01 53.96 5.40
C GLU H 78 31.92 52.89 4.31
N GLY H 79 30.87 52.06 4.37
CA GLY H 79 30.67 50.98 3.38
C GLY H 79 31.41 49.67 3.65
N LYS H 80 32.27 49.67 4.68
CA LYS H 80 33.07 48.50 5.01
C LYS H 80 32.44 47.68 6.14
N THR H 81 32.89 46.44 6.32
CA THR H 81 32.38 45.65 7.45
C THR H 81 32.97 46.15 8.78
N ILE H 82 32.20 45.93 9.84
CA ILE H 82 32.67 46.16 11.22
C ILE H 82 33.90 45.30 11.48
N GLU H 83 33.89 44.09 10.94
CA GLU H 83 35.03 43.18 11.08
C GLU H 83 36.31 43.78 10.52
N GLU H 84 36.19 44.53 9.43
CA GLU H 84 37.34 45.25 8.88
C GLU H 84 37.94 46.25 9.88
N ILE H 85 37.07 46.97 10.59
CA ILE H 85 37.51 47.90 11.65
C ILE H 85 38.25 47.14 12.75
N ILE H 86 37.66 46.02 13.19
CA ILE H 86 38.26 45.17 14.23
C ILE H 86 39.65 44.70 13.83
N LEU H 87 39.77 44.22 12.60
CA LEU H 87 41.05 43.69 12.15
C LEU H 87 42.08 44.79 11.93
N ALA H 88 41.64 45.99 11.55
CA ALA H 88 42.59 47.12 11.36
C ALA H 88 43.01 47.80 12.67
N THR H 89 42.31 47.52 13.77
CA THR H 89 42.58 48.22 15.04
C THR H 89 43.17 47.33 16.13
N THR H 90 43.06 46.01 15.96
CA THR H 90 43.50 45.06 16.96
C THR H 90 45.02 45.16 17.15
N GLY H 91 45.47 45.17 18.40
CA GLY H 91 46.90 45.22 18.73
C GLY H 91 47.54 46.59 18.53
N ILE H 92 46.73 47.59 18.23
CA ILE H 92 47.23 48.96 18.04
C ILE H 92 46.75 49.79 19.22
N ASN H 93 47.67 50.15 20.10
CA ASN H 93 47.34 50.85 21.33
C ASN H 93 46.62 52.19 21.15
N GLU H 94 46.99 52.92 20.11
CA GLU H 94 46.36 54.19 19.78
C GLU H 94 44.92 54.01 19.27
N SER H 95 44.58 52.76 18.92
CA SER H 95 43.25 52.45 18.40
C SER H 95 42.38 51.63 19.37
N LYS H 96 42.82 51.55 20.62
CA LYS H 96 42.16 50.71 21.62
C LYS H 96 40.69 51.06 21.84
N VAL H 97 40.37 52.36 21.95
CA VAL H 97 38.97 52.77 22.16
C VAL H 97 38.07 52.36 21.01
N MET H 98 38.52 52.61 19.77
CA MET H 98 37.72 52.20 18.61
C MET H 98 37.63 50.67 18.51
N PHE H 99 38.72 49.96 18.76
CA PHE H 99 38.66 48.47 18.73
C PHE H 99 37.56 47.98 19.69
N ASN H 100 37.62 48.47 20.92
CA ASN H 100 36.62 48.11 21.91
C ASN H 100 35.19 48.32 21.47
N GLN H 101 34.88 49.47 20.85
CA GLN H 101 33.51 49.74 20.38
C GLN H 101 33.11 48.85 19.19
N ALA H 102 34.00 48.67 18.22
CA ALA H 102 33.69 47.84 17.04
C ALA H 102 33.54 46.36 17.41
N ALA H 103 34.46 45.88 18.23
CA ALA H 103 34.42 44.47 18.67
C ALA H 103 33.18 44.20 19.52
N GLN H 104 32.84 45.12 20.42
CA GLN H 104 31.59 44.94 21.21
C GLN H 104 30.34 44.99 20.35
N HIS H 105 30.32 45.87 19.35
CA HIS H 105 29.24 45.88 18.38
C HIS H 105 29.10 44.56 17.64
N PHE H 106 30.19 44.07 17.07
CA PHE H 106 30.16 42.78 16.41
C PHE H 106 29.75 41.66 17.38
N ASN H 107 30.37 41.66 18.57
CA ASN H 107 30.14 40.58 19.53
C ASN H 107 28.66 40.52 19.92
N HIS H 108 28.05 41.67 20.18
CA HIS H 108 26.60 41.70 20.55
C HIS H 108 25.72 41.34 19.39
N SER H 109 26.03 41.85 18.21
CA SER H 109 25.23 41.51 17.02
C SER H 109 25.26 40.00 16.77
N PHE H 110 26.43 39.40 16.90
CA PHE H 110 26.57 37.95 16.73
C PHE H 110 25.73 37.22 17.79
N PHE H 111 25.85 37.68 19.02
CA PHE H 111 25.10 37.09 20.14
C PHE H 111 23.59 37.04 19.85
N TRP H 112 23.02 38.15 19.38
CA TRP H 112 21.56 38.20 19.13
C TRP H 112 21.15 37.19 18.09
N LYS H 113 21.98 36.97 17.08
CA LYS H 113 21.69 36.00 16.02
C LYS H 113 21.71 34.55 16.57
N CYS H 114 22.44 34.34 17.67
CA CYS H 114 22.59 33.02 18.27
C CYS H 114 21.38 32.66 19.13
N LEU H 115 20.45 33.58 19.29
CA LEU H 115 19.39 33.41 20.27
C LEU H 115 18.05 33.56 19.61
N SER H 116 17.06 32.87 20.17
CA SER H 116 15.69 32.94 19.70
C SER H 116 14.78 32.44 20.83
N PRO H 117 13.59 33.05 21.01
CA PRO H 117 12.63 32.56 22.02
C PRO H 117 12.27 31.08 21.84
N GLY H 118 12.45 30.28 22.90
CA GLY H 118 12.23 28.83 22.83
C GLY H 118 13.35 28.08 22.11
N GLY H 119 14.30 28.83 21.56
CA GLY H 119 15.43 28.27 20.82
C GLY H 119 15.02 27.68 19.49
N LYS H 120 15.98 27.03 18.81
CA LYS H 120 15.68 26.20 17.65
C LYS H 120 16.53 24.93 17.76
N PRO H 121 15.93 23.74 17.48
CA PRO H 121 16.61 22.44 17.66
C PRO H 121 17.91 22.30 16.87
N MET H 122 18.90 21.61 17.43
CA MET H 122 20.18 21.37 16.78
C MET H 122 20.06 20.41 15.59
N PRO H 123 20.37 20.87 14.37
CA PRO H 123 20.37 19.94 13.24
C PRO H 123 21.42 18.84 13.42
N LYS H 124 21.14 17.69 12.81
CA LYS H 124 21.96 16.50 12.96
C LYS H 124 23.40 16.74 12.52
N THR H 125 23.56 17.51 11.45
CA THR H 125 24.87 17.88 10.93
C THR H 125 25.74 18.47 12.04
N LEU H 126 25.16 19.41 12.79
CA LEU H 126 25.90 20.12 13.82
C LEU H 126 26.12 19.23 15.05
N GLU H 127 25.10 18.45 15.40
CA GLU H 127 25.23 17.46 16.47
C GLU H 127 26.46 16.55 16.25
N ASN H 128 26.58 16.01 15.05
CA ASN H 128 27.68 15.09 14.69
C ASN H 128 29.04 15.77 14.76
N ALA H 129 29.10 17.01 14.27
CA ALA H 129 30.35 17.77 14.27
C ALA H 129 30.80 18.06 15.69
N ILE H 130 29.85 18.42 16.55
CA ILE H 130 30.13 18.75 17.96
C ILE H 130 30.52 17.48 18.71
N ALA H 131 29.77 16.40 18.51
CA ALA H 131 30.06 15.12 19.16
C ALA H 131 31.39 14.50 18.69
N LYS H 132 31.74 14.68 17.42
CA LYS H 132 33.04 14.25 16.93
C LYS H 132 34.19 14.96 17.66
N GLN H 133 34.10 16.28 17.84
CA GLN H 133 35.19 17.02 18.47
C GLN H 133 35.28 16.76 19.98
N PHE H 134 34.13 16.79 20.66
CA PHE H 134 34.09 16.84 22.12
C PHE H 134 33.62 15.53 22.76
N GLY H 135 33.30 14.53 21.95
CA GLY H 135 32.87 13.22 22.48
C GLY H 135 31.34 13.08 22.46
N SER H 136 30.64 14.14 22.88
CA SER H 136 29.19 14.23 22.84
C SER H 136 28.81 15.68 22.93
N VAL H 137 27.53 15.97 22.70
CA VAL H 137 27.00 17.31 22.89
C VAL H 137 27.05 17.70 24.38
N ASP H 138 26.71 16.76 25.24
CA ASP H 138 26.77 16.98 26.70
C ASP H 138 28.15 17.39 27.17
N ASP H 139 29.18 16.73 26.65
CA ASP H 139 30.54 17.03 27.06
C ASP H 139 30.99 18.40 26.53
N PHE H 140 30.53 18.74 25.33
CA PHE H 140 30.73 20.08 24.82
C PHE H 140 30.11 21.12 25.77
N MET H 141 28.83 20.91 26.09
CA MET H 141 28.09 21.83 26.95
C MET H 141 28.77 22.02 28.29
N VAL H 142 29.17 20.91 28.92
CA VAL H 142 29.94 21.01 30.16
C VAL H 142 31.22 21.84 29.99
N SER H 143 31.99 21.53 28.94
CA SER H 143 33.22 22.26 28.72
C SER H 143 32.92 23.76 28.49
N PHE H 144 31.90 24.06 27.70
CA PHE H 144 31.55 25.45 27.39
C PHE H 144 31.11 26.19 28.67
N GLN H 145 30.24 25.57 29.46
CA GLN H 145 29.78 26.15 30.74
C GLN H 145 30.94 26.45 31.70
N GLN H 146 31.83 25.48 31.86
CA GLN H 146 33.05 25.67 32.63
C GLN H 146 33.93 26.83 32.16
N ALA H 147 34.14 26.92 30.84
CA ALA H 147 34.93 28.02 30.28
C ALA H 147 34.28 29.36 30.62
N GLY H 148 32.95 29.44 30.53
CA GLY H 148 32.23 30.72 30.78
C GLY H 148 32.28 31.10 32.26
N VAL H 149 32.03 30.12 33.13
CA VAL H 149 32.13 30.31 34.57
C VAL H 149 33.53 30.77 34.99
N ASN H 150 34.57 30.17 34.43
CA ASN H 150 35.93 30.50 34.80
C ASN H 150 36.57 31.70 34.08
N ASN H 151 35.80 32.31 33.15
CA ASN H 151 36.24 33.51 32.45
C ASN H 151 36.26 34.67 33.45
N PHE H 152 37.44 34.97 33.97
CA PHE H 152 37.54 35.94 35.08
C PHE H 152 37.20 37.36 34.64
N GLY H 153 36.26 38.02 35.33
CA GLY H 153 35.87 39.40 34.95
C GLY H 153 34.90 39.37 33.78
N SER H 154 34.97 40.38 32.91
CA SER H 154 34.08 40.51 31.77
C SER H 154 34.67 39.81 30.55
N GLY H 155 33.78 39.24 29.76
CA GLY H 155 34.17 38.76 28.44
C GLY H 155 33.16 37.85 27.76
N TRP H 156 33.67 36.96 26.92
CA TRP H 156 32.84 36.14 26.02
C TRP H 156 33.34 34.74 25.98
N THR H 157 32.44 33.79 25.84
CA THR H 157 32.85 32.40 25.60
C THR H 157 32.35 31.98 24.21
N TRP H 158 33.24 31.38 23.41
CA TRP H 158 32.97 31.13 21.99
C TRP H 158 33.09 29.69 21.63
N LEU H 159 32.31 29.28 20.63
CA LEU H 159 32.58 28.07 19.90
C LEU H 159 32.99 28.49 18.48
N CYS H 160 34.18 28.07 18.05
CA CYS H 160 34.70 28.50 16.75
C CYS H 160 35.15 27.35 15.88
N VAL H 161 35.12 27.60 14.57
CA VAL H 161 35.81 26.74 13.61
C VAL H 161 37.21 27.28 13.37
N ASP H 162 38.20 26.40 13.44
CA ASP H 162 39.57 26.71 12.97
C ASP H 162 39.62 26.35 11.48
N PRO H 163 39.67 27.36 10.58
CA PRO H 163 39.59 27.07 9.13
C PRO H 163 40.78 26.28 8.62
N GLN H 164 41.90 26.33 9.32
CA GLN H 164 43.10 25.57 8.95
C GLN H 164 42.92 24.06 9.14
N THR H 165 42.18 23.66 10.18
CA THR H 165 42.09 22.23 10.54
C THR H 165 40.68 21.67 10.39
N LYS H 166 39.70 22.57 10.30
CA LYS H 166 38.28 22.22 10.31
C LYS H 166 37.78 21.77 11.69
N GLU H 167 38.60 21.94 12.72
CA GLU H 167 38.20 21.50 14.05
C GLU H 167 37.37 22.56 14.78
N LEU H 168 36.55 22.11 15.73
CA LEU H 168 35.83 23.01 16.62
C LEU H 168 36.66 23.25 17.89
N LEU H 169 36.58 24.48 18.41
CA LEU H 169 37.35 24.88 19.58
C LEU H 169 36.47 25.74 20.47
N ILE H 170 36.61 25.59 21.79
CA ILE H 170 36.06 26.59 22.72
C ILE H 170 37.17 27.56 23.06
N ASP H 171 36.85 28.85 22.97
CA ASP H 171 37.81 29.89 23.25
C ASP H 171 37.10 30.90 24.13
N SER H 172 37.83 31.45 25.11
CA SER H 172 37.32 32.51 25.96
C SER H 172 38.11 33.78 25.72
N THR H 173 37.43 34.92 25.72
CA THR H 173 38.13 36.17 25.54
C THR H 173 37.74 37.11 26.65
N SER H 174 38.58 38.11 26.89
CA SER H 174 38.40 39.04 27.99
C SER H 174 37.88 40.33 27.37
N ASN H 175 36.96 40.96 28.06
CA ASN H 175 36.43 42.28 27.68
C ASN H 175 35.85 42.28 26.27
N ALA H 176 36.40 43.07 25.34
CA ALA H 176 35.88 43.09 23.96
C ALA H 176 36.57 42.08 23.02
N GLY H 177 37.56 41.35 23.53
CA GLY H 177 38.25 40.30 22.78
C GLY H 177 37.39 39.45 21.88
N CYS H 178 37.93 39.16 20.69
CA CYS H 178 37.13 38.51 19.65
C CYS H 178 38.02 37.50 18.89
N PRO H 179 37.63 36.21 18.79
CA PRO H 179 38.53 35.23 18.16
C PRO H 179 38.84 35.50 16.67
N LEU H 180 37.99 36.30 16.00
CA LEU H 180 38.29 36.82 14.65
C LEU H 180 39.72 37.30 14.54
N THR H 181 40.24 37.92 15.60
CA THR H 181 41.58 38.55 15.53
C THR H 181 42.75 37.56 15.36
N SER H 182 42.54 36.30 15.72
CA SER H 182 43.56 35.27 15.47
C SER H 182 43.14 34.35 14.31
N GLY H 183 42.13 34.76 13.56
CA GLY H 183 41.75 34.08 12.32
C GLY H 183 40.81 32.91 12.52
N LEU H 184 40.22 32.79 13.71
CA LEU H 184 39.20 31.78 13.99
C LEU H 184 37.83 32.26 13.50
N ARG H 185 36.94 31.33 13.21
CA ARG H 185 35.60 31.67 12.71
C ARG H 185 34.53 31.28 13.72
N PRO H 186 33.97 32.28 14.42
CA PRO H 186 32.93 32.05 15.41
C PRO H 186 31.68 31.40 14.83
N ILE H 187 31.11 30.45 15.57
CA ILE H 187 29.80 29.91 15.20
C ILE H 187 28.76 30.06 16.30
N PHE H 188 29.21 30.38 17.53
CA PHE H 188 28.30 30.55 18.67
C PHE H 188 29.05 31.34 19.73
N THR H 189 28.32 32.16 20.47
CA THR H 189 28.95 32.89 21.59
C THR H 189 28.00 33.02 22.74
N ALA H 190 28.58 33.12 23.94
CA ALA H 190 27.81 33.55 25.12
C ALA H 190 28.49 34.77 25.77
N ASP H 191 27.72 35.83 25.96
CA ASP H 191 28.21 37.02 26.64
C ASP H 191 28.34 36.69 28.13
N VAL H 192 29.51 36.86 28.73
CA VAL H 192 29.62 36.70 30.18
C VAL H 192 30.08 37.94 30.92
N TRP H 193 29.91 39.11 30.30
CA TRP H 193 29.95 40.34 31.05
C TRP H 193 28.81 40.19 32.02
N GLU H 194 28.97 40.69 33.24
CA GLU H 194 27.96 40.55 34.28
C GLU H 194 26.63 41.18 33.89
N HIS H 195 26.66 42.25 33.12
CA HIS H 195 25.39 42.85 32.63
C HIS H 195 24.55 41.92 31.77
N ALA H 196 25.14 40.88 31.19
CA ALA H 196 24.34 39.99 30.33
C ALA H 196 23.32 39.19 31.12
N TYR H 197 23.59 39.00 32.43
CA TYR H 197 22.75 38.08 33.21
C TYR H 197 22.32 38.63 34.58
N TYR H 198 22.88 39.77 35.00
CA TYR H 198 22.70 40.22 36.39
C TYR H 198 21.25 40.55 36.73
N LYS H 199 20.49 41.05 35.75
CA LYS H 199 19.10 41.42 36.02
C LYS H 199 18.26 40.19 36.38
N ASP H 200 18.43 39.08 35.67
CA ASP H 200 17.62 37.88 35.86
C ASP H 200 18.25 36.86 36.78
N PHE H 201 19.58 36.85 36.84
CA PHE H 201 20.31 35.81 37.58
C PHE H 201 21.16 36.32 38.74
N GLU H 202 21.25 37.65 38.89
CA GLU H 202 22.12 38.26 39.88
C GLU H 202 23.51 37.63 39.75
N ASN H 203 24.11 37.14 40.84
CA ASN H 203 25.48 36.59 40.77
C ASN H 203 25.60 35.22 40.12
N ARG H 204 24.45 34.59 39.83
CA ARG H 204 24.46 33.17 39.40
C ARG H 204 24.86 32.93 37.92
N ARG H 205 26.12 33.19 37.58
CA ARG H 205 26.59 33.04 36.21
C ARG H 205 26.45 31.57 35.75
N ALA H 206 26.78 30.62 36.63
CA ALA H 206 26.65 29.17 36.27
C ALA H 206 25.23 28.78 35.89
N ASP H 207 24.24 29.30 36.61
CA ASP H 207 22.86 29.04 36.28
C ASP H 207 22.48 29.67 34.94
N TYR H 208 22.97 30.88 34.71
CA TYR H 208 22.75 31.55 33.43
C TYR H 208 23.25 30.71 32.26
N LEU H 209 24.49 30.24 32.34
CA LEU H 209 25.05 29.45 31.26
C LEU H 209 24.33 28.08 31.04
N LYS H 210 23.89 27.47 32.14
CA LYS H 210 23.13 26.21 32.06
C LYS H 210 21.77 26.42 31.38
N GLU H 211 21.11 27.54 31.69
CA GLU H 211 19.79 27.82 31.12
C GLU H 211 19.85 28.40 29.71
N LEU H 212 20.94 29.09 29.38
CA LEU H 212 21.11 29.71 28.07
C LEU H 212 20.84 28.75 26.90
N TRP H 213 21.17 27.47 27.07
CA TRP H 213 20.98 26.47 26.02
C TRP H 213 19.56 26.41 25.51
N GLN H 214 18.59 26.72 26.38
CA GLN H 214 17.15 26.70 26.03
C GLN H 214 16.75 27.75 24.99
N ILE H 215 17.54 28.82 24.88
CA ILE H 215 17.21 29.83 23.91
C ILE H 215 18.18 29.91 22.73
N VAL H 216 19.08 28.93 22.61
CA VAL H 216 20.05 28.96 21.51
C VAL H 216 19.40 28.62 20.17
N ASP H 217 19.62 29.49 19.17
CA ASP H 217 19.18 29.23 17.80
C ASP H 217 20.24 28.36 17.09
N TRP H 218 20.08 27.05 17.22
CA TRP H 218 21.05 26.11 16.66
C TRP H 218 20.99 26.04 15.17
N GLU H 219 19.90 26.53 14.57
CA GLU H 219 19.82 26.62 13.09
C GLU H 219 20.77 27.69 12.59
N PHE H 220 20.84 28.84 13.27
CA PHE H 220 21.87 29.84 12.97
C PHE H 220 23.27 29.28 13.20
N VAL H 221 23.49 28.67 14.37
CA VAL H 221 24.79 28.04 14.65
C VAL H 221 25.23 27.08 13.54
N CYS H 222 24.32 26.21 13.10
CA CYS H 222 24.60 25.27 12.01
C CYS H 222 24.88 25.97 10.67
N HIS H 223 24.10 27.00 10.34
CA HIS H 223 24.38 27.83 9.15
C HIS H 223 25.80 28.34 9.20
N MET H 224 26.20 28.84 10.37
CA MET H 224 27.56 29.35 10.56
C MET H 224 28.60 28.26 10.45
N TYR H 225 28.32 27.10 11.04
CA TYR H 225 29.24 25.96 10.93
C TYR H 225 29.48 25.61 9.46
N GLU H 226 28.39 25.50 8.70
CA GLU H 226 28.49 25.08 7.31
C GLU H 226 29.31 26.01 6.47
N ARG H 227 29.04 27.32 6.59
CA ARG H 227 29.79 28.26 5.77
C ARG H 227 31.24 28.43 6.24
N ALA H 228 31.46 28.32 7.54
CA ALA H 228 32.82 28.46 8.11
C ALA H 228 33.76 27.28 7.79
N THR H 229 33.22 26.08 7.59
CA THR H 229 34.08 24.91 7.33
C THR H 229 34.28 24.62 5.85
N LYS H 230 33.51 25.33 5.03
CA LYS H 230 33.48 25.09 3.61
C LYS H 230 34.89 25.17 3.02
N CYS I 22 -2.35 -38.55 -49.47
CA CYS I 22 -2.46 -39.97 -49.92
C CYS I 22 -3.87 -40.57 -49.83
N TYR I 23 -4.02 -41.73 -50.47
CA TYR I 23 -5.28 -42.46 -50.51
C TYR I 23 -5.72 -42.88 -49.13
N HIS I 24 -7.00 -42.68 -48.82
CA HIS I 24 -7.62 -43.27 -47.64
C HIS I 24 -8.79 -44.09 -48.04
N THR I 25 -9.02 -45.19 -47.33
CA THR I 25 -10.17 -46.04 -47.62
C THR I 25 -11.52 -45.34 -47.28
N LEU I 26 -11.54 -44.64 -46.15
CA LEU I 26 -12.71 -43.84 -45.74
C LEU I 26 -12.27 -42.41 -45.39
N PRO I 27 -12.05 -41.57 -46.42
CA PRO I 27 -11.53 -40.22 -46.09
C PRO I 27 -12.50 -39.38 -45.26
N HIS I 28 -13.80 -39.68 -45.32
CA HIS I 28 -14.83 -39.01 -44.53
C HIS I 28 -14.86 -39.39 -43.05
N LEU I 29 -14.21 -40.50 -42.69
CA LEU I 29 -14.23 -40.97 -41.30
C LEU I 29 -13.10 -40.30 -40.50
N ARG I 30 -13.47 -39.34 -39.64
CA ARG I 30 -12.48 -38.47 -38.98
C ARG I 30 -12.57 -38.47 -37.45
N TYR I 31 -11.56 -37.92 -36.81
CA TYR I 31 -11.56 -37.70 -35.36
C TYR I 31 -11.90 -36.21 -35.07
N PRO I 32 -12.70 -35.92 -34.01
CA PRO I 32 -13.30 -36.83 -33.02
C PRO I 32 -14.27 -37.81 -33.65
N ALA I 33 -14.33 -39.01 -33.08
CA ALA I 33 -15.05 -40.10 -33.69
C ALA I 33 -16.53 -39.95 -33.40
N GLU I 34 -17.37 -40.35 -34.35
CA GLU I 34 -18.81 -40.41 -34.15
C GLU I 34 -19.33 -41.71 -34.74
N LEU I 35 -20.39 -42.27 -34.16
CA LEU I 35 -21.08 -43.39 -34.81
C LEU I 35 -21.55 -42.91 -36.17
N PRO I 36 -21.31 -43.71 -37.23
CA PRO I 36 -21.73 -43.28 -38.55
C PRO I 36 -23.24 -43.32 -38.74
N THR I 37 -23.73 -42.43 -39.57
CA THR I 37 -25.11 -42.52 -40.05
C THR I 37 -25.20 -43.72 -40.98
N LEU I 38 -26.19 -44.58 -40.74
CA LEU I 38 -26.39 -45.75 -41.60
C LEU I 38 -27.25 -45.38 -42.82
N GLY I 39 -27.05 -46.08 -43.95
CA GLY I 39 -27.86 -45.81 -45.16
C GLY I 39 -29.31 -46.27 -45.07
N PHE I 40 -29.63 -46.96 -43.98
CA PHE I 40 -30.91 -47.63 -43.77
C PHE I 40 -31.37 -47.38 -42.33
N ASN I 41 -32.59 -47.75 -41.98
CA ASN I 41 -33.11 -47.54 -40.62
C ASN I 41 -32.57 -48.56 -39.60
N TYR I 42 -31.80 -48.07 -38.61
CA TYR I 42 -31.24 -48.94 -37.57
C TYR I 42 -32.29 -49.91 -37.01
N LYS I 43 -33.43 -49.38 -36.60
CA LYS I 43 -34.51 -50.18 -35.99
C LYS I 43 -34.99 -51.41 -36.80
N ASP I 44 -34.78 -51.41 -38.11
CA ASP I 44 -35.28 -52.50 -38.96
C ASP I 44 -34.30 -53.68 -39.15
N GLY I 45 -33.14 -53.62 -38.49
CA GLY I 45 -32.12 -54.65 -38.72
C GLY I 45 -31.55 -54.48 -40.12
N ILE I 46 -30.98 -55.56 -40.67
CA ILE I 46 -30.60 -55.60 -42.09
C ILE I 46 -31.19 -56.88 -42.69
N GLN I 47 -32.46 -56.79 -43.10
CA GLN I 47 -33.19 -57.94 -43.61
C GLN I 47 -32.62 -58.33 -44.98
N PRO I 48 -32.60 -59.63 -45.30
CA PRO I 48 -33.15 -60.73 -44.51
C PRO I 48 -32.17 -61.43 -43.57
N VAL I 49 -31.02 -60.82 -43.29
CA VAL I 49 -29.94 -61.51 -42.57
C VAL I 49 -29.79 -61.15 -41.09
N MET I 50 -29.74 -59.85 -40.76
CA MET I 50 -29.54 -59.40 -39.37
C MET I 50 -30.85 -58.90 -38.78
N SER I 51 -31.24 -59.46 -37.64
CA SER I 51 -32.47 -59.04 -36.97
C SER I 51 -32.26 -57.63 -36.38
N PRO I 52 -33.35 -56.94 -36.08
CA PRO I 52 -33.21 -55.68 -35.37
C PRO I 52 -32.39 -55.78 -34.08
N ARG I 53 -32.53 -56.85 -33.29
CA ARG I 53 -31.86 -56.89 -32.00
C ARG I 53 -30.38 -57.13 -32.25
N GLN I 54 -30.08 -58.01 -33.20
CA GLN I 54 -28.64 -58.27 -33.57
C GLN I 54 -27.92 -56.97 -33.92
N LEU I 55 -28.56 -56.18 -34.77
CA LEU I 55 -28.01 -54.91 -35.22
C LEU I 55 -27.96 -53.87 -34.09
N GLU I 56 -29.03 -53.79 -33.28
CA GLU I 56 -29.01 -52.87 -32.14
C GLU I 56 -27.79 -53.16 -31.25
N LEU I 57 -27.62 -54.43 -30.87
CA LEU I 57 -26.44 -54.78 -30.09
C LEU I 57 -25.18 -54.36 -30.78
N HIS I 58 -25.05 -54.72 -32.05
CA HIS I 58 -23.76 -54.55 -32.73
C HIS I 58 -23.37 -53.10 -32.92
N TYR I 59 -24.35 -52.31 -33.35
CA TYR I 59 -24.16 -50.90 -33.65
C TYR I 59 -24.27 -50.02 -32.39
N SER I 60 -25.42 -50.04 -31.71
CA SER I 60 -25.63 -49.20 -30.54
C SER I 60 -24.80 -49.58 -29.30
N LYS I 61 -24.28 -50.82 -29.21
CA LYS I 61 -23.50 -51.22 -28.04
C LYS I 61 -22.02 -51.40 -28.36
N HIS I 62 -21.71 -52.37 -29.22
CA HIS I 62 -20.31 -52.68 -29.57
C HIS I 62 -19.64 -51.54 -30.25
N HIS I 63 -20.18 -51.07 -31.37
CA HIS I 63 -19.51 -49.99 -32.12
C HIS I 63 -19.47 -48.71 -31.30
N SER I 64 -20.59 -48.35 -30.69
CA SER I 64 -20.68 -47.15 -29.84
C SER I 64 -19.57 -47.10 -28.79
N ALA I 65 -19.33 -48.24 -28.13
CA ALA I 65 -18.29 -48.33 -27.08
C ALA I 65 -16.90 -48.02 -27.62
N TYR I 66 -16.60 -48.47 -28.84
CA TYR I 66 -15.32 -48.14 -29.46
C TYR I 66 -15.23 -46.63 -29.74
N VAL I 67 -16.31 -46.03 -30.20
CA VAL I 67 -16.33 -44.59 -30.49
C VAL I 67 -16.04 -43.80 -29.20
N ASP I 68 -16.74 -44.17 -28.13
CA ASP I 68 -16.61 -43.46 -26.86
C ASP I 68 -15.23 -43.58 -26.26
N LYS I 69 -14.67 -44.79 -26.27
CA LYS I 69 -13.33 -45.02 -25.72
C LYS I 69 -12.26 -44.32 -26.56
N LEU I 70 -12.38 -44.41 -27.89
CA LEU I 70 -11.45 -43.71 -28.74
C LEU I 70 -11.44 -42.19 -28.43
N ASN I 71 -12.60 -41.62 -28.13
CA ASN I 71 -12.70 -40.17 -27.85
C ASN I 71 -12.07 -39.77 -26.51
N THR I 72 -11.78 -40.76 -25.66
CA THR I 72 -11.02 -40.52 -24.42
C THR I 72 -9.51 -40.54 -24.66
N LEU I 73 -9.07 -40.99 -25.85
CA LEU I 73 -7.62 -41.27 -26.07
C LEU I 73 -6.93 -40.47 -27.18
N GLY I 74 -7.71 -39.88 -28.08
CA GLY I 74 -7.15 -39.37 -29.31
C GLY I 74 -6.97 -37.87 -29.34
N LYS I 75 -6.83 -37.25 -28.17
CA LYS I 75 -6.54 -35.82 -28.09
C LYS I 75 -5.31 -35.50 -28.97
N GLY I 76 -5.43 -34.47 -29.81
CA GLY I 76 -4.36 -34.16 -30.77
C GLY I 76 -4.73 -34.50 -32.21
N TYR I 77 -5.54 -35.54 -32.40
CA TYR I 77 -5.92 -35.99 -33.73
C TYR I 77 -7.15 -35.27 -34.31
N GLU I 78 -7.53 -34.13 -33.73
CA GLU I 78 -8.64 -33.32 -34.24
C GLU I 78 -8.44 -33.04 -35.73
N GLY I 79 -9.48 -33.28 -36.52
CA GLY I 79 -9.45 -33.00 -37.96
C GLY I 79 -8.86 -34.09 -38.84
N LYS I 80 -8.22 -35.09 -38.22
CA LYS I 80 -7.49 -36.14 -38.95
C LYS I 80 -8.39 -37.34 -39.22
N THR I 81 -8.00 -38.18 -40.19
CA THR I 81 -8.74 -39.40 -40.47
C THR I 81 -8.48 -40.41 -39.35
N ILE I 82 -9.47 -41.27 -39.10
CA ILE I 82 -9.28 -42.41 -38.20
C ILE I 82 -8.13 -43.27 -38.69
N GLU I 83 -7.96 -43.34 -40.01
CA GLU I 83 -6.88 -44.13 -40.61
C GLU I 83 -5.49 -43.62 -40.24
N GLU I 84 -5.33 -42.31 -40.12
CA GLU I 84 -4.06 -41.75 -39.64
C GLU I 84 -3.72 -42.22 -38.23
N ILE I 85 -4.71 -42.24 -37.35
CA ILE I 85 -4.53 -42.79 -36.00
C ILE I 85 -4.04 -44.25 -36.06
N ILE I 86 -4.69 -45.05 -36.91
CA ILE I 86 -4.37 -46.47 -37.05
C ILE I 86 -2.91 -46.64 -37.48
N LEU I 87 -2.52 -45.95 -38.55
CA LEU I 87 -1.16 -46.05 -39.07
C LEU I 87 -0.13 -45.49 -38.10
N ALA I 88 -0.53 -44.51 -37.29
CA ALA I 88 0.36 -43.93 -36.28
C ALA I 88 0.57 -44.83 -35.06
N THR I 89 -0.35 -45.76 -34.81
CA THR I 89 -0.30 -46.54 -33.59
C THR I 89 0.05 -48.02 -33.81
N THR I 90 -0.13 -48.50 -35.04
CA THR I 90 0.10 -49.90 -35.37
C THR I 90 1.53 -50.31 -35.00
N GLY I 91 1.68 -51.51 -34.42
CA GLY I 91 3.00 -52.03 -34.07
C GLY I 91 3.68 -51.39 -32.87
N ILE I 92 3.05 -50.37 -32.27
CA ILE I 92 3.61 -49.74 -31.07
C ILE I 92 2.92 -50.26 -29.81
N ASN I 93 3.70 -50.98 -28.98
CA ASN I 93 3.18 -51.69 -27.81
C ASN I 93 2.49 -50.73 -26.83
N GLU I 94 3.12 -49.57 -26.61
CA GLU I 94 2.59 -48.54 -25.70
C GLU I 94 1.27 -47.90 -26.17
N SER I 95 0.92 -48.08 -27.44
CA SER I 95 -0.29 -47.49 -28.01
C SER I 95 -1.38 -48.52 -28.38
N LYS I 96 -1.21 -49.77 -27.94
CA LYS I 96 -2.15 -50.84 -28.34
C LYS I 96 -3.63 -50.53 -28.07
N VAL I 97 -3.92 -49.92 -26.91
CA VAL I 97 -5.30 -49.65 -26.52
C VAL I 97 -5.94 -48.70 -27.54
N MET I 98 -5.27 -47.60 -27.85
CA MET I 98 -5.82 -46.68 -28.87
C MET I 98 -5.92 -47.31 -30.26
N PHE I 99 -4.89 -48.07 -30.66
CA PHE I 99 -4.92 -48.78 -31.93
C PHE I 99 -6.17 -49.67 -32.03
N ASN I 100 -6.46 -50.43 -30.97
CA ASN I 100 -7.60 -51.34 -31.00
C ASN I 100 -8.91 -50.57 -31.17
N GLN I 101 -9.05 -49.45 -30.45
CA GLN I 101 -10.28 -48.66 -30.54
C GLN I 101 -10.43 -48.04 -31.91
N ALA I 102 -9.36 -47.46 -32.44
CA ALA I 102 -9.40 -46.77 -33.71
C ALA I 102 -9.66 -47.76 -34.86
N ALA I 103 -8.91 -48.85 -34.87
CA ALA I 103 -9.11 -49.90 -35.88
C ALA I 103 -10.52 -50.49 -35.80
N GLN I 104 -11.03 -50.76 -34.59
CA GLN I 104 -12.39 -51.29 -34.50
C GLN I 104 -13.44 -50.27 -34.99
N HIS I 105 -13.22 -48.98 -34.70
CA HIS I 105 -14.10 -47.92 -35.25
C HIS I 105 -14.09 -47.93 -36.77
N PHE I 106 -12.89 -47.95 -37.34
CA PHE I 106 -12.76 -48.03 -38.79
C PHE I 106 -13.45 -49.29 -39.36
N ASN I 107 -13.14 -50.45 -38.77
CA ASN I 107 -13.61 -51.72 -39.28
C ASN I 107 -15.11 -51.81 -39.30
N HIS I 108 -15.73 -51.40 -38.21
CA HIS I 108 -17.19 -51.37 -38.13
C HIS I 108 -17.78 -50.39 -39.12
N SER I 109 -17.19 -49.20 -39.23
CA SER I 109 -17.72 -48.16 -40.13
C SER I 109 -17.68 -48.62 -41.58
N PHE I 110 -16.54 -49.20 -41.97
CA PHE I 110 -16.42 -49.83 -43.28
C PHE I 110 -17.45 -50.95 -43.52
N PHE I 111 -17.61 -51.84 -42.52
CA PHE I 111 -18.60 -52.93 -42.57
C PHE I 111 -20.03 -52.43 -42.85
N TRP I 112 -20.47 -51.39 -42.10
CA TRP I 112 -21.82 -50.82 -42.34
C TRP I 112 -21.97 -50.34 -43.74
N LYS I 113 -20.90 -49.79 -44.33
CA LYS I 113 -20.96 -49.32 -45.73
C LYS I 113 -21.14 -50.48 -46.73
N CYS I 114 -20.69 -51.68 -46.35
CA CYS I 114 -20.74 -52.87 -47.17
C CYS I 114 -22.10 -53.58 -47.19
N LEU I 115 -23.04 -53.09 -46.39
CA LEU I 115 -24.30 -53.79 -46.17
C LEU I 115 -25.51 -52.91 -46.47
N SER I 116 -26.57 -53.53 -46.95
CA SER I 116 -27.83 -52.81 -47.21
C SER I 116 -28.99 -53.82 -47.16
N PRO I 117 -30.17 -53.42 -46.63
CA PRO I 117 -31.32 -54.33 -46.66
C PRO I 117 -31.64 -54.83 -48.07
N GLY I 118 -31.64 -56.15 -48.25
CA GLY I 118 -31.90 -56.75 -49.56
C GLY I 118 -30.67 -56.75 -50.46
N GLY I 119 -29.60 -56.12 -49.99
CA GLY I 119 -28.34 -56.02 -50.74
C GLY I 119 -28.48 -55.04 -51.91
N LYS I 120 -27.43 -54.88 -52.69
CA LYS I 120 -27.52 -54.20 -53.99
C LYS I 120 -26.76 -55.08 -54.98
N PRO I 121 -27.29 -55.26 -56.21
CA PRO I 121 -26.65 -56.23 -57.11
C PRO I 121 -25.26 -55.83 -57.59
N MET I 122 -24.45 -56.84 -57.88
CA MET I 122 -23.05 -56.66 -58.21
C MET I 122 -22.91 -56.06 -59.59
N PRO I 123 -22.32 -54.85 -59.69
CA PRO I 123 -22.12 -54.31 -61.03
C PRO I 123 -21.17 -55.18 -61.86
N LYS I 124 -21.25 -55.04 -63.19
CA LYS I 124 -20.50 -55.87 -64.13
C LYS I 124 -18.99 -55.72 -63.98
N THR I 125 -18.53 -54.48 -63.78
CA THR I 125 -17.11 -54.17 -63.57
C THR I 125 -16.50 -55.05 -62.47
N LEU I 126 -17.21 -55.14 -61.34
CA LEU I 126 -16.72 -55.88 -60.20
C LEU I 126 -16.89 -57.38 -60.43
N GLU I 127 -18.02 -57.78 -61.00
CA GLU I 127 -18.22 -59.20 -61.31
C GLU I 127 -17.06 -59.68 -62.17
N ASN I 128 -16.68 -58.88 -63.17
CA ASN I 128 -15.60 -59.27 -64.08
C ASN I 128 -14.24 -59.38 -63.40
N ALA I 129 -13.94 -58.42 -62.53
CA ALA I 129 -12.68 -58.40 -61.80
C ALA I 129 -12.57 -59.59 -60.84
N ILE I 130 -13.65 -59.88 -60.12
CA ILE I 130 -13.66 -61.03 -59.18
C ILE I 130 -13.49 -62.34 -59.95
N ALA I 131 -14.25 -62.50 -61.03
CA ALA I 131 -14.19 -63.70 -61.83
C ALA I 131 -12.79 -63.89 -62.43
N LYS I 132 -12.15 -62.79 -62.82
CA LYS I 132 -10.80 -62.81 -63.41
C LYS I 132 -9.73 -63.24 -62.40
N GLN I 133 -9.84 -62.74 -61.17
CA GLN I 133 -8.83 -63.07 -60.15
C GLN I 133 -8.98 -64.48 -59.58
N PHE I 134 -10.23 -64.85 -59.28
CA PHE I 134 -10.51 -66.05 -58.49
C PHE I 134 -11.03 -67.20 -59.35
N GLY I 135 -11.23 -66.94 -60.63
CA GLY I 135 -11.75 -67.96 -61.55
C GLY I 135 -13.23 -67.83 -61.82
N SER I 136 -14.01 -67.43 -60.80
CA SER I 136 -15.45 -67.16 -60.92
C SER I 136 -15.95 -66.45 -59.65
N VAL I 137 -17.14 -65.84 -59.70
CA VAL I 137 -17.75 -65.27 -58.50
C VAL I 137 -18.00 -66.30 -57.39
N ASP I 138 -18.60 -67.44 -57.75
CA ASP I 138 -18.85 -68.54 -56.80
C ASP I 138 -17.55 -69.02 -56.16
N ASP I 139 -16.47 -69.10 -56.94
CA ASP I 139 -15.19 -69.51 -56.38
C ASP I 139 -14.70 -68.52 -55.32
N PHE I 140 -14.77 -67.23 -55.65
CA PHE I 140 -14.43 -66.21 -54.66
C PHE I 140 -15.27 -66.37 -53.39
N MET I 141 -16.59 -66.56 -53.56
CA MET I 141 -17.48 -66.61 -52.41
C MET I 141 -17.15 -67.78 -51.47
N VAL I 142 -16.93 -68.96 -52.04
CA VAL I 142 -16.56 -70.12 -51.21
C VAL I 142 -15.21 -69.88 -50.54
N SER I 143 -14.24 -69.38 -51.28
CA SER I 143 -12.93 -69.10 -50.67
C SER I 143 -13.06 -68.08 -49.50
N PHE I 144 -13.93 -67.09 -49.67
CA PHE I 144 -14.08 -66.05 -48.65
C PHE I 144 -14.74 -66.68 -47.41
N GLN I 145 -15.85 -67.40 -47.62
CA GLN I 145 -16.52 -68.14 -46.54
C GLN I 145 -15.53 -69.00 -45.74
N GLN I 146 -14.70 -69.75 -46.44
CA GLN I 146 -13.77 -70.67 -45.79
C GLN I 146 -12.74 -69.90 -44.94
N ALA I 147 -12.22 -68.80 -45.50
CA ALA I 147 -11.31 -67.93 -44.78
C ALA I 147 -11.96 -67.42 -43.49
N GLY I 148 -13.20 -66.94 -43.58
CA GLY I 148 -13.90 -66.49 -42.38
C GLY I 148 -14.11 -67.60 -41.36
N VAL I 149 -14.52 -68.78 -41.84
CA VAL I 149 -14.76 -69.92 -40.93
C VAL I 149 -13.48 -70.29 -40.19
N ASN I 150 -12.35 -70.27 -40.91
CA ASN I 150 -11.10 -70.71 -40.31
C ASN I 150 -10.31 -69.61 -39.60
N ASN I 151 -10.90 -68.41 -39.52
CA ASN I 151 -10.31 -67.27 -38.82
C ASN I 151 -10.48 -67.55 -37.32
N PHE I 152 -9.45 -68.09 -36.67
CA PHE I 152 -9.56 -68.59 -35.27
C PHE I 152 -9.74 -67.43 -34.28
N GLY I 153 -10.77 -67.50 -33.43
CA GLY I 153 -11.04 -66.40 -32.46
C GLY I 153 -11.82 -65.26 -33.10
N SER I 154 -11.59 -64.05 -32.62
CA SER I 154 -12.22 -62.83 -33.14
C SER I 154 -11.44 -62.28 -34.30
N GLY I 155 -12.14 -61.70 -35.28
CA GLY I 155 -11.44 -60.93 -36.29
C GLY I 155 -12.29 -60.58 -37.49
N TRP I 156 -11.65 -60.43 -38.64
CA TRP I 156 -12.28 -59.89 -39.85
C TRP I 156 -11.74 -60.60 -41.07
N THR I 157 -12.59 -60.78 -42.07
CA THR I 157 -12.15 -61.36 -43.33
C THR I 157 -12.41 -60.32 -44.41
N TRP I 158 -11.44 -60.17 -45.31
CA TRP I 158 -11.43 -59.00 -46.20
C TRP I 158 -11.25 -59.41 -47.63
N LEU I 159 -11.86 -58.64 -48.53
CA LEU I 159 -11.46 -58.64 -49.93
C LEU I 159 -10.73 -57.31 -50.15
N CYS I 160 -9.48 -57.39 -50.60
CA CYS I 160 -8.61 -56.21 -50.75
C CYS I 160 -8.06 -56.10 -52.15
N VAL I 161 -7.73 -54.86 -52.55
CA VAL I 161 -6.87 -54.62 -53.71
C VAL I 161 -5.45 -54.43 -53.20
N ASP I 162 -4.47 -55.05 -53.85
CA ASP I 162 -3.06 -54.73 -53.66
C ASP I 162 -2.74 -53.62 -54.65
N PRO I 163 -2.43 -52.40 -54.17
CA PRO I 163 -2.21 -51.30 -55.14
C PRO I 163 -0.96 -51.47 -56.02
N GLN I 164 0.05 -52.19 -55.53
CA GLN I 164 1.27 -52.43 -56.34
C GLN I 164 0.98 -53.32 -57.55
N THR I 165 0.18 -54.37 -57.38
CA THR I 165 -0.10 -55.30 -58.48
C THR I 165 -1.47 -55.13 -59.17
N LYS I 166 -2.41 -54.42 -58.52
CA LYS I 166 -3.81 -54.30 -58.96
C LYS I 166 -4.63 -55.61 -58.83
N GLU I 167 -4.08 -56.58 -58.12
CA GLU I 167 -4.78 -57.84 -57.88
C GLU I 167 -5.73 -57.77 -56.70
N LEU I 168 -6.73 -58.65 -56.72
CA LEU I 168 -7.65 -58.82 -55.62
C LEU I 168 -7.14 -59.98 -54.78
N LEU I 169 -7.39 -59.90 -53.48
CA LEU I 169 -6.99 -60.99 -52.60
C LEU I 169 -7.87 -61.04 -51.36
N ILE I 170 -8.00 -62.23 -50.80
CA ILE I 170 -8.67 -62.43 -49.53
C ILE I 170 -7.61 -62.45 -48.42
N ASP I 171 -7.87 -61.72 -47.34
CA ASP I 171 -6.95 -61.56 -46.24
C ASP I 171 -7.81 -61.68 -44.98
N SER I 172 -7.32 -62.37 -43.95
CA SER I 172 -8.02 -62.43 -42.68
C SER I 172 -7.16 -61.74 -41.63
N THR I 173 -7.81 -61.06 -40.70
CA THR I 173 -7.07 -60.47 -39.61
C THR I 173 -7.64 -60.92 -38.28
N SER I 174 -6.84 -60.77 -37.25
CA SER I 174 -7.21 -61.17 -35.91
C SER I 174 -7.57 -59.94 -35.10
N ASN I 175 -8.62 -60.03 -34.29
CA ASN I 175 -9.01 -58.96 -33.34
C ASN I 175 -9.30 -57.63 -34.04
N ALA I 176 -8.54 -56.57 -33.77
CA ALA I 176 -8.74 -55.28 -34.46
C ALA I 176 -7.93 -55.12 -35.74
N GLY I 177 -7.09 -56.12 -36.06
CA GLY I 177 -6.22 -56.08 -37.23
C GLY I 177 -6.92 -55.60 -38.51
N CYS I 178 -6.20 -54.81 -39.29
CA CYS I 178 -6.73 -54.10 -40.44
C CYS I 178 -5.69 -54.19 -41.59
N PRO I 179 -6.10 -54.64 -42.80
CA PRO I 179 -5.13 -54.80 -43.91
C PRO I 179 -4.46 -53.49 -44.35
N LEU I 180 -5.09 -52.36 -44.05
CA LEU I 180 -4.47 -51.08 -44.40
C LEU I 180 -3.09 -50.88 -43.72
N THR I 181 -2.85 -51.57 -42.60
CA THR I 181 -1.55 -51.48 -41.91
C THR I 181 -0.43 -52.14 -42.72
N SER I 182 -0.78 -52.98 -43.69
CA SER I 182 0.24 -53.52 -44.59
C SER I 182 0.17 -52.89 -45.98
N GLY I 183 -0.62 -51.84 -46.14
CA GLY I 183 -0.71 -51.17 -47.43
C GLY I 183 -1.73 -51.73 -48.40
N LEU I 184 -2.60 -52.62 -47.95
CA LEU I 184 -3.65 -53.14 -48.80
C LEU I 184 -4.88 -52.22 -48.75
N ARG I 185 -5.73 -52.29 -49.78
CA ARG I 185 -6.90 -51.43 -49.85
C ARG I 185 -8.19 -52.26 -49.76
N PRO I 186 -8.83 -52.27 -48.58
CA PRO I 186 -10.07 -53.04 -48.43
C PRO I 186 -11.14 -52.53 -49.40
N ILE I 187 -11.93 -53.47 -49.95
CA ILE I 187 -13.14 -53.12 -50.71
C ILE I 187 -14.40 -53.79 -50.13
N PHE I 188 -14.20 -54.80 -49.30
CA PHE I 188 -15.30 -55.49 -48.62
C PHE I 188 -14.75 -56.11 -47.36
N THR I 189 -15.56 -56.16 -46.31
CA THR I 189 -15.18 -56.94 -45.12
C THR I 189 -16.34 -57.72 -44.58
N ALA I 190 -16.06 -58.82 -43.90
CA ALA I 190 -17.05 -59.45 -43.03
C ALA I 190 -16.50 -59.51 -41.60
N ASP I 191 -17.29 -59.03 -40.64
CA ASP I 191 -16.92 -59.16 -39.21
C ASP I 191 -17.12 -60.60 -38.78
N VAL I 192 -16.09 -61.25 -38.27
CA VAL I 192 -16.30 -62.60 -37.70
C VAL I 192 -15.99 -62.71 -36.19
N TRP I 193 -15.92 -61.56 -35.50
CA TRP I 193 -16.13 -61.57 -34.04
C TRP I 193 -17.47 -62.24 -33.81
N GLU I 194 -17.52 -63.06 -32.76
CA GLU I 194 -18.69 -63.87 -32.51
C GLU I 194 -19.91 -62.96 -32.25
N HIS I 195 -19.70 -61.75 -31.74
CA HIS I 195 -20.85 -60.84 -31.51
C HIS I 195 -21.57 -60.43 -32.78
N ALA I 196 -20.89 -60.56 -33.92
CA ALA I 196 -21.45 -60.14 -35.22
C ALA I 196 -22.63 -61.01 -35.64
N TYR I 197 -22.64 -62.25 -35.17
CA TYR I 197 -23.66 -63.21 -35.59
C TYR I 197 -24.29 -64.04 -34.48
N TYR I 198 -23.78 -63.96 -33.24
CA TYR I 198 -24.28 -64.86 -32.19
C TYR I 198 -25.80 -64.70 -31.89
N LYS I 199 -26.35 -63.49 -31.97
CA LYS I 199 -27.79 -63.31 -31.66
C LYS I 199 -28.69 -64.07 -32.66
N ASP I 200 -28.39 -63.98 -33.95
CA ASP I 200 -29.19 -64.63 -35.00
C ASP I 200 -28.72 -66.03 -35.45
N PHE I 201 -27.45 -66.35 -35.24
CA PHE I 201 -26.88 -67.63 -35.72
C PHE I 201 -26.30 -68.53 -34.64
N GLU I 202 -26.20 -68.03 -33.41
CA GLU I 202 -25.51 -68.74 -32.32
C GLU I 202 -24.12 -69.15 -32.83
N ASN I 203 -23.71 -70.41 -32.68
CA ASN I 203 -22.39 -70.87 -33.13
C ASN I 203 -22.23 -70.99 -34.66
N ARG I 204 -23.33 -70.86 -35.41
CA ARG I 204 -23.27 -71.19 -36.86
C ARG I 204 -22.61 -70.10 -37.72
N ARG I 205 -21.31 -69.87 -37.50
CA ARG I 205 -20.57 -68.89 -38.29
C ARG I 205 -20.61 -69.18 -39.80
N ALA I 206 -20.51 -70.47 -40.16
CA ALA I 206 -20.56 -70.85 -41.58
C ALA I 206 -21.86 -70.41 -42.23
N ASP I 207 -22.98 -70.59 -41.52
CA ASP I 207 -24.31 -70.20 -42.03
C ASP I 207 -24.38 -68.69 -42.18
N TYR I 208 -23.87 -67.98 -41.17
CA TYR I 208 -23.84 -66.52 -41.21
C TYR I 208 -23.13 -66.03 -42.46
N LEU I 209 -21.93 -66.53 -42.71
CA LEU I 209 -21.14 -66.11 -43.86
C LEU I 209 -21.75 -66.46 -45.22
N LYS I 210 -22.44 -67.60 -45.27
CA LYS I 210 -23.15 -68.03 -46.49
C LYS I 210 -24.34 -67.10 -46.75
N GLU I 211 -25.07 -66.75 -45.69
CA GLU I 211 -26.23 -65.90 -45.84
C GLU I 211 -25.89 -64.42 -45.98
N LEU I 212 -24.70 -64.02 -45.53
CA LEU I 212 -24.33 -62.61 -45.54
C LEU I 212 -24.40 -61.96 -46.92
N TRP I 213 -24.04 -62.72 -47.96
CA TRP I 213 -24.09 -62.27 -49.36
C TRP I 213 -25.37 -61.60 -49.75
N GLN I 214 -26.48 -62.03 -49.15
CA GLN I 214 -27.79 -61.48 -49.52
C GLN I 214 -27.98 -60.02 -49.12
N ILE I 215 -27.16 -59.56 -48.17
CA ILE I 215 -27.27 -58.15 -47.77
C ILE I 215 -26.03 -57.35 -48.12
N VAL I 216 -25.19 -57.86 -49.00
CA VAL I 216 -23.99 -57.09 -49.35
C VAL I 216 -24.36 -55.99 -50.34
N ASP I 217 -23.91 -54.77 -50.04
CA ASP I 217 -24.06 -53.65 -50.95
C ASP I 217 -22.90 -53.68 -51.94
N TRP I 218 -23.11 -54.35 -53.07
CA TRP I 218 -22.06 -54.51 -54.09
C TRP I 218 -21.75 -53.24 -54.83
N GLU I 219 -22.67 -52.29 -54.80
CA GLU I 219 -22.44 -50.98 -55.44
C GLU I 219 -21.36 -50.22 -54.68
N PHE I 220 -21.42 -50.27 -53.34
CA PHE I 220 -20.32 -49.70 -52.51
C PHE I 220 -19.01 -50.42 -52.77
N VAL I 221 -19.04 -51.76 -52.80
CA VAL I 221 -17.82 -52.54 -53.00
C VAL I 221 -17.19 -52.18 -54.35
N CYS I 222 -18.03 -52.02 -55.38
CA CYS I 222 -17.55 -51.65 -56.73
C CYS I 222 -16.97 -50.24 -56.76
N HIS I 223 -17.59 -49.31 -56.06
CA HIS I 223 -17.06 -47.96 -55.96
C HIS I 223 -15.68 -48.01 -55.31
N MET I 224 -15.52 -48.79 -54.24
CA MET I 224 -14.22 -48.95 -53.59
C MET I 224 -13.19 -49.57 -54.53
N TYR I 225 -13.60 -50.60 -55.26
CA TYR I 225 -12.70 -51.27 -56.21
C TYR I 225 -12.19 -50.29 -57.29
N GLU I 226 -13.08 -49.50 -57.87
CA GLU I 226 -12.69 -48.56 -58.92
C GLU I 226 -11.65 -47.56 -58.39
N ARG I 227 -11.89 -47.02 -57.20
CA ARG I 227 -10.99 -45.98 -56.67
C ARG I 227 -9.69 -46.58 -56.14
N ALA I 228 -9.75 -47.80 -55.62
CA ALA I 228 -8.59 -48.52 -55.10
C ALA I 228 -7.60 -48.98 -56.21
N THR I 229 -8.09 -49.28 -57.40
CA THR I 229 -7.23 -49.80 -58.50
C THR I 229 -6.75 -48.73 -59.47
N LYS I 230 -7.33 -47.54 -59.38
CA LYS I 230 -6.99 -46.43 -60.26
C LYS I 230 -5.47 -46.23 -60.32
N LEU J 21 6.19 -88.67 -15.81
CA LEU J 21 6.31 -88.48 -14.33
C LEU J 21 6.45 -87.00 -13.95
N CYS J 22 5.41 -86.21 -14.22
CA CYS J 22 5.37 -84.82 -13.74
C CYS J 22 3.94 -84.40 -13.44
N TYR J 23 3.80 -83.29 -12.73
CA TYR J 23 2.51 -82.73 -12.39
C TYR J 23 1.70 -82.41 -13.63
N HIS J 24 0.42 -82.78 -13.65
CA HIS J 24 -0.48 -82.31 -14.70
C HIS J 24 -1.64 -81.66 -14.01
N THR J 25 -2.21 -80.63 -14.64
CA THR J 25 -3.38 -79.96 -14.06
C THR J 25 -4.63 -80.85 -14.11
N LEU J 26 -4.86 -81.51 -15.25
CA LEU J 26 -5.91 -82.54 -15.40
C LEU J 26 -5.30 -83.89 -15.85
N PRO J 27 -4.71 -84.64 -14.91
CA PRO J 27 -4.10 -85.92 -15.29
C PRO J 27 -5.08 -86.89 -15.99
N HIS J 28 -6.38 -86.82 -15.66
CA HIS J 28 -7.41 -87.70 -16.23
C HIS J 28 -7.78 -87.32 -17.66
N LEU J 29 -7.40 -86.13 -18.11
CA LEU J 29 -7.82 -85.67 -19.46
C LEU J 29 -6.80 -86.13 -20.51
N ARG J 30 -7.19 -87.16 -21.29
CA ARG J 30 -6.23 -87.84 -22.14
C ARG J 30 -6.64 -87.92 -23.61
N TYR J 31 -5.71 -88.37 -24.44
CA TYR J 31 -5.96 -88.59 -25.85
C TYR J 31 -6.10 -90.10 -26.12
N PRO J 32 -7.06 -90.53 -26.98
CA PRO J 32 -8.02 -89.79 -27.81
C PRO J 32 -8.95 -88.93 -26.96
N ALA J 33 -9.28 -87.75 -27.48
CA ALA J 33 -10.05 -86.78 -26.72
C ALA J 33 -11.49 -87.23 -26.62
N GLU J 34 -12.13 -86.92 -25.50
CA GLU J 34 -13.58 -87.14 -25.35
C GLU J 34 -14.20 -85.97 -24.63
N LEU J 35 -15.43 -85.61 -25.00
CA LEU J 35 -16.15 -84.63 -24.18
C LEU J 35 -16.21 -85.14 -22.74
N PRO J 36 -15.86 -84.28 -21.76
CA PRO J 36 -15.86 -84.77 -20.38
C PRO J 36 -17.29 -84.94 -19.85
N THR J 37 -17.49 -85.88 -18.92
CA THR J 37 -18.73 -85.98 -18.15
C THR J 37 -18.81 -84.80 -17.18
N LEU J 38 -19.97 -84.15 -17.12
CA LEU J 38 -20.16 -82.97 -16.28
C LEU J 38 -20.65 -83.38 -14.91
N GLY J 39 -20.16 -82.71 -13.87
CA GLY J 39 -20.51 -83.07 -12.48
C GLY J 39 -21.93 -82.71 -12.10
N PHE J 40 -22.78 -82.58 -13.12
CA PHE J 40 -24.16 -82.13 -12.97
C PHE J 40 -24.86 -82.42 -14.30
N ASN J 41 -26.15 -82.14 -14.38
CA ASN J 41 -26.93 -82.40 -15.58
C ASN J 41 -26.95 -81.22 -16.54
N TYR J 42 -26.38 -81.40 -17.74
CA TYR J 42 -26.18 -80.28 -18.66
C TYR J 42 -27.43 -79.73 -19.32
N LYS J 43 -28.51 -80.49 -19.27
CA LYS J 43 -29.81 -80.03 -19.76
C LYS J 43 -30.42 -78.95 -18.86
N ASP J 44 -29.98 -78.90 -17.60
CA ASP J 44 -30.46 -77.92 -16.62
C ASP J 44 -29.72 -76.55 -16.71
N GLY J 45 -28.63 -76.53 -17.47
CA GLY J 45 -27.71 -75.37 -17.53
C GLY J 45 -26.85 -75.36 -16.28
N ILE J 46 -26.36 -74.18 -15.90
CA ILE J 46 -25.66 -74.02 -14.63
C ILE J 46 -26.31 -72.84 -13.93
N GLN J 47 -27.48 -73.11 -13.35
CA GLN J 47 -28.23 -72.10 -12.61
C GLN J 47 -27.45 -71.60 -11.36
N PRO J 48 -27.63 -70.30 -11.01
CA PRO J 48 -28.61 -69.39 -11.63
C PRO J 48 -28.04 -68.48 -12.73
N VAL J 49 -26.85 -68.82 -13.25
CA VAL J 49 -26.08 -67.96 -14.20
C VAL J 49 -26.20 -68.33 -15.69
N MET J 50 -26.00 -69.61 -16.04
CA MET J 50 -26.10 -70.04 -17.43
C MET J 50 -27.40 -70.79 -17.70
N SER J 51 -28.08 -70.39 -18.77
CA SER J 51 -29.27 -71.07 -19.25
C SER J 51 -28.92 -72.43 -19.88
N PRO J 52 -29.91 -73.33 -19.93
CA PRO J 52 -29.80 -74.60 -20.66
C PRO J 52 -29.27 -74.42 -22.08
N ARG J 53 -29.82 -73.46 -22.83
CA ARG J 53 -29.38 -73.23 -24.21
C ARG J 53 -27.92 -72.75 -24.26
N GLN J 54 -27.57 -71.80 -23.38
CA GLN J 54 -26.20 -71.29 -23.32
C GLN J 54 -25.21 -72.42 -23.09
N LEU J 55 -25.53 -73.31 -22.15
CA LEU J 55 -24.67 -74.46 -21.89
C LEU J 55 -24.68 -75.47 -23.05
N GLU J 56 -25.86 -75.79 -23.57
CA GLU J 56 -25.93 -76.71 -24.71
C GLU J 56 -25.02 -76.24 -25.86
N LEU J 57 -25.11 -74.97 -26.21
CA LEU J 57 -24.28 -74.42 -27.29
C LEU J 57 -22.83 -74.55 -26.91
N HIS J 58 -22.53 -74.19 -25.68
CA HIS J 58 -21.13 -74.06 -25.30
C HIS J 58 -20.50 -75.42 -25.25
N TYR J 59 -21.22 -76.38 -24.66
CA TYR J 59 -20.66 -77.72 -24.43
C TYR J 59 -20.85 -78.68 -25.62
N SER J 60 -22.08 -78.82 -26.11
CA SER J 60 -22.38 -79.77 -27.21
C SER J 60 -21.97 -79.26 -28.57
N LYS J 61 -21.75 -77.95 -28.73
CA LYS J 61 -21.39 -77.44 -30.05
C LYS J 61 -19.93 -76.99 -30.10
N HIS J 62 -19.59 -75.92 -29.37
CA HIS J 62 -18.21 -75.40 -29.32
C HIS J 62 -17.22 -76.41 -28.79
N HIS J 63 -17.44 -76.90 -27.56
CA HIS J 63 -16.48 -77.83 -26.95
C HIS J 63 -16.38 -79.11 -27.77
N SER J 64 -17.53 -79.65 -28.16
CA SER J 64 -17.59 -80.85 -28.99
C SER J 64 -16.78 -80.75 -30.30
N ALA J 65 -16.81 -79.60 -30.96
CA ALA J 65 -16.06 -79.41 -32.21
C ALA J 65 -14.55 -79.46 -31.99
N TYR J 66 -14.06 -78.93 -30.87
CA TYR J 66 -12.63 -79.02 -30.53
C TYR J 66 -12.20 -80.48 -30.32
N VAL J 67 -13.04 -81.24 -29.63
CA VAL J 67 -12.74 -82.67 -29.40
C VAL J 67 -12.64 -83.41 -30.75
N ASP J 68 -13.64 -83.21 -31.62
CA ASP J 68 -13.72 -83.93 -32.89
C ASP J 68 -12.54 -83.59 -33.77
N LYS J 69 -12.24 -82.29 -33.85
CA LYS J 69 -11.15 -81.84 -34.69
C LYS J 69 -9.82 -82.35 -34.15
N LEU J 70 -9.62 -82.29 -32.82
CA LEU J 70 -8.38 -82.78 -32.22
C LEU J 70 -8.15 -84.25 -32.59
N ASN J 71 -9.23 -85.02 -32.60
CA ASN J 71 -9.14 -86.46 -32.90
C ASN J 71 -8.71 -86.79 -34.34
N THR J 72 -8.76 -85.80 -35.25
CA THR J 72 -8.27 -85.98 -36.63
C THR J 72 -6.78 -85.62 -36.75
N LEU J 73 -6.20 -85.12 -35.65
CA LEU J 73 -4.86 -84.53 -35.70
C LEU J 73 -3.85 -85.22 -34.82
N GLY J 74 -4.31 -85.88 -33.77
CA GLY J 74 -3.40 -86.30 -32.70
C GLY J 74 -2.79 -87.70 -32.77
N LYS J 75 -2.78 -88.31 -33.96
CA LYS J 75 -2.21 -89.67 -34.12
C LYS J 75 -0.84 -89.70 -33.49
N GLY J 76 -0.60 -90.72 -32.66
CA GLY J 76 0.67 -90.85 -31.96
C GLY J 76 0.66 -90.40 -30.50
N TYR J 77 -0.37 -89.65 -30.10
CA TYR J 77 -0.53 -89.23 -28.70
C TYR J 77 -1.46 -90.13 -27.89
N GLU J 78 -1.80 -91.32 -28.42
CA GLU J 78 -2.71 -92.23 -27.72
C GLU J 78 -2.15 -92.57 -26.34
N GLY J 79 -3.01 -92.47 -25.32
CA GLY J 79 -2.61 -92.77 -23.94
C GLY J 79 -1.97 -91.61 -23.19
N LYS J 80 -1.70 -90.50 -23.89
CA LYS J 80 -1.05 -89.34 -23.28
C LYS J 80 -2.06 -88.29 -22.85
N THR J 81 -1.64 -87.41 -21.93
CA THR J 81 -2.47 -86.28 -21.51
C THR J 81 -2.60 -85.30 -22.67
N ILE J 82 -3.76 -84.65 -22.73
CA ILE J 82 -3.96 -83.44 -23.55
C ILE J 82 -2.87 -82.40 -23.27
N GLU J 83 -2.45 -82.26 -22.01
CA GLU J 83 -1.43 -81.28 -21.68
C GLU J 83 -0.10 -81.60 -22.36
N GLU J 84 0.21 -82.88 -22.53
CA GLU J 84 1.45 -83.24 -23.25
C GLU J 84 1.40 -82.75 -24.72
N ILE J 85 0.22 -82.87 -25.35
CA ILE J 85 -0.01 -82.33 -26.69
C ILE J 85 0.22 -80.81 -26.70
N ILE J 86 -0.33 -80.11 -25.70
CA ILE J 86 -0.22 -78.65 -25.60
C ILE J 86 1.23 -78.22 -25.53
N LEU J 87 1.97 -78.90 -24.65
CA LEU J 87 3.35 -78.57 -24.39
C LEU J 87 4.25 -78.92 -25.60
N ALA J 88 3.92 -79.99 -26.29
CA ALA J 88 4.62 -80.42 -27.49
C ALA J 88 4.37 -79.53 -28.72
N THR J 89 3.26 -78.80 -28.76
CA THR J 89 2.94 -78.02 -29.98
C THR J 89 3.07 -76.51 -29.77
N THR J 90 3.15 -76.07 -28.52
CA THR J 90 3.18 -74.64 -28.24
C THR J 90 4.39 -74.02 -28.92
N GLY J 91 4.18 -72.83 -29.50
CA GLY J 91 5.27 -72.02 -30.05
C GLY J 91 5.80 -72.51 -31.38
N ILE J 92 5.18 -73.53 -31.96
CA ILE J 92 5.63 -74.11 -33.21
C ILE J 92 4.61 -73.81 -34.30
N ASN J 93 5.00 -72.95 -35.23
CA ASN J 93 4.10 -72.45 -36.27
C ASN J 93 3.39 -73.56 -37.06
N GLU J 94 4.16 -74.57 -37.49
CA GLU J 94 3.60 -75.72 -38.21
C GLU J 94 2.54 -76.49 -37.41
N SER J 95 2.55 -76.37 -36.08
CA SER J 95 1.60 -77.10 -35.24
C SER J 95 0.48 -76.25 -34.63
N LYS J 96 0.24 -75.07 -35.17
CA LYS J 96 -0.73 -74.16 -34.55
C LYS J 96 -2.17 -74.71 -34.53
N VAL J 97 -2.60 -75.36 -35.61
CA VAL J 97 -3.97 -75.90 -35.63
C VAL J 97 -4.21 -76.91 -34.52
N MET J 98 -3.30 -77.87 -34.38
CA MET J 98 -3.46 -78.85 -33.31
C MET J 98 -3.35 -78.21 -31.93
N PHE J 99 -2.39 -77.28 -31.78
CA PHE J 99 -2.27 -76.55 -30.51
C PHE J 99 -3.61 -75.93 -30.10
N ASN J 100 -4.24 -75.21 -31.03
CA ASN J 100 -5.48 -74.52 -30.73
C ASN J 100 -6.56 -75.50 -30.29
N GLN J 101 -6.64 -76.64 -30.98
CA GLN J 101 -7.68 -77.63 -30.66
C GLN J 101 -7.38 -78.29 -29.31
N ALA J 102 -6.12 -78.67 -29.09
CA ALA J 102 -5.76 -79.29 -27.80
C ALA J 102 -5.99 -78.33 -26.62
N ALA J 103 -5.50 -77.09 -26.75
CA ALA J 103 -5.59 -76.12 -25.67
C ALA J 103 -7.06 -75.75 -25.36
N GLN J 104 -7.89 -75.58 -26.41
CA GLN J 104 -9.32 -75.29 -26.16
C GLN J 104 -10.04 -76.45 -25.52
N HIS J 105 -9.63 -77.69 -25.86
CA HIS J 105 -10.19 -78.86 -25.20
C HIS J 105 -9.83 -78.87 -23.73
N PHE J 106 -8.55 -78.66 -23.43
CA PHE J 106 -8.12 -78.53 -22.04
C PHE J 106 -8.84 -77.37 -21.33
N ASN J 107 -8.88 -76.20 -21.96
CA ASN J 107 -9.36 -74.99 -21.31
C ASN J 107 -10.83 -75.17 -20.94
N HIS J 108 -11.61 -75.73 -21.87
CA HIS J 108 -13.05 -75.96 -21.59
C HIS J 108 -13.28 -77.02 -20.53
N SER J 109 -12.53 -78.11 -20.61
CA SER J 109 -12.65 -79.20 -19.61
C SER J 109 -12.32 -78.69 -18.20
N PHE J 110 -11.28 -77.86 -18.10
CA PHE J 110 -10.94 -77.26 -16.82
C PHE J 110 -12.06 -76.30 -16.37
N PHE J 111 -12.56 -75.48 -17.29
CA PHE J 111 -13.70 -74.57 -17.00
C PHE J 111 -14.89 -75.28 -16.39
N TRP J 112 -15.31 -76.42 -16.98
CA TRP J 112 -16.49 -77.12 -16.47
C TRP J 112 -16.26 -77.61 -15.08
N LYS J 113 -15.03 -78.01 -14.77
CA LYS J 113 -14.72 -78.46 -13.40
C LYS J 113 -14.78 -77.31 -12.38
N CYS J 114 -14.66 -76.07 -12.85
CA CYS J 114 -14.67 -74.91 -11.99
C CYS J 114 -16.07 -74.48 -11.64
N LEU J 115 -17.06 -75.13 -12.24
CA LEU J 115 -18.46 -74.69 -12.14
C LEU J 115 -19.39 -75.73 -11.57
N SER J 116 -20.43 -75.28 -10.91
CA SER J 116 -21.40 -76.20 -10.32
C SER J 116 -22.69 -75.43 -10.14
N PRO J 117 -23.86 -76.05 -10.38
CA PRO J 117 -25.11 -75.31 -10.17
C PRO J 117 -25.19 -74.80 -8.73
N GLY J 118 -25.45 -73.51 -8.56
CA GLY J 118 -25.49 -72.89 -7.23
C GLY J 118 -24.14 -72.73 -6.57
N GLY J 119 -23.08 -73.19 -7.24
CA GLY J 119 -21.71 -73.06 -6.74
C GLY J 119 -21.41 -73.92 -5.51
N LYS J 120 -20.20 -73.81 -4.98
CA LYS J 120 -19.83 -74.47 -3.72
C LYS J 120 -19.02 -73.48 -2.90
N PRO J 121 -19.29 -73.40 -1.57
CA PRO J 121 -18.72 -72.33 -0.77
C PRO J 121 -17.18 -72.42 -0.73
N MET J 122 -16.52 -71.27 -0.64
CA MET J 122 -15.08 -71.21 -0.58
C MET J 122 -14.53 -71.79 0.72
N PRO J 123 -13.69 -72.85 0.66
CA PRO J 123 -13.09 -73.36 1.90
C PRO J 123 -12.10 -72.36 2.53
N LYS J 124 -11.91 -72.47 3.84
CA LYS J 124 -11.09 -71.50 4.58
C LYS J 124 -9.66 -71.46 4.07
N THR J 125 -9.11 -72.63 3.74
CA THR J 125 -7.73 -72.70 3.22
C THR J 125 -7.55 -71.78 2.00
N LEU J 126 -8.49 -71.87 1.08
CA LEU J 126 -8.41 -71.06 -0.15
C LEU J 126 -8.67 -69.58 0.14
N GLU J 127 -9.69 -69.29 0.95
CA GLU J 127 -10.05 -67.91 1.33
C GLU J 127 -8.85 -67.19 1.91
N ASN J 128 -8.15 -67.87 2.83
CA ASN J 128 -6.98 -67.30 3.47
C ASN J 128 -5.85 -67.05 2.46
N ALA J 129 -5.67 -67.96 1.52
CA ALA J 129 -4.60 -67.83 0.54
C ALA J 129 -4.89 -66.66 -0.42
N ILE J 130 -6.15 -66.54 -0.84
CA ILE J 130 -6.57 -65.43 -1.71
C ILE J 130 -6.44 -64.07 -0.99
N ALA J 131 -6.98 -63.98 0.23
CA ALA J 131 -6.85 -62.77 1.05
C ALA J 131 -5.38 -62.37 1.29
N LYS J 132 -4.52 -63.37 1.50
CA LYS J 132 -3.11 -63.08 1.76
C LYS J 132 -2.44 -62.48 0.53
N GLN J 133 -2.69 -63.05 -0.65
CA GLN J 133 -2.04 -62.59 -1.88
C GLN J 133 -2.56 -61.23 -2.38
N PHE J 134 -3.89 -61.09 -2.41
CA PHE J 134 -4.54 -59.97 -3.06
C PHE J 134 -5.06 -58.91 -2.07
N GLY J 135 -4.88 -59.15 -0.77
CA GLY J 135 -5.34 -58.18 0.25
C GLY J 135 -6.69 -58.54 0.82
N SER J 136 -7.60 -59.05 -0.03
CA SER J 136 -8.90 -59.52 0.43
C SER J 136 -9.51 -60.35 -0.69
N VAL J 137 -10.52 -61.14 -0.36
CA VAL J 137 -11.30 -61.84 -1.40
C VAL J 137 -11.99 -60.85 -2.38
N ASP J 138 -12.61 -59.79 -1.86
CA ASP J 138 -13.26 -58.81 -2.74
C ASP J 138 -12.26 -58.12 -3.68
N ASP J 139 -11.07 -57.83 -3.16
CA ASP J 139 -9.98 -57.31 -4.00
C ASP J 139 -9.58 -58.28 -5.13
N PHE J 140 -9.45 -59.56 -4.79
CA PHE J 140 -9.20 -60.54 -5.83
C PHE J 140 -10.30 -60.53 -6.88
N MET J 141 -11.55 -60.56 -6.45
CA MET J 141 -12.70 -60.68 -7.36
C MET J 141 -12.79 -59.50 -8.31
N VAL J 142 -12.59 -58.30 -7.80
CA VAL J 142 -12.66 -57.10 -8.62
C VAL J 142 -11.53 -57.11 -9.63
N SER J 143 -10.34 -57.48 -9.19
CA SER J 143 -9.19 -57.50 -10.09
C SER J 143 -9.35 -58.55 -11.20
N PHE J 144 -9.95 -59.69 -10.84
CA PHE J 144 -10.19 -60.76 -11.80
C PHE J 144 -11.20 -60.32 -12.85
N GLN J 145 -12.35 -59.82 -12.40
CA GLN J 145 -13.35 -59.22 -13.28
C GLN J 145 -12.75 -58.17 -14.23
N GLN J 146 -11.97 -57.25 -13.69
CA GLN J 146 -11.35 -56.23 -14.52
C GLN J 146 -10.43 -56.85 -15.61
N ALA J 147 -9.60 -57.81 -15.22
CA ALA J 147 -8.72 -58.51 -16.18
C ALA J 147 -9.57 -59.17 -17.27
N GLY J 148 -10.70 -59.78 -16.87
CA GLY J 148 -11.60 -60.40 -17.83
C GLY J 148 -12.25 -59.42 -18.81
N VAL J 149 -12.83 -58.34 -18.27
CA VAL J 149 -13.37 -57.22 -19.08
C VAL J 149 -12.35 -56.68 -20.08
N ASN J 150 -11.12 -56.47 -19.63
CA ASN J 150 -10.10 -55.83 -20.49
C ASN J 150 -9.35 -56.78 -21.42
N ASN J 151 -9.69 -58.07 -21.39
CA ASN J 151 -9.05 -59.07 -22.24
C ASN J 151 -9.58 -58.88 -23.67
N PHE J 152 -8.81 -58.20 -24.52
CA PHE J 152 -9.36 -57.78 -25.81
C PHE J 152 -9.63 -58.96 -26.75
N GLY J 153 -10.86 -59.08 -27.27
CA GLY J 153 -11.17 -60.20 -28.20
C GLY J 153 -11.50 -61.47 -27.41
N SER J 154 -11.23 -62.63 -28.00
CA SER J 154 -11.47 -63.93 -27.36
C SER J 154 -10.34 -64.32 -26.44
N GLY J 155 -10.69 -64.95 -25.34
CA GLY J 155 -9.67 -65.66 -24.55
C GLY J 155 -10.15 -66.09 -23.17
N TRP J 156 -9.24 -66.12 -22.20
CA TRP J 156 -9.48 -66.71 -20.87
C TRP J 156 -8.78 -65.89 -19.83
N THR J 157 -9.39 -65.81 -18.64
CA THR J 157 -8.75 -65.13 -17.51
C THR J 157 -8.54 -66.18 -16.42
N TRP J 158 -7.37 -66.19 -15.77
CA TRP J 158 -6.95 -67.33 -14.95
C TRP J 158 -6.50 -66.89 -13.60
N LEU J 159 -6.71 -67.75 -12.62
CA LEU J 159 -6.00 -67.65 -11.36
C LEU J 159 -5.09 -68.86 -11.32
N CYS J 160 -3.79 -68.61 -11.15
CA CYS J 160 -2.78 -69.65 -11.19
C CYS J 160 -1.91 -69.62 -9.96
N VAL J 161 -1.33 -70.78 -9.65
CA VAL J 161 -0.22 -70.85 -8.72
C VAL J 161 1.07 -70.88 -9.53
N ASP J 162 2.07 -70.09 -9.11
CA ASP J 162 3.40 -70.21 -9.65
C ASP J 162 4.09 -71.19 -8.74
N PRO J 163 4.45 -72.38 -9.26
CA PRO J 163 5.01 -73.45 -8.39
C PRO J 163 6.37 -73.11 -7.77
N GLN J 164 7.12 -72.23 -8.43
CA GLN J 164 8.46 -71.84 -7.93
C GLN J 164 8.40 -70.85 -6.76
N THR J 165 7.61 -69.80 -6.90
CA THR J 165 7.51 -68.75 -5.88
C THR J 165 6.36 -68.98 -4.89
N LYS J 166 5.39 -69.82 -5.27
CA LYS J 166 4.15 -70.07 -4.51
C LYS J 166 3.16 -68.89 -4.56
N GLU J 167 3.41 -67.90 -5.42
CA GLU J 167 2.49 -66.78 -5.54
C GLU J 167 1.22 -67.22 -6.23
N LEU J 168 0.11 -66.58 -5.88
CA LEU J 168 -1.13 -66.67 -6.64
C LEU J 168 -1.18 -65.48 -7.58
N LEU J 169 -1.57 -65.71 -8.83
CA LEU J 169 -1.44 -64.69 -9.89
C LEU J 169 -2.71 -64.70 -10.74
N ILE J 170 -3.16 -63.52 -11.16
CA ILE J 170 -4.18 -63.41 -12.19
C ILE J 170 -3.47 -63.21 -13.53
N ASP J 171 -3.86 -63.98 -14.54
CA ASP J 171 -3.21 -63.98 -15.84
C ASP J 171 -4.32 -64.07 -16.91
N SER J 172 -4.25 -63.26 -17.96
CA SER J 172 -5.20 -63.40 -19.08
C SER J 172 -4.45 -63.92 -20.31
N THR J 173 -5.12 -64.74 -21.12
CA THR J 173 -4.54 -65.25 -22.36
C THR J 173 -5.47 -64.96 -23.52
N SER J 174 -4.91 -64.95 -24.71
CA SER J 174 -5.68 -64.68 -25.93
C SER J 174 -6.00 -66.00 -26.64
N ASN J 175 -7.23 -66.11 -27.14
CA ASN J 175 -7.64 -67.20 -28.02
C ASN J 175 -7.50 -68.54 -27.30
N ALA J 176 -6.60 -69.43 -27.75
CA ALA J 176 -6.48 -70.75 -27.07
C ALA J 176 -5.42 -70.72 -25.97
N GLY J 177 -4.77 -69.58 -25.78
CA GLY J 177 -3.61 -69.52 -24.85
C GLY J 177 -3.92 -70.09 -23.48
N CYS J 178 -2.90 -70.68 -22.87
CA CYS J 178 -3.03 -71.47 -21.67
C CYS J 178 -1.79 -71.25 -20.79
N PRO J 179 -1.95 -70.82 -19.53
CA PRO J 179 -0.80 -70.50 -18.68
C PRO J 179 0.15 -71.68 -18.46
N LEU J 180 -0.35 -72.90 -18.65
CA LEU J 180 0.55 -74.02 -18.40
C LEU J 180 1.72 -74.02 -19.39
N THR J 181 1.59 -73.29 -20.50
CA THR J 181 2.74 -73.21 -21.44
C THR J 181 3.90 -72.39 -20.84
N SER J 182 3.63 -71.57 -19.82
CA SER J 182 4.77 -70.89 -19.14
C SER J 182 5.08 -71.49 -17.77
N GLY J 183 4.57 -72.69 -17.54
CA GLY J 183 4.90 -73.43 -16.32
C GLY J 183 4.05 -73.01 -15.13
N LEU J 184 3.05 -72.16 -15.37
CA LEU J 184 2.08 -71.81 -14.32
C LEU J 184 1.07 -72.95 -14.13
N ARG J 185 0.45 -73.02 -12.93
CA ARG J 185 -0.51 -74.08 -12.60
C ARG J 185 -1.90 -73.52 -12.32
N PRO J 186 -2.80 -73.63 -13.32
CA PRO J 186 -4.13 -73.04 -13.17
C PRO J 186 -4.91 -73.64 -12.02
N ILE J 187 -5.66 -72.79 -11.30
CA ILE J 187 -6.56 -73.31 -10.26
C ILE J 187 -7.98 -72.88 -10.52
N PHE J 188 -8.15 -71.88 -11.39
CA PHE J 188 -9.48 -71.40 -11.76
C PHE J 188 -9.39 -70.65 -13.09
N THR J 189 -10.42 -70.77 -13.92
CA THR J 189 -10.49 -69.98 -15.15
C THR J 189 -11.90 -69.47 -15.44
N ALA J 190 -11.98 -68.37 -16.19
CA ALA J 190 -13.26 -67.89 -16.76
C ALA J 190 -13.07 -67.74 -18.27
N ASP J 191 -13.91 -68.39 -19.05
CA ASP J 191 -13.90 -68.24 -20.51
C ASP J 191 -14.46 -66.85 -20.84
N VAL J 192 -13.70 -66.06 -21.59
CA VAL J 192 -14.24 -64.77 -22.09
C VAL J 192 -14.31 -64.64 -23.62
N TRP J 193 -14.35 -65.79 -24.30
CA TRP J 193 -14.82 -65.84 -25.67
C TRP J 193 -16.22 -65.37 -25.57
N GLU J 194 -16.66 -64.55 -26.52
CA GLU J 194 -18.00 -64.00 -26.50
C GLU J 194 -19.09 -65.10 -26.48
N HIS J 195 -18.82 -66.25 -27.11
CA HIS J 195 -19.75 -67.38 -27.05
C HIS J 195 -20.03 -67.90 -25.66
N ALA J 196 -19.13 -67.65 -24.71
CA ALA J 196 -19.30 -68.14 -23.33
C ALA J 196 -20.51 -67.48 -22.67
N TYR J 197 -20.84 -66.26 -23.10
CA TYR J 197 -21.86 -65.45 -22.39
C TYR J 197 -22.93 -64.79 -23.28
N TYR J 198 -22.74 -64.79 -24.60
CA TYR J 198 -23.56 -63.96 -25.48
C TYR J 198 -25.03 -64.32 -25.47
N LYS J 199 -25.34 -65.61 -25.28
CA LYS J 199 -26.74 -66.06 -25.26
C LYS J 199 -27.50 -65.44 -24.10
N ASP J 200 -26.88 -65.48 -22.92
CA ASP J 200 -27.51 -65.03 -21.69
C ASP J 200 -27.29 -63.57 -21.35
N PHE J 201 -26.16 -63.01 -21.78
CA PHE J 201 -25.74 -61.65 -21.41
C PHE J 201 -25.53 -60.70 -22.57
N GLU J 202 -25.70 -61.20 -23.79
CA GLU J 202 -25.43 -60.42 -24.97
C GLU J 202 -24.06 -59.75 -24.83
N ASN J 203 -23.96 -58.45 -25.05
CA ASN J 203 -22.68 -57.75 -24.95
C ASN J 203 -22.14 -57.57 -23.51
N ARG J 204 -22.92 -57.91 -22.49
CA ARG J 204 -22.60 -57.54 -21.11
C ARG J 204 -21.59 -58.44 -20.43
N ARG J 205 -20.37 -58.45 -20.97
CA ARG J 205 -19.29 -59.27 -20.41
C ARG J 205 -19.07 -58.96 -18.92
N ALA J 206 -19.11 -57.67 -18.52
CA ALA J 206 -18.87 -57.31 -17.11
C ALA J 206 -19.88 -57.94 -16.19
N ASP J 207 -21.14 -57.93 -16.61
CA ASP J 207 -22.20 -58.52 -15.82
C ASP J 207 -22.02 -60.03 -15.71
N TYR J 208 -21.62 -60.69 -16.79
CA TYR J 208 -21.35 -62.14 -16.78
C TYR J 208 -20.29 -62.49 -15.75
N LEU J 209 -19.20 -61.73 -15.75
CA LEU J 209 -18.10 -61.98 -14.83
C LEU J 209 -18.46 -61.70 -13.37
N LYS J 210 -19.31 -60.70 -13.13
CA LYS J 210 -19.76 -60.39 -11.75
C LYS J 210 -20.70 -61.50 -11.26
N GLU J 211 -21.54 -62.01 -12.16
CA GLU J 211 -22.46 -63.08 -11.80
C GLU J 211 -21.80 -64.47 -11.71
N LEU J 212 -20.75 -64.68 -12.50
CA LEU J 212 -20.09 -65.97 -12.57
C LEU J 212 -19.74 -66.57 -11.21
N TRP J 213 -19.35 -65.71 -10.26
CA TRP J 213 -18.98 -66.15 -8.90
C TRP J 213 -20.04 -67.00 -8.26
N GLN J 214 -21.32 -66.75 -8.61
CA GLN J 214 -22.43 -67.51 -8.05
C GLN J 214 -22.40 -69.02 -8.35
N ILE J 215 -21.62 -69.43 -9.37
CA ILE J 215 -21.58 -70.85 -9.80
C ILE J 215 -20.17 -71.45 -9.75
N VAL J 216 -19.26 -70.76 -9.08
CA VAL J 216 -17.91 -71.28 -8.98
C VAL J 216 -17.90 -72.41 -7.96
N ASP J 217 -17.34 -73.55 -8.36
CA ASP J 217 -17.11 -74.64 -7.45
C ASP J 217 -15.81 -74.38 -6.73
N TRP J 218 -15.89 -73.67 -5.60
CA TRP J 218 -14.68 -73.35 -4.82
C TRP J 218 -14.00 -74.54 -4.20
N GLU J 219 -14.72 -75.63 -4.04
CA GLU J 219 -14.12 -76.87 -3.54
C GLU J 219 -13.15 -77.47 -4.57
N PHE J 220 -13.55 -77.44 -5.83
CA PHE J 220 -12.62 -77.84 -6.89
C PHE J 220 -11.41 -76.92 -6.93
N VAL J 221 -11.65 -75.60 -6.92
CA VAL J 221 -10.56 -74.62 -6.95
C VAL J 221 -9.63 -74.86 -5.75
N CYS J 222 -10.19 -75.15 -4.58
CA CYS J 222 -9.33 -75.38 -3.41
C CYS J 222 -8.49 -76.67 -3.54
N HIS J 223 -9.13 -77.74 -4.03
CA HIS J 223 -8.43 -79.00 -4.33
C HIS J 223 -7.26 -78.74 -5.26
N MET J 224 -7.49 -77.94 -6.32
CA MET J 224 -6.40 -77.56 -7.23
C MET J 224 -5.29 -76.76 -6.56
N TYR J 225 -5.68 -75.78 -5.76
CA TYR J 225 -4.73 -74.92 -5.03
C TYR J 225 -3.81 -75.79 -4.15
N GLU J 226 -4.41 -76.68 -3.37
CA GLU J 226 -3.63 -77.55 -2.50
C GLU J 226 -2.58 -78.37 -3.26
N ARG J 227 -3.01 -79.03 -4.34
CA ARG J 227 -2.07 -79.87 -5.09
C ARG J 227 -1.05 -79.08 -5.88
N ALA J 228 -1.46 -77.94 -6.44
CA ALA J 228 -0.56 -77.04 -7.17
C ALA J 228 0.57 -76.43 -6.31
N THR J 229 0.26 -76.06 -5.07
CA THR J 229 1.26 -75.39 -4.20
C THR J 229 2.13 -76.33 -3.40
N LYS J 230 1.79 -77.62 -3.41
CA LYS J 230 2.44 -78.63 -2.59
C LYS J 230 3.94 -78.60 -2.83
N CYS K 22 5.62 30.77 36.56
CA CYS K 22 5.36 29.50 35.80
C CYS K 22 3.85 29.20 35.62
N TYR K 23 3.53 28.09 34.95
CA TYR K 23 2.16 27.79 34.51
C TYR K 23 1.25 27.31 35.64
N HIS K 24 0.04 27.87 35.70
CA HIS K 24 -0.98 27.40 36.63
C HIS K 24 -2.24 27.04 35.92
N THR K 25 -2.69 25.80 36.09
CA THR K 25 -3.91 25.33 35.50
C THR K 25 -5.12 26.05 36.08
N LEU K 26 -5.14 26.22 37.42
CA LEU K 26 -6.23 26.92 38.08
C LEU K 26 -5.69 28.11 38.89
N PRO K 27 -5.43 29.25 38.21
CA PRO K 27 -4.82 30.41 38.87
C PRO K 27 -5.69 31.03 39.97
N HIS K 28 -7.00 30.76 39.97
CA HIS K 28 -7.88 31.26 41.03
C HIS K 28 -8.09 30.33 42.20
N LEU K 29 -7.56 29.11 42.11
CA LEU K 29 -7.68 28.19 43.25
C LEU K 29 -6.53 28.49 44.20
N ARG K 30 -6.83 29.17 45.31
CA ARG K 30 -5.79 29.68 46.21
C ARG K 30 -5.90 29.24 47.67
N TYR K 31 -4.89 29.61 48.46
CA TYR K 31 -4.83 29.36 49.91
C TYR K 31 -5.11 30.68 50.67
N PRO K 32 -5.88 30.64 51.78
CA PRO K 32 -6.58 29.51 52.42
C PRO K 32 -7.59 28.84 51.48
N ALA K 33 -7.60 27.50 51.52
CA ALA K 33 -8.43 26.70 50.63
C ALA K 33 -9.91 26.89 50.91
N GLU K 34 -10.70 26.84 49.84
CA GLU K 34 -12.14 26.82 49.97
C GLU K 34 -12.66 25.78 49.03
N LEU K 35 -13.74 25.10 49.43
CA LEU K 35 -14.48 24.24 48.51
C LEU K 35 -15.00 25.08 47.37
N PRO K 36 -14.76 24.66 46.12
CA PRO K 36 -15.24 25.48 44.98
C PRO K 36 -16.77 25.46 44.82
N THR K 37 -17.33 26.54 44.30
CA THR K 37 -18.74 26.58 43.91
C THR K 37 -18.83 25.74 42.65
N LEU K 38 -19.85 24.89 42.58
CA LEU K 38 -20.02 24.04 41.41
C LEU K 38 -20.78 24.79 40.33
N GLY K 39 -20.60 24.39 39.07
CA GLY K 39 -21.31 25.02 37.95
C GLY K 39 -22.75 24.55 37.81
N PHE K 40 -23.23 23.83 38.81
CA PHE K 40 -24.56 23.21 38.80
C PHE K 40 -25.03 23.02 40.24
N ASN K 41 -26.28 22.63 40.41
CA ASN K 41 -26.81 22.33 41.75
C ASN K 41 -26.36 20.97 42.24
N TYR K 42 -25.57 20.95 43.32
CA TYR K 42 -24.96 19.69 43.78
C TYR K 42 -25.95 18.74 44.44
N LYS K 43 -27.13 19.25 44.78
CA LYS K 43 -28.21 18.42 45.30
C LYS K 43 -28.90 17.58 44.20
N ASP K 44 -28.70 17.95 42.93
CA ASP K 44 -29.24 17.15 41.81
C ASP K 44 -28.25 16.09 41.32
N GLY K 45 -27.06 16.02 41.93
CA GLY K 45 -25.99 15.16 41.45
C GLY K 45 -25.42 15.71 40.15
N ILE K 46 -24.92 14.82 39.30
CA ILE K 46 -24.53 15.17 37.93
C ILE K 46 -25.14 14.15 36.97
N GLN K 47 -26.39 14.42 36.61
CA GLN K 47 -27.19 13.49 35.81
C GLN K 47 -26.69 13.43 34.36
N PRO K 48 -26.79 12.25 33.73
CA PRO K 48 -27.42 11.04 34.25
C PRO K 48 -26.44 10.04 34.85
N VAL K 49 -25.26 10.51 35.27
CA VAL K 49 -24.18 9.62 35.70
C VAL K 49 -24.01 9.51 37.22
N MET K 50 -23.93 10.64 37.92
CA MET K 50 -23.74 10.61 39.39
C MET K 50 -25.01 10.95 40.14
N SER K 51 -25.41 10.07 41.05
CA SER K 51 -26.56 10.31 41.89
C SER K 51 -26.28 11.48 42.83
N PRO K 52 -27.33 12.10 43.41
CA PRO K 52 -27.12 13.11 44.44
C PRO K 52 -26.28 12.60 45.61
N ARG K 53 -26.53 11.38 46.07
CA ARG K 53 -25.75 10.85 47.21
C ARG K 53 -24.28 10.66 46.85
N GLN K 54 -24.02 10.12 45.67
CA GLN K 54 -22.63 9.94 45.23
C GLN K 54 -21.86 11.26 45.28
N LEU K 55 -22.44 12.30 44.68
CA LEU K 55 -21.84 13.63 44.69
C LEU K 55 -21.77 14.27 46.07
N GLU K 56 -22.84 14.18 46.86
CA GLU K 56 -22.81 14.67 48.23
C GLU K 56 -21.60 14.12 49.01
N LEU K 57 -21.42 12.81 48.97
CA LEU K 57 -20.32 12.16 49.66
C LEU K 57 -18.99 12.70 49.14
N HIS K 58 -18.84 12.72 47.82
CA HIS K 58 -17.56 13.02 47.21
C HIS K 58 -17.14 14.45 47.46
N TYR K 59 -18.10 15.36 47.26
CA TYR K 59 -17.91 16.80 47.41
C TYR K 59 -17.94 17.29 48.88
N SER K 60 -19.05 17.04 49.58
CA SER K 60 -19.24 17.50 50.97
C SER K 60 -18.43 16.75 52.03
N LYS K 61 -18.01 15.52 51.77
CA LYS K 61 -17.21 14.79 52.75
C LYS K 61 -15.75 14.64 52.28
N HIS K 62 -15.53 13.97 51.14
CA HIS K 62 -14.13 13.72 50.73
C HIS K 62 -13.38 15.00 50.44
N HIS K 63 -13.86 15.77 49.47
CA HIS K 63 -13.21 17.02 49.08
C HIS K 63 -13.14 17.99 50.24
N SER K 64 -14.25 18.19 50.94
CA SER K 64 -14.29 19.08 52.10
C SER K 64 -13.20 18.77 53.14
N ALA K 65 -12.96 17.47 53.39
CA ALA K 65 -11.98 17.08 54.42
C ALA K 65 -10.56 17.49 54.00
N TYR K 66 -10.27 17.42 52.70
CA TYR K 66 -8.97 17.86 52.20
C TYR K 66 -8.82 19.37 52.36
N VAL K 67 -9.90 20.11 52.08
CA VAL K 67 -9.85 21.57 52.19
C VAL K 67 -9.58 21.96 53.66
N ASP K 68 -10.37 21.41 54.56
CA ASP K 68 -10.24 21.75 55.99
C ASP K 68 -8.89 21.35 56.56
N LYS K 69 -8.43 20.15 56.25
CA LYS K 69 -7.13 19.70 56.75
C LYS K 69 -5.97 20.54 56.22
N LEU K 70 -6.01 20.84 54.93
CA LEU K 70 -5.00 21.70 54.34
C LEU K 70 -4.91 23.05 55.08
N ASN K 71 -6.05 23.63 55.46
CA ASN K 71 -6.05 24.91 56.18
C ASN K 71 -5.45 24.86 57.58
N THR K 72 -5.24 23.66 58.13
CA THR K 72 -4.53 23.54 59.38
C THR K 72 -3.03 23.42 59.16
N LEU K 73 -2.60 23.37 57.91
CA LEU K 73 -1.21 23.01 57.61
C LEU K 73 -0.40 24.02 56.82
N GLY K 74 -1.06 24.91 56.10
CA GLY K 74 -0.36 25.72 55.11
C GLY K 74 -0.01 27.14 55.54
N LYS K 75 0.00 27.39 56.85
CA LYS K 75 0.43 28.69 57.37
C LYS K 75 1.67 29.17 56.59
N GLY K 76 1.64 30.41 56.11
CA GLY K 76 2.71 30.94 55.28
C GLY K 76 2.35 31.04 53.80
N TYR K 77 1.43 30.20 53.33
CA TYR K 77 1.06 30.18 51.91
C TYR K 77 -0.15 31.06 51.54
N GLU K 78 -0.54 31.95 52.46
CA GLU K 78 -1.71 32.81 52.28
C GLU K 78 -1.57 33.61 51.00
N GLY K 79 -2.65 33.66 50.23
CA GLY K 79 -2.65 34.38 48.97
C GLY K 79 -2.08 33.63 47.76
N LYS K 80 -1.30 32.56 47.99
CA LYS K 80 -0.72 31.77 46.89
C LYS K 80 -1.69 30.72 46.32
N THR K 81 -1.41 30.26 45.10
CA THR K 81 -2.22 29.22 44.48
C THR K 81 -1.92 27.85 45.14
N ILE K 82 -2.90 26.97 45.09
CA ILE K 82 -2.75 25.61 45.62
C ILE K 82 -1.65 24.89 44.82
N GLU K 83 -1.57 25.18 43.52
CA GLU K 83 -0.53 24.62 42.68
C GLU K 83 0.88 24.90 43.17
N GLU K 84 1.13 26.12 43.63
CA GLU K 84 2.40 26.50 44.27
C GLU K 84 2.76 25.64 45.48
N ILE K 85 1.79 25.41 46.36
CA ILE K 85 1.96 24.51 47.51
C ILE K 85 2.34 23.11 47.06
N ILE K 86 1.71 22.65 45.98
CA ILE K 86 1.96 21.30 45.45
C ILE K 86 3.41 21.19 44.96
N LEU K 87 3.87 22.20 44.24
CA LEU K 87 5.26 22.24 43.74
C LEU K 87 6.29 22.37 44.84
N ALA K 88 5.96 23.13 45.89
CA ALA K 88 6.89 23.32 47.01
C ALA K 88 6.98 22.09 47.94
N THR K 89 5.96 21.24 47.91
CA THR K 89 5.89 20.09 48.82
C THR K 89 6.16 18.73 48.18
N THR K 90 6.13 18.66 46.86
CA THR K 90 6.37 17.39 46.16
C THR K 90 7.78 16.85 46.43
N GLY K 91 7.87 15.55 46.70
CA GLY K 91 9.16 14.90 46.95
C GLY K 91 9.79 15.16 48.31
N ILE K 92 9.05 15.76 49.23
CA ILE K 92 9.58 16.11 50.54
C ILE K 92 8.83 15.35 51.63
N ASN K 93 9.50 14.37 52.22
CA ASN K 93 8.87 13.43 53.15
C ASN K 93 8.18 14.08 54.35
N GLU K 94 8.86 15.06 54.94
CA GLU K 94 8.34 15.83 56.07
C GLU K 94 7.04 16.58 55.72
N SER K 95 6.81 16.79 54.43
CA SER K 95 5.63 17.50 53.95
C SER K 95 4.62 16.62 53.19
N LYS K 96 4.73 15.29 53.33
CA LYS K 96 3.87 14.36 52.60
C LYS K 96 2.40 14.62 52.87
N VAL K 97 2.08 14.86 54.14
CA VAL K 97 0.69 15.08 54.54
C VAL K 97 0.10 16.33 53.88
N MET K 98 0.84 17.44 53.93
CA MET K 98 0.32 18.65 53.33
C MET K 98 0.25 18.52 51.81
N PHE K 99 1.25 17.88 51.22
CA PHE K 99 1.23 17.62 49.78
C PHE K 99 -0.04 16.87 49.39
N ASN K 100 -0.35 15.80 50.13
CA ASN K 100 -1.57 15.02 49.83
C ASN K 100 -2.85 15.84 49.88
N GLN K 101 -2.96 16.73 50.87
CA GLN K 101 -4.17 17.53 51.05
C GLN K 101 -4.29 18.52 49.88
N ALA K 102 -3.16 19.14 49.54
CA ALA K 102 -3.13 20.21 48.53
C ALA K 102 -3.38 19.64 47.13
N ALA K 103 -2.67 18.54 46.82
CA ALA K 103 -2.82 17.87 45.54
C ALA K 103 -4.24 17.32 45.38
N GLN K 104 -4.77 16.70 46.44
CA GLN K 104 -6.17 16.21 46.38
C GLN K 104 -7.16 17.37 46.18
N HIS K 105 -6.86 18.54 46.76
CA HIS K 105 -7.74 19.69 46.60
C HIS K 105 -7.75 20.15 45.16
N PHE K 106 -6.57 20.30 44.59
CA PHE K 106 -6.45 20.64 43.17
C PHE K 106 -7.15 19.62 42.28
N ASN K 107 -6.83 18.35 42.52
CA ASN K 107 -7.32 17.27 41.67
C ASN K 107 -8.84 17.27 41.65
N HIS K 108 -9.48 17.37 42.83
CA HIS K 108 -10.96 17.46 42.88
C HIS K 108 -11.55 18.72 42.28
N SER K 109 -10.95 19.87 42.57
CA SER K 109 -11.44 21.13 41.99
C SER K 109 -11.43 21.06 40.46
N PHE K 110 -10.34 20.54 39.92
CA PHE K 110 -10.21 20.32 38.47
C PHE K 110 -11.28 19.36 37.94
N PHE K 111 -11.48 18.25 38.66
CA PHE K 111 -12.49 17.24 38.33
C PHE K 111 -13.89 17.84 38.18
N TRP K 112 -14.30 18.67 39.15
CA TRP K 112 -15.62 19.30 39.10
C TRP K 112 -15.82 20.22 37.92
N LYS K 113 -14.74 20.86 37.49
CA LYS K 113 -14.81 21.75 36.32
C LYS K 113 -14.85 20.95 35.01
N CYS K 114 -14.42 19.69 35.07
CA CYS K 114 -14.49 18.78 33.90
C CYS K 114 -15.87 18.21 33.68
N LEU K 115 -16.82 18.53 34.57
CA LEU K 115 -18.11 17.85 34.57
C LEU K 115 -19.28 18.82 34.52
N SER K 116 -20.34 18.39 33.86
CA SER K 116 -21.57 19.17 33.79
C SER K 116 -22.73 18.22 33.57
N PRO K 117 -23.92 18.52 34.15
CA PRO K 117 -25.09 17.71 33.85
C PRO K 117 -25.34 17.68 32.35
N GLY K 118 -25.49 16.49 31.78
CA GLY K 118 -25.71 16.35 30.34
C GLY K 118 -24.45 16.53 29.50
N GLY K 119 -23.34 16.93 30.14
CA GLY K 119 -22.08 17.17 29.44
C GLY K 119 -22.16 18.40 28.55
N LYS K 120 -21.10 18.67 27.82
CA LYS K 120 -21.12 19.68 26.76
C LYS K 120 -20.33 19.16 25.57
N PRO K 121 -20.86 19.36 24.33
CA PRO K 121 -20.30 18.73 23.14
C PRO K 121 -18.87 19.18 22.88
N MET K 122 -18.05 18.25 22.38
CA MET K 122 -16.64 18.52 22.06
C MET K 122 -16.49 19.54 20.92
N PRO K 123 -15.79 20.68 21.19
CA PRO K 123 -15.50 21.67 20.14
C PRO K 123 -14.56 21.07 19.10
N LYS K 124 -14.66 21.57 17.87
CA LYS K 124 -13.93 21.01 16.73
C LYS K 124 -12.43 21.05 16.96
N THR K 125 -11.95 22.15 17.53
CA THR K 125 -10.54 22.32 17.85
C THR K 125 -10.02 21.11 18.64
N LEU K 126 -10.75 20.73 19.68
CA LEU K 126 -10.32 19.65 20.56
C LEU K 126 -10.47 18.29 19.87
N GLU K 127 -11.59 18.10 19.18
CA GLU K 127 -11.78 16.88 18.37
C GLU K 127 -10.60 16.67 17.42
N ASN K 128 -10.17 17.73 16.75
CA ASN K 128 -9.05 17.63 15.80
C ASN K 128 -7.74 17.22 16.49
N ALA K 129 -7.44 17.85 17.62
CA ALA K 129 -6.20 17.55 18.36
C ALA K 129 -6.15 16.09 18.87
N ILE K 130 -7.28 15.61 19.41
CA ILE K 130 -7.40 14.26 19.96
C ILE K 130 -7.24 13.23 18.82
N ALA K 131 -7.95 13.47 17.71
CA ALA K 131 -7.90 12.60 16.54
C ALA K 131 -6.49 12.50 15.98
N LYS K 132 -5.76 13.61 15.96
CA LYS K 132 -4.39 13.63 15.44
C LYS K 132 -3.47 12.76 16.29
N GLN K 133 -3.55 12.91 17.61
CA GLN K 133 -2.69 12.20 18.52
C GLN K 133 -3.05 10.72 18.63
N PHE K 134 -4.34 10.45 18.74
CA PHE K 134 -4.80 9.11 19.08
C PHE K 134 -5.41 8.33 17.93
N GLY K 135 -5.49 8.92 16.73
CA GLY K 135 -6.19 8.27 15.62
C GLY K 135 -7.64 8.72 15.50
N SER K 136 -8.38 8.68 16.60
CA SER K 136 -9.77 9.18 16.65
C SER K 136 -10.17 9.47 18.10
N VAL K 137 -11.26 10.22 18.28
CA VAL K 137 -11.85 10.40 19.62
C VAL K 137 -12.23 9.05 20.23
N ASP K 138 -12.84 8.18 19.42
CA ASP K 138 -13.24 6.87 19.91
C ASP K 138 -12.09 6.05 20.46
N ASP K 139 -10.97 6.01 19.74
CA ASP K 139 -9.79 5.28 20.19
C ASP K 139 -9.10 5.92 21.40
N PHE K 140 -9.07 7.26 21.46
CA PHE K 140 -8.65 7.94 22.69
C PHE K 140 -9.47 7.48 23.90
N MET K 141 -10.79 7.45 23.75
CA MET K 141 -11.68 7.12 24.85
C MET K 141 -11.42 5.69 25.34
N VAL K 142 -11.19 4.77 24.42
CA VAL K 142 -10.91 3.38 24.76
C VAL K 142 -9.60 3.33 25.54
N SER K 143 -8.57 4.02 25.05
CA SER K 143 -7.27 4.04 25.74
C SER K 143 -7.36 4.66 27.14
N PHE K 144 -8.16 5.72 27.24
CA PHE K 144 -8.37 6.41 28.51
C PHE K 144 -9.05 5.47 29.50
N GLN K 145 -10.17 4.86 29.07
CA GLN K 145 -10.90 3.91 29.89
C GLN K 145 -10.00 2.80 30.39
N GLN K 146 -9.20 2.22 29.50
CA GLN K 146 -8.29 1.14 29.87
C GLN K 146 -7.19 1.57 30.85
N ALA K 147 -6.68 2.80 30.67
CA ALA K 147 -5.74 3.36 31.61
C ALA K 147 -6.36 3.47 33.01
N GLY K 148 -7.61 3.94 33.08
CA GLY K 148 -8.30 4.10 34.37
C GLY K 148 -8.63 2.75 35.02
N VAL K 149 -9.07 1.80 34.20
CA VAL K 149 -9.38 0.45 34.69
C VAL K 149 -8.13 -0.17 35.30
N ASN K 150 -7.00 0.01 34.65
CA ASN K 150 -5.78 -0.68 35.07
C ASN K 150 -4.88 0.13 36.03
N ASN K 151 -5.38 1.30 36.44
CA ASN K 151 -4.68 2.11 37.43
C ASN K 151 -4.92 1.46 38.80
N PHE K 152 -3.95 0.68 39.26
CA PHE K 152 -4.16 -0.19 40.42
C PHE K 152 -4.27 0.59 41.72
N GLY K 153 -5.32 0.31 42.50
CA GLY K 153 -5.60 1.07 43.72
C GLY K 153 -6.30 2.40 43.43
N SER K 154 -5.98 3.41 44.25
CA SER K 154 -6.56 4.76 44.17
C SER K 154 -5.68 5.61 43.27
N GLY K 155 -6.32 6.52 42.53
CA GLY K 155 -5.57 7.47 41.72
C GLY K 155 -6.43 8.21 40.74
N TRP K 156 -5.78 8.70 39.69
CA TRP K 156 -6.37 9.63 38.74
C TRP K 156 -5.87 9.27 37.38
N THR K 157 -6.74 9.36 36.39
CA THR K 157 -6.29 9.17 35.02
C THR K 157 -6.52 10.51 34.26
N TRP K 158 -5.51 10.91 33.49
CA TRP K 158 -5.42 12.26 32.97
C TRP K 158 -5.25 12.28 31.48
N LEU K 159 -5.82 13.30 30.85
CA LEU K 159 -5.38 13.69 29.53
C LEU K 159 -4.59 15.00 29.69
N CYS K 160 -3.34 14.99 29.25
CA CYS K 160 -2.40 16.11 29.44
C CYS K 160 -1.77 16.60 28.15
N VAL K 161 -1.37 17.87 28.15
CA VAL K 161 -0.46 18.44 27.15
C VAL K 161 0.96 18.39 27.72
N ASP K 162 1.90 17.92 26.91
CA ASP K 162 3.32 18.07 27.21
C ASP K 162 3.77 19.41 26.60
N PRO K 163 4.10 20.40 27.46
CA PRO K 163 4.42 21.75 27.01
C PRO K 163 5.65 21.80 26.08
N GLN K 164 6.58 20.86 26.27
CA GLN K 164 7.77 20.75 25.41
C GLN K 164 7.40 20.39 23.96
N THR K 165 6.47 19.45 23.75
CA THR K 165 6.13 18.99 22.39
C THR K 165 4.77 19.45 21.86
N LYS K 166 3.92 19.99 22.74
CA LYS K 166 2.52 20.35 22.43
C LYS K 166 1.65 19.12 22.10
N GLU K 167 2.17 17.94 22.42
CA GLU K 167 1.47 16.67 22.20
C GLU K 167 0.58 16.31 23.38
N LEU K 168 -0.49 15.57 23.06
CA LEU K 168 -1.40 15.05 24.07
C LEU K 168 -0.96 13.66 24.51
N LEU K 169 -1.10 13.39 25.80
CA LEU K 169 -0.82 12.06 26.30
C LEU K 169 -1.77 11.70 27.44
N ILE K 170 -1.99 10.39 27.58
CA ILE K 170 -2.71 9.83 28.71
C ILE K 170 -1.68 9.51 29.77
N ASP K 171 -1.95 9.95 30.99
CA ASP K 171 -1.06 9.73 32.10
C ASP K 171 -1.91 9.32 33.29
N SER K 172 -1.45 8.29 34.01
CA SER K 172 -2.10 7.83 35.24
C SER K 172 -1.23 8.15 36.46
N THR K 173 -1.86 8.61 37.53
CA THR K 173 -1.14 8.86 38.77
C THR K 173 -1.76 8.06 39.91
N SER K 174 -0.93 7.80 40.92
CA SER K 174 -1.35 7.02 42.09
C SER K 174 -1.67 7.96 43.25
N ASN K 175 -2.76 7.67 43.95
CA ASN K 175 -3.17 8.40 45.16
C ASN K 175 -3.41 9.88 44.90
N ALA K 176 -2.55 10.77 45.43
CA ALA K 176 -2.74 12.22 45.22
C ALA K 176 -1.94 12.74 44.04
N GLY K 177 -1.20 11.84 43.38
CA GLY K 177 -0.32 12.21 42.28
C GLY K 177 -0.90 13.24 41.31
N CYS K 178 -0.07 14.21 40.97
CA CYS K 178 -0.48 15.39 40.22
C CYS K 178 0.50 15.66 39.07
N PRO K 179 0.02 15.63 37.82
CA PRO K 179 0.87 15.73 36.61
C PRO K 179 1.73 16.99 36.54
N LEU K 180 1.35 18.03 37.27
CA LEU K 180 2.12 19.28 37.26
C LEU K 180 3.46 19.10 37.97
N THR K 181 3.57 18.08 38.80
CA THR K 181 4.87 17.78 39.43
C THR K 181 5.90 17.21 38.45
N SER K 182 5.47 16.84 37.24
CA SER K 182 6.43 16.43 36.21
C SER K 182 6.30 17.31 34.96
N GLY K 183 5.73 18.50 35.14
CA GLY K 183 5.70 19.51 34.10
C GLY K 183 4.61 19.34 33.05
N LEU K 184 3.77 18.33 33.20
CA LEU K 184 2.66 18.16 32.28
C LEU K 184 1.51 19.11 32.62
N ARG K 185 0.71 19.45 31.62
CA ARG K 185 -0.43 20.34 31.79
C ARG K 185 -1.75 19.60 31.59
N PRO K 186 -2.46 19.29 32.70
CA PRO K 186 -3.69 18.48 32.57
C PRO K 186 -4.81 19.25 31.87
N ILE K 187 -5.66 18.56 31.12
CA ILE K 187 -6.81 19.19 30.47
C ILE K 187 -8.10 18.44 30.77
N PHE K 188 -7.98 17.20 31.23
CA PHE K 188 -9.14 16.41 31.64
C PHE K 188 -8.66 15.39 32.67
N THR K 189 -9.52 15.05 33.61
CA THR K 189 -9.17 14.00 34.57
C THR K 189 -10.40 13.18 34.95
N ALA K 190 -10.14 11.92 35.32
CA ALA K 190 -11.14 11.07 35.89
C ALA K 190 -10.58 10.53 37.19
N ASP K 191 -11.30 10.77 38.28
CA ASP K 191 -10.97 10.26 39.61
C ASP K 191 -11.24 8.76 39.62
N VAL K 192 -10.23 7.95 39.96
CA VAL K 192 -10.45 6.49 40.05
C VAL K 192 -10.12 5.94 41.45
N TRP K 193 -10.08 6.80 42.47
CA TRP K 193 -10.31 6.31 43.84
C TRP K 193 -11.66 5.66 43.85
N GLU K 194 -11.78 4.58 44.60
CA GLU K 194 -13.02 3.82 44.63
C GLU K 194 -14.20 4.64 45.14
N HIS K 195 -13.96 5.60 46.03
CA HIS K 195 -15.05 6.51 46.47
C HIS K 195 -15.68 7.34 45.38
N ALA K 196 -14.99 7.53 44.25
CA ALA K 196 -15.56 8.34 43.15
C ALA K 196 -16.80 7.67 42.53
N TYR K 197 -16.86 6.34 42.62
CA TYR K 197 -17.88 5.60 41.91
C TYR K 197 -18.61 4.52 42.72
N TYR K 198 -18.16 4.22 43.95
CA TYR K 198 -18.68 3.02 44.65
C TYR K 198 -20.16 3.14 45.01
N LYS K 199 -20.62 4.34 45.31
CA LYS K 199 -22.03 4.52 45.65
C LYS K 199 -22.96 4.15 44.48
N ASP K 200 -22.58 4.54 43.27
CA ASP K 200 -23.41 4.35 42.08
C ASP K 200 -23.06 3.13 41.24
N PHE K 201 -21.80 2.69 41.28
CA PHE K 201 -21.33 1.62 40.40
C PHE K 201 -20.75 0.42 41.15
N GLU K 202 -20.66 0.54 42.48
CA GLU K 202 -20.06 -0.49 43.32
C GLU K 202 -18.69 -0.86 42.73
N ASN K 203 -18.39 -2.13 42.54
CA ASN K 203 -17.09 -2.54 41.96
C ASN K 203 -16.89 -2.23 40.46
N ARG K 204 -17.93 -1.78 39.76
CA ARG K 204 -17.87 -1.69 38.31
C ARG K 204 -17.20 -0.42 37.81
N ARG K 205 -15.89 -0.31 38.04
CA ARG K 205 -15.10 0.86 37.63
C ARG K 205 -15.12 1.08 36.10
N ALA K 206 -15.10 -0.03 35.34
CA ALA K 206 -15.14 0.09 33.87
C ALA K 206 -16.43 0.73 33.39
N ASP K 207 -17.58 0.37 33.99
CA ASP K 207 -18.87 0.96 33.62
C ASP K 207 -18.91 2.44 33.97
N TYR K 208 -18.45 2.76 35.19
CA TYR K 208 -18.27 4.17 35.57
C TYR K 208 -17.52 4.98 34.51
N LEU K 209 -16.35 4.50 34.10
CA LEU K 209 -15.54 5.24 33.12
C LEU K 209 -16.17 5.34 31.71
N LYS K 210 -16.89 4.28 31.30
CA LYS K 210 -17.55 4.29 29.99
C LYS K 210 -18.67 5.32 30.03
N GLU K 211 -19.41 5.35 31.14
CA GLU K 211 -20.54 6.27 31.26
C GLU K 211 -20.12 7.71 31.56
N LEU K 212 -18.92 7.89 32.13
CA LEU K 212 -18.43 9.21 32.53
C LEU K 212 -18.48 10.23 31.40
N TRP K 213 -18.25 9.74 30.18
CA TRP K 213 -18.22 10.60 28.99
C TRP K 213 -19.45 11.44 28.83
N GLN K 214 -20.59 10.91 29.29
CA GLN K 214 -21.86 11.59 29.15
C GLN K 214 -21.97 12.89 29.93
N ILE K 215 -21.11 13.06 30.93
CA ILE K 215 -21.15 14.28 31.73
C ILE K 215 -19.89 15.12 31.64
N VAL K 216 -19.02 14.82 30.68
CA VAL K 216 -17.82 15.62 30.45
C VAL K 216 -18.14 16.96 29.80
N ASP K 217 -17.72 18.05 30.45
CA ASP K 217 -17.78 19.41 29.90
C ASP K 217 -16.60 19.59 28.96
N TRP K 218 -16.78 19.20 27.69
CA TRP K 218 -15.71 19.32 26.70
C TRP K 218 -15.30 20.74 26.39
N GLU K 219 -16.19 21.69 26.59
CA GLU K 219 -15.85 23.10 26.36
C GLU K 219 -14.77 23.53 27.33
N PHE K 220 -14.93 23.15 28.60
CA PHE K 220 -13.92 23.44 29.59
C PHE K 220 -12.60 22.74 29.22
N VAL K 221 -12.68 21.46 28.86
CA VAL K 221 -11.50 20.70 28.43
C VAL K 221 -10.80 21.39 27.25
N CYS K 222 -11.60 21.86 26.29
CA CYS K 222 -11.05 22.56 25.11
C CYS K 222 -10.34 23.86 25.51
N HIS K 223 -10.96 24.63 26.39
CA HIS K 223 -10.34 25.88 26.87
C HIS K 223 -9.05 25.62 27.60
N MET K 224 -8.99 24.51 28.36
CA MET K 224 -7.73 24.10 29.00
C MET K 224 -6.65 23.73 27.97
N TYR K 225 -7.03 23.01 26.91
CA TYR K 225 -6.11 22.67 25.81
C TYR K 225 -5.52 23.92 25.13
N GLU K 226 -6.41 24.84 24.77
CA GLU K 226 -6.02 26.09 24.09
C GLU K 226 -4.98 26.86 24.91
N ARG K 227 -5.25 27.02 26.20
CA ARG K 227 -4.32 27.68 27.12
C ARG K 227 -2.98 26.95 27.24
N ALA K 228 -3.01 25.63 27.40
CA ALA K 228 -1.80 24.84 27.60
C ALA K 228 -0.90 24.82 26.39
N THR K 229 -1.46 25.03 25.20
CA THR K 229 -0.71 25.03 23.95
C THR K 229 -0.55 26.40 23.31
N LYS K 230 -0.84 27.47 24.05
CA LYS K 230 -0.72 28.85 23.55
C LYS K 230 0.74 29.18 23.38
N CYS L 22 10.56 -22.43 53.86
CA CYS L 22 10.54 -21.33 54.87
C CYS L 22 9.14 -21.15 55.48
N TYR L 23 8.94 -20.05 56.21
CA TYR L 23 7.70 -19.83 56.93
C TYR L 23 6.56 -19.40 56.00
N HIS L 24 5.39 -20.02 56.20
CA HIS L 24 4.20 -19.71 55.40
C HIS L 24 3.06 -19.51 56.31
N THR L 25 2.34 -18.42 56.10
CA THR L 25 1.19 -18.10 56.93
C THR L 25 0.00 -18.99 56.57
N LEU L 26 -0.19 -19.21 55.27
CA LEU L 26 -1.27 -20.05 54.77
C LEU L 26 -0.71 -21.17 53.88
N PRO L 27 -0.12 -22.23 54.51
CA PRO L 27 0.56 -23.27 53.73
C PRO L 27 -0.38 -24.07 52.82
N HIS L 28 -1.70 -23.96 53.03
CA HIS L 28 -2.67 -24.60 52.13
C HIS L 28 -3.24 -23.70 51.06
N LEU L 29 -2.94 -22.39 51.12
CA LEU L 29 -3.39 -21.50 50.04
C LEU L 29 -2.40 -21.61 48.88
N ARG L 30 -2.81 -22.28 47.81
CA ARG L 30 -1.89 -22.70 46.74
C ARG L 30 -2.37 -22.33 45.34
N TYR L 31 -1.50 -22.51 44.35
CA TYR L 31 -1.81 -22.26 42.96
C TYR L 31 -2.03 -23.61 42.23
N PRO L 32 -3.00 -23.68 41.27
CA PRO L 32 -3.99 -22.69 40.82
C PRO L 32 -4.86 -22.20 41.96
N ALA L 33 -5.13 -20.90 41.97
CA ALA L 33 -5.86 -20.24 43.03
C ALA L 33 -7.34 -20.60 43.00
N GLU L 34 -7.94 -20.60 44.18
CA GLU L 34 -9.37 -20.81 44.35
C GLU L 34 -9.86 -19.85 45.40
N LEU L 35 -11.05 -19.29 45.23
CA LEU L 35 -11.70 -18.57 46.33
C LEU L 35 -11.76 -19.50 47.53
N PRO L 36 -11.35 -18.99 48.70
CA PRO L 36 -11.38 -19.87 49.87
C PRO L 36 -12.80 -20.13 50.35
N THR L 37 -13.01 -21.28 50.97
CA THR L 37 -14.25 -21.52 51.70
C THR L 37 -14.21 -20.71 52.97
N LEU L 38 -15.27 -19.94 53.20
CA LEU L 38 -15.38 -19.13 54.38
C LEU L 38 -15.79 -20.00 55.57
N GLY L 39 -15.36 -19.61 56.77
CA GLY L 39 -15.73 -20.32 58.00
C GLY L 39 -17.17 -20.09 58.41
N PHE L 40 -17.91 -19.35 57.60
CA PHE L 40 -19.31 -19.00 57.87
C PHE L 40 -20.05 -18.93 56.55
N ASN L 41 -21.36 -18.72 56.62
CA ASN L 41 -22.18 -18.55 55.44
C ASN L 41 -21.99 -17.18 54.76
N TYR L 42 -21.33 -17.17 53.59
CA TYR L 42 -21.12 -15.96 52.75
C TYR L 42 -22.35 -15.10 52.58
N LYS L 43 -23.51 -15.73 52.46
CA LYS L 43 -24.75 -15.03 52.15
C LYS L 43 -25.27 -14.18 53.33
N ASP L 44 -24.78 -14.44 54.54
CA ASP L 44 -25.26 -13.74 55.73
C ASP L 44 -24.45 -12.49 56.12
N GLY L 45 -23.47 -12.13 55.30
CA GLY L 45 -22.53 -11.07 55.66
C GLY L 45 -21.69 -11.52 56.85
N ILE L 46 -21.14 -10.58 57.60
CA ILE L 46 -20.49 -10.93 58.88
C ILE L 46 -21.05 -10.04 59.98
N GLN L 47 -22.11 -10.52 60.61
CA GLN L 47 -22.85 -9.76 61.63
C GLN L 47 -21.99 -9.56 62.87
N PRO L 48 -22.11 -8.39 63.54
CA PRO L 48 -23.05 -7.31 63.22
C PRO L 48 -22.45 -6.16 62.41
N VAL L 49 -21.30 -6.38 61.76
CA VAL L 49 -20.50 -5.32 61.12
C VAL L 49 -20.64 -5.25 59.60
N MET L 50 -20.58 -6.39 58.91
CA MET L 50 -20.65 -6.40 57.43
C MET L 50 -21.98 -6.94 56.90
N SER L 51 -22.66 -6.12 56.11
CA SER L 51 -23.91 -6.51 55.46
C SER L 51 -23.67 -7.66 54.47
N PRO L 52 -24.72 -8.42 54.11
CA PRO L 52 -24.58 -9.40 53.05
C PRO L 52 -24.11 -8.79 51.73
N ARG L 53 -24.65 -7.64 51.35
CA ARG L 53 -24.25 -7.04 50.07
C ARG L 53 -22.79 -6.59 50.08
N GLN L 54 -22.35 -6.03 51.21
CA GLN L 54 -20.97 -5.63 51.37
C GLN L 54 -20.03 -6.83 51.20
N LEU L 55 -20.38 -7.96 51.83
CA LEU L 55 -19.54 -9.16 51.73
C LEU L 55 -19.61 -9.78 50.34
N GLU L 56 -20.80 -9.79 49.77
CA GLU L 56 -21.00 -10.31 48.42
C GLU L 56 -20.08 -9.60 47.42
N LEU L 57 -20.09 -8.27 47.43
CA LEU L 57 -19.21 -7.50 46.55
C LEU L 57 -17.76 -7.84 46.84
N HIS L 58 -17.38 -7.82 48.10
CA HIS L 58 -15.98 -7.97 48.48
C HIS L 58 -15.42 -9.34 48.17
N TYR L 59 -16.22 -10.37 48.46
CA TYR L 59 -15.81 -11.75 48.27
C TYR L 59 -16.10 -12.27 46.85
N SER L 60 -17.35 -12.14 46.41
CA SER L 60 -17.74 -12.68 45.08
C SER L 60 -17.34 -11.84 43.88
N LYS L 61 -17.07 -10.56 44.08
CA LYS L 61 -16.61 -9.71 42.96
C LYS L 61 -15.13 -9.38 43.07
N HIS L 62 -14.71 -8.68 44.14
CA HIS L 62 -13.32 -8.22 44.23
C HIS L 62 -12.36 -9.37 44.36
N HIS L 63 -12.54 -10.20 45.38
CA HIS L 63 -11.62 -11.31 45.63
C HIS L 63 -11.67 -12.29 44.49
N SER L 64 -12.88 -12.60 44.04
CA SER L 64 -13.06 -13.50 42.90
C SER L 64 -12.23 -13.08 41.67
N ALA L 65 -12.17 -11.76 41.39
CA ALA L 65 -11.47 -11.28 40.18
C ALA L 65 -9.97 -11.45 40.33
N TYR L 66 -9.44 -11.29 41.56
CA TYR L 66 -8.02 -11.54 41.75
C TYR L 66 -7.65 -13.02 41.50
N VAL L 67 -8.48 -13.92 42.01
CA VAL L 67 -8.25 -15.36 41.83
C VAL L 67 -8.23 -15.72 40.34
N ASP L 68 -9.28 -15.29 39.63
CA ASP L 68 -9.44 -15.64 38.21
C ASP L 68 -8.34 -15.05 37.35
N LYS L 69 -8.04 -13.76 37.54
CA LYS L 69 -6.97 -13.12 36.79
C LYS L 69 -5.60 -13.74 37.08
N LEU L 70 -5.32 -14.07 38.35
CA LEU L 70 -4.08 -14.78 38.70
C LEU L 70 -3.95 -16.12 37.94
N ASN L 71 -5.07 -16.82 37.78
CA ASN L 71 -5.06 -18.10 37.04
C ASN L 71 -4.75 -17.98 35.55
N THR L 72 -4.82 -16.77 35.01
CA THR L 72 -4.39 -16.53 33.64
C THR L 72 -2.89 -16.19 33.55
N LEU L 73 -2.23 -16.05 34.69
CA LEU L 73 -0.87 -15.48 34.74
C LEU L 73 0.26 -16.36 35.29
N GLY L 74 -0.07 -17.38 36.07
CA GLY L 74 0.92 -18.03 36.90
C GLY L 74 1.35 -19.42 36.48
N LYS L 75 1.35 -19.67 35.17
CA LYS L 75 1.83 -20.92 34.60
C LYS L 75 3.26 -21.18 35.08
N GLY L 76 3.53 -22.41 35.52
CA GLY L 76 4.82 -22.76 36.11
C GLY L 76 4.79 -22.90 37.63
N TYR L 77 3.88 -22.19 38.30
CA TYR L 77 3.77 -22.24 39.76
C TYR L 77 2.78 -23.29 40.28
N GLU L 78 2.39 -24.23 39.43
CA GLU L 78 1.49 -25.32 39.82
C GLU L 78 2.10 -26.04 41.01
N GLY L 79 1.30 -26.16 42.07
CA GLY L 79 1.70 -26.88 43.28
C GLY L 79 2.31 -26.01 44.36
N LYS L 80 2.77 -24.81 43.99
CA LYS L 80 3.42 -23.92 44.94
C LYS L 80 2.40 -23.07 45.69
N THR L 81 2.79 -22.59 46.87
CA THR L 81 1.95 -21.72 47.69
C THR L 81 1.83 -20.33 47.05
N ILE L 82 0.74 -19.64 47.36
CA ILE L 82 0.53 -18.26 46.88
C ILE L 82 1.67 -17.35 47.40
N GLU L 83 2.12 -17.61 48.62
CA GLU L 83 3.23 -16.85 49.21
C GLU L 83 4.56 -16.95 48.45
N GLU L 84 4.88 -18.16 47.98
CA GLU L 84 6.02 -18.35 47.08
C GLU L 84 5.93 -17.43 45.86
N ILE L 85 4.76 -17.37 45.23
CA ILE L 85 4.55 -16.48 44.07
C ILE L 85 4.82 -15.02 44.45
N ILE L 86 4.30 -14.60 45.59
CA ILE L 86 4.49 -13.23 46.09
C ILE L 86 5.99 -12.90 46.26
N LEU L 87 6.74 -13.80 46.90
CA LEU L 87 8.19 -13.61 47.11
C LEU L 87 8.98 -13.60 45.81
N ALA L 88 8.60 -14.50 44.89
CA ALA L 88 9.24 -14.56 43.56
C ALA L 88 8.97 -13.30 42.71
N THR L 89 7.81 -12.67 42.89
CA THR L 89 7.38 -11.55 42.03
C THR L 89 7.62 -10.17 42.62
N THR L 90 7.82 -10.08 43.93
CA THR L 90 8.02 -8.80 44.59
C THR L 90 9.23 -8.05 44.01
N GLY L 91 9.05 -6.77 43.70
CA GLY L 91 10.15 -5.94 43.20
C GLY L 91 10.51 -6.05 41.73
N ILE L 92 9.90 -7.00 41.01
CA ILE L 92 10.11 -7.12 39.57
C ILE L 92 8.99 -6.37 38.82
N ASN L 93 9.31 -5.21 38.27
CA ASN L 93 8.32 -4.35 37.61
C ASN L 93 7.63 -5.06 36.42
N GLU L 94 8.39 -5.86 35.67
CA GLU L 94 7.85 -6.72 34.61
C GLU L 94 6.80 -7.73 35.10
N SER L 95 6.75 -7.96 36.42
CA SER L 95 5.83 -8.94 37.03
C SER L 95 4.80 -8.33 37.99
N LYS L 96 4.65 -7.00 37.96
CA LYS L 96 3.81 -6.29 38.90
C LYS L 96 2.34 -6.72 38.86
N VAL L 97 1.81 -6.94 37.67
CA VAL L 97 0.41 -7.35 37.56
C VAL L 97 0.20 -8.66 38.31
N MET L 98 1.08 -9.63 38.10
CA MET L 98 0.94 -10.93 38.75
C MET L 98 1.14 -10.82 40.25
N PHE L 99 2.14 -10.05 40.69
CA PHE L 99 2.33 -9.79 42.11
C PHE L 99 1.03 -9.24 42.71
N ASN L 100 0.43 -8.25 42.05
CA ASN L 100 -0.76 -7.61 42.61
C ASN L 100 -1.90 -8.61 42.82
N GLN L 101 -2.15 -9.48 41.84
CA GLN L 101 -3.21 -10.50 41.95
C GLN L 101 -2.88 -11.48 43.06
N ALA L 102 -1.64 -11.94 43.11
CA ALA L 102 -1.20 -12.94 44.09
C ALA L 102 -1.23 -12.38 45.53
N ALA L 103 -0.64 -11.21 45.72
CA ALA L 103 -0.64 -10.54 47.01
C ALA L 103 -2.07 -10.25 47.47
N GLN L 104 -2.91 -9.71 46.57
CA GLN L 104 -4.31 -9.45 46.93
C GLN L 104 -5.06 -10.73 47.32
N HIS L 105 -4.77 -11.84 46.62
CA HIS L 105 -5.40 -13.13 46.91
C HIS L 105 -5.03 -13.57 48.31
N PHE L 106 -3.74 -13.55 48.60
CA PHE L 106 -3.27 -13.82 49.97
C PHE L 106 -3.92 -12.92 51.02
N ASN L 107 -3.88 -11.60 50.78
CA ASN L 107 -4.35 -10.64 51.75
C ASN L 107 -5.82 -10.84 52.10
N HIS L 108 -6.65 -11.03 51.09
CA HIS L 108 -8.08 -11.29 51.29
C HIS L 108 -8.34 -12.62 51.97
N SER L 109 -7.62 -13.67 51.55
CA SER L 109 -7.78 -14.99 52.16
C SER L 109 -7.43 -14.92 53.66
N PHE L 110 -6.35 -14.22 53.99
CA PHE L 110 -5.96 -14.02 55.39
C PHE L 110 -7.02 -13.21 56.16
N PHE L 111 -7.50 -12.14 55.54
CA PHE L 111 -8.55 -11.28 56.10
C PHE L 111 -9.80 -12.09 56.49
N TRP L 112 -10.29 -12.96 55.59
CA TRP L 112 -11.48 -13.79 55.91
C TRP L 112 -11.26 -14.70 57.10
N LYS L 113 -10.06 -15.23 57.25
CA LYS L 113 -9.71 -16.03 58.43
C LYS L 113 -9.74 -15.22 59.74
N CYS L 114 -9.44 -13.92 59.62
CA CYS L 114 -9.39 -13.02 60.79
C CYS L 114 -10.76 -12.69 61.33
N LEU L 115 -11.80 -13.09 60.62
CA LEU L 115 -13.16 -12.63 60.88
C LEU L 115 -14.14 -13.77 61.11
N SER L 116 -15.18 -13.47 61.90
CA SER L 116 -16.23 -14.45 62.20
C SER L 116 -17.45 -13.69 62.73
N PRO L 117 -18.68 -14.13 62.37
CA PRO L 117 -19.89 -13.46 62.88
C PRO L 117 -19.87 -13.40 64.41
N GLY L 118 -19.99 -12.20 64.96
CA GLY L 118 -19.94 -12.03 66.41
C GLY L 118 -18.54 -12.13 67.02
N GLY L 119 -17.54 -12.44 66.20
CA GLY L 119 -16.15 -12.52 66.65
C GLY L 119 -15.85 -13.77 67.47
N LYS L 120 -14.64 -13.82 68.03
CA LYS L 120 -14.29 -14.81 69.03
C LYS L 120 -13.43 -14.12 70.05
N PRO L 121 -13.71 -14.33 71.35
CA PRO L 121 -12.97 -13.48 72.27
C PRO L 121 -11.47 -13.78 72.31
N MET L 122 -10.69 -12.78 72.70
CA MET L 122 -9.24 -12.87 72.76
C MET L 122 -8.72 -13.82 73.86
N PRO L 123 -7.95 -14.85 73.47
CA PRO L 123 -7.32 -15.72 74.48
C PRO L 123 -6.27 -14.97 75.31
N LYS L 124 -6.06 -15.43 76.55
CA LYS L 124 -5.19 -14.75 77.50
C LYS L 124 -3.74 -14.67 76.98
N THR L 125 -3.30 -15.72 76.28
CA THR L 125 -1.98 -15.74 75.65
C THR L 125 -1.79 -14.52 74.75
N LEU L 126 -2.80 -14.26 73.92
CA LEU L 126 -2.70 -13.16 72.97
C LEU L 126 -2.83 -11.84 73.70
N GLU L 127 -3.77 -11.78 74.64
CA GLU L 127 -3.99 -10.58 75.45
C GLU L 127 -2.71 -10.15 76.15
N ASN L 128 -2.01 -11.10 76.76
CA ASN L 128 -0.75 -10.82 77.47
C ASN L 128 0.33 -10.26 76.55
N ALA L 129 0.47 -10.85 75.37
CA ALA L 129 1.49 -10.45 74.42
C ALA L 129 1.22 -9.04 73.89
N ILE L 130 -0.04 -8.74 73.60
CA ILE L 130 -0.44 -7.42 73.11
C ILE L 130 -0.20 -6.35 74.19
N ALA L 131 -0.63 -6.66 75.42
CA ALA L 131 -0.49 -5.74 76.55
C ALA L 131 0.99 -5.45 76.83
N LYS L 132 1.84 -6.48 76.76
CA LYS L 132 3.29 -6.27 76.94
C LYS L 132 3.86 -5.29 75.92
N GLN L 133 3.48 -5.47 74.67
CA GLN L 133 4.05 -4.68 73.61
C GLN L 133 3.50 -3.26 73.59
N PHE L 134 2.19 -3.13 73.74
CA PHE L 134 1.53 -1.87 73.47
C PHE L 134 1.03 -1.16 74.72
N GLY L 135 1.35 -1.72 75.89
CA GLY L 135 0.84 -1.19 77.16
C GLY L 135 -0.49 -1.79 77.56
N SER L 136 -1.42 -1.88 76.62
CA SER L 136 -2.74 -2.49 76.84
C SER L 136 -3.37 -2.89 75.52
N VAL L 137 -4.40 -3.73 75.59
CA VAL L 137 -5.15 -4.07 74.38
C VAL L 137 -5.87 -2.83 73.85
N ASP L 138 -6.41 -2.02 74.76
CA ASP L 138 -7.14 -0.81 74.36
C ASP L 138 -6.21 0.15 73.63
N ASP L 139 -4.99 0.31 74.15
CA ASP L 139 -4.01 1.17 73.47
C ASP L 139 -3.50 0.61 72.13
N PHE L 140 -3.30 -0.70 72.04
CA PHE L 140 -3.08 -1.33 70.74
C PHE L 140 -4.19 -0.99 69.73
N MET L 141 -5.45 -1.08 70.16
CA MET L 141 -6.57 -0.91 69.24
C MET L 141 -6.65 0.53 68.74
N VAL L 142 -6.34 1.49 69.62
CA VAL L 142 -6.30 2.89 69.19
C VAL L 142 -5.16 3.09 68.18
N SER L 143 -3.98 2.59 68.48
CA SER L 143 -2.87 2.72 67.54
C SER L 143 -3.19 2.08 66.18
N PHE L 144 -3.77 0.89 66.23
CA PHE L 144 -4.13 0.17 65.01
C PHE L 144 -5.14 0.98 64.18
N GLN L 145 -6.23 1.42 64.81
CA GLN L 145 -7.21 2.27 64.16
C GLN L 145 -6.58 3.50 63.53
N GLN L 146 -5.71 4.19 64.27
CA GLN L 146 -5.07 5.39 63.73
C GLN L 146 -4.13 5.09 62.54
N ALA L 147 -3.41 3.97 62.61
CA ALA L 147 -2.58 3.53 61.47
C ALA L 147 -3.47 3.30 60.23
N GLY L 148 -4.64 2.73 60.44
CA GLY L 148 -5.57 2.44 59.35
C GLY L 148 -6.18 3.70 58.73
N VAL L 149 -6.65 4.59 59.61
CA VAL L 149 -7.23 5.87 59.20
C VAL L 149 -6.25 6.67 58.37
N ASN L 150 -4.99 6.65 58.80
CA ASN L 150 -3.97 7.46 58.17
C ASN L 150 -3.20 6.80 57.05
N ASN L 151 -3.58 5.56 56.70
CA ASN L 151 -3.03 4.84 55.55
C ASN L 151 -3.62 5.46 54.26
N PHE L 152 -2.89 6.39 53.67
CA PHE L 152 -3.45 7.21 52.59
C PHE L 152 -3.70 6.40 51.32
N GLY L 153 -4.92 6.44 50.80
CA GLY L 153 -5.25 5.70 49.58
C GLY L 153 -5.71 4.29 49.94
N SER L 154 -5.45 3.34 49.06
CA SER L 154 -5.80 1.93 49.30
C SER L 154 -4.69 1.19 50.05
N GLY L 155 -5.06 0.25 50.91
CA GLY L 155 -4.07 -0.61 51.53
C GLY L 155 -4.57 -1.48 52.65
N TRP L 156 -3.62 -1.90 53.50
CA TRP L 156 -3.84 -2.86 54.58
C TRP L 156 -3.09 -2.42 55.77
N THR L 157 -3.71 -2.61 56.94
CA THR L 157 -3.06 -2.34 58.22
C THR L 157 -2.92 -3.69 58.93
N TRP L 158 -1.72 -3.96 59.44
CA TRP L 158 -1.34 -5.29 59.93
C TRP L 158 -0.87 -5.24 61.33
N LEU L 159 -1.11 -6.32 62.05
CA LEU L 159 -0.38 -6.62 63.27
C LEU L 159 0.52 -7.80 62.93
N CYS L 160 1.82 -7.63 63.16
CA CYS L 160 2.84 -8.59 62.71
C CYS L 160 3.77 -9.00 63.84
N VAL L 161 4.32 -10.21 63.71
CA VAL L 161 5.40 -10.66 64.57
C VAL L 161 6.70 -10.45 63.80
N ASP L 162 7.68 -9.82 64.44
CA ASP L 162 9.01 -9.72 63.86
C ASP L 162 9.83 -10.93 64.30
N PRO L 163 10.02 -11.91 63.38
CA PRO L 163 10.64 -13.19 63.80
C PRO L 163 12.05 -13.09 64.40
N GLN L 164 12.79 -12.03 64.09
CA GLN L 164 14.16 -11.88 64.60
C GLN L 164 14.16 -11.50 66.09
N THR L 165 13.19 -10.68 66.48
CA THR L 165 13.11 -10.19 67.86
C THR L 165 11.92 -10.74 68.63
N LYS L 166 10.97 -11.40 67.94
CA LYS L 166 9.74 -11.91 68.55
C LYS L 166 8.78 -10.79 69.01
N GLU L 167 9.04 -9.56 68.58
CA GLU L 167 8.18 -8.45 68.94
C GLU L 167 6.96 -8.33 68.05
N LEU L 168 5.93 -7.67 68.56
CA LEU L 168 4.76 -7.33 67.76
C LEU L 168 4.92 -5.91 67.24
N LEU L 169 4.45 -5.68 66.01
CA LEU L 169 4.51 -4.39 65.36
C LEU L 169 3.21 -4.13 64.63
N ILE L 170 2.76 -2.88 64.62
CA ILE L 170 1.75 -2.46 63.65
C ILE L 170 2.44 -1.97 62.39
N ASP L 171 1.98 -2.47 61.24
CA ASP L 171 2.58 -2.14 59.96
C ASP L 171 1.48 -1.77 58.99
N SER L 172 1.68 -0.73 58.19
CA SER L 172 0.74 -0.42 57.11
C SER L 172 1.37 -0.64 55.75
N THR L 173 0.60 -1.21 54.83
CA THR L 173 1.07 -1.35 53.46
C THR L 173 0.13 -0.62 52.50
N SER L 174 0.67 -0.24 51.34
CA SER L 174 -0.08 0.43 50.29
C SER L 174 -0.50 -0.58 49.22
N ASN L 175 -1.72 -0.44 48.72
CA ASN L 175 -2.20 -1.24 47.60
C ASN L 175 -2.19 -2.77 47.91
N ALA L 176 -1.38 -3.56 47.20
CA ALA L 176 -1.32 -5.01 47.44
C ALA L 176 -0.16 -5.41 48.36
N GLY L 177 0.55 -4.42 48.88
CA GLY L 177 1.70 -4.64 49.78
C GLY L 177 1.46 -5.67 50.87
N CYS L 178 2.46 -6.52 51.06
CA CYS L 178 2.32 -7.72 51.86
C CYS L 178 3.53 -7.86 52.79
N PRO L 179 3.30 -7.91 54.12
CA PRO L 179 4.44 -7.87 55.04
C PRO L 179 5.43 -9.04 54.91
N LEU L 180 4.99 -10.16 54.35
CA LEU L 180 5.93 -11.27 54.13
C LEU L 180 7.14 -10.86 53.27
N THR L 181 6.95 -9.85 52.41
CA THR L 181 8.05 -9.36 51.56
C THR L 181 9.16 -8.63 52.33
N SER L 182 8.88 -8.22 53.57
CA SER L 182 9.96 -7.70 54.44
C SER L 182 10.42 -8.71 55.49
N GLY L 183 9.82 -9.90 55.48
CA GLY L 183 10.15 -10.93 56.46
C GLY L 183 9.32 -10.87 57.74
N LEU L 184 8.27 -10.05 57.76
CA LEU L 184 7.35 -9.98 58.89
C LEU L 184 6.32 -11.11 58.80
N ARG L 185 5.79 -11.53 59.96
CA ARG L 185 4.79 -12.59 60.00
C ARG L 185 3.44 -12.05 60.48
N PRO L 186 2.48 -11.87 59.55
CA PRO L 186 1.20 -11.28 59.95
C PRO L 186 0.36 -12.19 60.84
N ILE L 187 -0.35 -11.57 61.79
CA ILE L 187 -1.28 -12.32 62.65
C ILE L 187 -2.68 -11.76 62.58
N PHE L 188 -2.81 -10.50 62.12
CA PHE L 188 -4.11 -9.89 61.91
C PHE L 188 -3.99 -8.80 60.87
N THR L 189 -5.05 -8.62 60.07
CA THR L 189 -5.10 -7.52 59.12
C THR L 189 -6.49 -6.87 59.03
N ALA L 190 -6.49 -5.59 58.67
CA ALA L 190 -7.69 -4.89 58.27
C ALA L 190 -7.46 -4.32 56.86
N ASP L 191 -8.33 -4.69 55.93
CA ASP L 191 -8.38 -4.11 54.58
C ASP L 191 -8.85 -2.67 54.66
N VAL L 192 -8.06 -1.71 54.17
CA VAL L 192 -8.54 -0.32 54.11
C VAL L 192 -8.60 0.25 52.69
N TRP L 193 -8.66 -0.64 51.70
CA TRP L 193 -9.20 -0.23 50.40
C TRP L 193 -10.59 0.23 50.68
N GLU L 194 -10.99 1.30 50.01
CA GLU L 194 -12.30 1.85 50.22
C GLU L 194 -13.42 0.86 49.92
N HIS L 195 -13.23 -0.04 48.95
CA HIS L 195 -14.23 -1.10 48.72
C HIS L 195 -14.51 -1.99 49.90
N ALA L 196 -13.63 -2.02 50.89
CA ALA L 196 -13.83 -2.93 52.03
C ALA L 196 -14.98 -2.46 52.91
N TYR L 197 -15.27 -1.16 52.89
CA TYR L 197 -16.26 -0.57 53.82
C TYR L 197 -17.29 0.38 53.18
N TYR L 198 -17.08 0.75 51.92
CA TYR L 198 -17.87 1.85 51.34
C TYR L 198 -19.38 1.56 51.25
N LYS L 199 -19.74 0.29 51.07
CA LYS L 199 -21.17 -0.07 51.03
C LYS L 199 -21.87 0.17 52.35
N ASP L 200 -21.24 -0.28 53.44
CA ASP L 200 -21.79 -0.20 54.79
C ASP L 200 -21.50 1.11 55.53
N PHE L 201 -20.35 1.73 55.21
CA PHE L 201 -19.87 2.88 56.00
C PHE L 201 -19.65 4.15 55.20
N GLU L 202 -19.83 4.07 53.89
CA GLU L 202 -19.47 5.15 52.98
C GLU L 202 -18.07 5.68 53.27
N ASN L 203 -17.92 7.00 53.44
CA ASN L 203 -16.62 7.59 53.74
C ASN L 203 -16.09 7.34 55.16
N ARG L 204 -16.86 6.68 56.02
CA ARG L 204 -16.51 6.64 57.43
C ARG L 204 -15.55 5.51 57.82
N ARG L 205 -14.31 5.58 57.31
CA ARG L 205 -13.32 4.52 57.53
C ARG L 205 -13.02 4.36 59.03
N ALA L 206 -12.99 5.48 59.76
CA ALA L 206 -12.78 5.43 61.21
C ALA L 206 -13.86 4.62 61.93
N ASP L 207 -15.12 4.82 61.57
CA ASP L 207 -16.22 4.04 62.17
C ASP L 207 -16.08 2.55 61.82
N TYR L 208 -15.75 2.26 60.56
CA TYR L 208 -15.45 0.88 60.13
C TYR L 208 -14.38 0.21 60.99
N LEU L 209 -13.27 0.89 61.21
CA LEU L 209 -12.17 0.27 61.93
C LEU L 209 -12.50 0.08 63.42
N LYS L 210 -13.28 1.00 63.98
CA LYS L 210 -13.74 0.93 65.37
C LYS L 210 -14.69 -0.26 65.53
N GLU L 211 -15.63 -0.43 64.61
CA GLU L 211 -16.58 -1.56 64.67
C GLU L 211 -15.98 -2.94 64.34
N LEU L 212 -14.95 -2.94 63.50
CA LEU L 212 -14.33 -4.16 62.99
C LEU L 212 -13.99 -5.14 64.12
N TRP L 213 -13.51 -4.60 65.23
CA TRP L 213 -13.23 -5.39 66.44
C TRP L 213 -14.29 -6.38 66.83
N GLN L 214 -15.55 -6.03 66.63
CA GLN L 214 -16.67 -6.92 67.01
C GLN L 214 -16.74 -8.23 66.21
N ILE L 215 -16.11 -8.27 65.04
CA ILE L 215 -16.09 -9.51 64.25
C ILE L 215 -14.71 -10.14 64.11
N VAL L 216 -13.73 -9.71 64.92
CA VAL L 216 -12.41 -10.33 64.85
C VAL L 216 -12.44 -11.71 65.52
N ASP L 217 -11.95 -12.72 64.80
CA ASP L 217 -11.71 -14.06 65.35
C ASP L 217 -10.33 -14.06 66.01
N TRP L 218 -10.30 -13.71 67.29
CA TRP L 218 -9.03 -13.61 68.01
C TRP L 218 -8.38 -14.96 68.27
N GLU L 219 -9.14 -16.03 68.16
CA GLU L 219 -8.58 -17.38 68.33
C GLU L 219 -7.65 -17.68 67.15
N PHE L 220 -8.10 -17.36 65.94
CA PHE L 220 -7.26 -17.46 64.75
C PHE L 220 -6.02 -16.58 64.91
N VAL L 221 -6.22 -15.31 65.30
CA VAL L 221 -5.09 -14.39 65.51
C VAL L 221 -4.11 -14.99 66.52
N CYS L 222 -4.65 -15.51 67.63
CA CYS L 222 -3.83 -16.12 68.67
C CYS L 222 -3.04 -17.34 68.15
N HIS L 223 -3.71 -18.22 67.40
CA HIS L 223 -2.99 -19.32 66.79
C HIS L 223 -1.93 -18.87 65.84
N MET L 224 -2.20 -17.84 65.04
CA MET L 224 -1.16 -17.29 64.15
C MET L 224 0.04 -16.79 64.94
N TYR L 225 -0.23 -16.15 66.08
CA TYR L 225 0.83 -15.62 66.94
C TYR L 225 1.67 -16.75 67.54
N GLU L 226 0.98 -17.75 68.08
CA GLU L 226 1.64 -18.90 68.70
C GLU L 226 2.56 -19.62 67.72
N ARG L 227 2.05 -19.88 66.51
CA ARG L 227 2.84 -20.54 65.48
C ARG L 227 3.96 -19.61 65.04
N ALA L 228 3.67 -18.32 64.93
CA ALA L 228 4.66 -17.36 64.47
C ALA L 228 5.79 -17.11 65.49
N THR L 229 5.51 -17.27 66.78
CA THR L 229 6.56 -17.06 67.80
C THR L 229 7.27 -18.33 68.29
N LYS L 230 6.61 -19.49 68.16
CA LYS L 230 7.16 -20.76 68.64
C LYS L 230 8.49 -21.11 67.97
FE FE2 M . 14.20 47.33 -16.96
FE FE2 N . 14.45 63.45 -8.61
FE FE2 O . -20.78 -18.36 10.59
FE FE2 P . -20.86 -34.47 2.20
FE FE2 Q . -17.77 -13.34 -52.61
FE FE2 R . -19.44 -12.67 -34.50
FE FE2 S . 33.03 43.66 43.74
FE FE2 T . 26.92 42.47 26.67
FE FE2 U . -18.15 -56.25 -34.55
FE FE2 V . -15.64 -71.39 -24.80
FE FE2 W . -12.08 11.69 44.92
FE FE2 X . -10.38 -5.78 49.62
#